data_1XMF
#
_entry.id   1XMF
#
_cell.length_a   70.820
_cell.length_b   171.679
_cell.length_c   220.275
_cell.angle_alpha   90.00
_cell.angle_beta   90.00
_cell.angle_gamma   90.00
#
_symmetry.space_group_name_H-M   'P 21 21 21'
#
loop_
_entity.id
_entity.type
_entity.pdbx_description
1 polymer 'Methane monooxygenase component A alpha chain'
2 polymer 'Methane monooxygenase component A beta chain'
3 polymer 'Methane monooxygenase component A gamma chain'
4 non-polymer 'MANGANESE (II) ION'
5 non-polymer 'CALCIUM ION'
6 water water
#
loop_
_entity_poly.entity_id
_entity_poly.type
_entity_poly.pdbx_seq_one_letter_code
_entity_poly.pdbx_strand_id
1 'polypeptide(L)'
;MALSTATKAATDALAANRAPTSVNAQEVHRWLQSFNWDFKNNRTKYATKYKMANETKEQFKLIAKEYARMEAVKDERQFG
SLQDALTRLNAGVRVHPKWNETMKVVSNFLEVGEYNAIAATGMLWDSAQAAEQKNGYLAQVLDEIRHTHQCAYVNYYFAK
NGQDPAGHNDARRTRTIGPLWKGMKRVFSDGFISGDAVECSLNLQLVGEACFTNPLIVAVTEWAAANGDEITPTVFLSIE
TDELRHMANGYQTVVSIANDPASAKYLNTDLNNAFWTQQKYFTPVLGMLFEYGSKFKVEPWVKTWDRWVYEDWGGIWIGR
LGKYGVESPRSLKDAKQDAYWAHHDLYLLAYALWPTGFFRLALPDQEEMEWFEANYPGWYDHYGKIYEEWRARGCEDPSS
GFIPLMWFIENNHPIYIDRVSQVPFCPSLAKGASTLRVHEYNGEMHTFSDQWGERMWLAEPERYECQNIFEQYEGRELSE
VIAELHGLRSDGKTLIAQPHVRGDKLWTLDDIKRLNCVFKNPVKAFN
;
A,B
2 'polypeptide(L)'
;SMLGERRRGLTDPEMAEVILKALPEAPLDGNNKMGYFVTPRWKRLTEYEALTVYAQPNADWIAGGLDWGDWTQKFHGGRP
SWGNETTELRTVDWFKHRDPLRRWHAPYVKDKAEEWRYTDRFLQGYSADGQIRAMNPTWRDEFINRYWGAFLFNEYGLFN
AHSQGAREALSDVTRVSLAFWGFDKIDIAQMIQLERGFLAKIVPGFDESTAVPKAEWTNGEVYKSARLAVEGLWQEVFDW
NESAFSVHAVYDALFGQFVRREFFQRLAPRFGDNLTPFFINQAQTYFQIAKQGVQDLYYNCLGDDPEFSDYNRTVMRNWT
GKWLEPTIAALRDFMGLFAKLPAGTTDKEEITASLYRVVDDWIEDYASRIDFKADRDQIVKAVLAGLK
;
C,D
3 'polypeptide(L)'
;AKLGIHSNDTRDAWVNKIAQLNTLEKAAEMLKQFRMDHTTPFRNSYELDNDYLWIEAKLEEKVAVLKARAFNEVDFRHKT
AFGEDAKSVLDGTVAKMNAAKDKWEAEKIHIGFRQAYKPPIMPVNYFLDGERQLGTRLMELRNLNYYDTPLEELRKQRGV
RVVHLQSPH
;
E,F
#
loop_
_chem_comp.id
_chem_comp.type
_chem_comp.name
_chem_comp.formula
CA non-polymer 'CALCIUM ION' 'Ca 2'
MN non-polymer 'MANGANESE (II) ION' 'Mn 2'
#
# COMPACT_ATOMS: atom_id res chain seq x y z
N ARG A 18 -20.24 3.93 -26.00
CA ARG A 18 -20.43 3.72 -24.53
C ARG A 18 -19.36 2.74 -24.00
N ALA A 19 -18.27 2.63 -24.76
CA ALA A 19 -17.15 1.76 -24.40
C ALA A 19 -16.27 2.44 -23.36
N PRO A 20 -15.86 1.71 -22.31
CA PRO A 20 -15.01 2.22 -21.23
C PRO A 20 -13.75 2.95 -21.70
N THR A 21 -13.63 4.22 -21.30
CA THR A 21 -12.48 5.01 -21.67
C THR A 21 -12.08 5.98 -20.57
N SER A 22 -10.80 6.31 -20.51
CA SER A 22 -10.27 7.21 -19.50
C SER A 22 -9.25 8.12 -20.19
N VAL A 23 -8.47 8.85 -19.40
CA VAL A 23 -7.46 9.73 -19.95
C VAL A 23 -6.23 9.54 -19.08
N ASN A 24 -5.08 9.32 -19.70
CA ASN A 24 -3.86 9.13 -18.91
C ASN A 24 -3.04 10.41 -18.84
N ALA A 25 -1.90 10.34 -18.16
CA ALA A 25 -1.05 11.51 -18.00
C ALA A 25 -0.46 12.09 -19.29
N GLN A 26 0.10 11.24 -20.16
CA GLN A 26 0.68 11.77 -21.39
C GLN A 26 -0.36 12.53 -22.20
N GLU A 27 -1.60 12.07 -22.15
CA GLU A 27 -2.69 12.71 -22.89
C GLU A 27 -2.98 14.10 -22.33
N VAL A 28 -2.65 14.31 -21.06
CA VAL A 28 -2.86 15.61 -20.44
C VAL A 28 -1.59 16.43 -20.60
N HIS A 29 -0.44 15.80 -20.35
CA HIS A 29 0.85 16.48 -20.45
C HIS A 29 1.10 17.11 -21.82
N ARG A 30 0.51 16.54 -22.87
CA ARG A 30 0.69 17.07 -24.23
C ARG A 30 0.29 18.55 -24.33
N TRP A 31 -0.58 19.00 -23.43
CA TRP A 31 -1.04 20.38 -23.42
C TRP A 31 -0.47 21.21 -22.28
N LEU A 32 0.45 20.63 -21.52
CA LEU A 32 1.05 21.35 -20.40
C LEU A 32 1.92 22.53 -20.82
N GLN A 33 2.65 22.37 -21.91
CA GLN A 33 3.53 23.44 -22.40
C GLN A 33 2.75 24.73 -22.68
N SER A 34 1.47 24.58 -22.96
CA SER A 34 0.61 25.72 -23.26
C SER A 34 0.08 26.44 -22.03
N PHE A 35 0.14 25.79 -20.87
CA PHE A 35 -0.37 26.34 -19.61
C PHE A 35 0.18 27.72 -19.27
N ASN A 36 1.45 27.93 -19.55
CA ASN A 36 2.06 29.22 -19.25
C ASN A 36 1.66 30.22 -20.34
N TRP A 37 1.47 31.47 -19.96
CA TRP A 37 1.11 32.51 -20.92
C TRP A 37 2.06 33.66 -20.71
N ASP A 38 2.06 34.61 -21.64
CA ASP A 38 2.98 35.73 -21.55
C ASP A 38 2.46 37.04 -20.96
N PHE A 39 3.34 37.71 -20.22
CA PHE A 39 3.05 39.01 -19.65
C PHE A 39 4.35 39.69 -19.26
N LYS A 40 4.30 41.02 -19.19
CA LYS A 40 5.48 41.84 -18.88
C LYS A 40 6.39 41.28 -17.80
N ASN A 41 5.84 41.09 -16.60
CA ASN A 41 6.64 40.58 -15.47
C ASN A 41 6.75 39.06 -15.33
N ASN A 42 6.47 38.33 -16.40
CA ASN A 42 6.58 36.88 -16.34
C ASN A 42 8.06 36.58 -16.55
N ARG A 43 8.80 36.61 -15.44
CA ARG A 43 10.24 36.37 -15.42
C ARG A 43 10.68 35.88 -14.04
N THR A 44 11.90 35.35 -13.96
CA THR A 44 12.45 34.83 -12.72
C THR A 44 12.70 35.91 -11.67
N LYS A 45 12.47 35.56 -10.42
CA LYS A 45 12.68 36.48 -9.32
C LYS A 45 14.13 36.37 -8.84
N TYR A 46 14.85 35.37 -9.34
CA TYR A 46 16.24 35.16 -8.94
C TYR A 46 17.29 35.63 -9.94
N ALA A 47 18.40 36.12 -9.38
CA ALA A 47 19.53 36.60 -10.16
C ALA A 47 20.20 35.41 -10.83
N THR A 48 20.56 35.57 -12.09
CA THR A 48 21.22 34.51 -12.84
C THR A 48 21.85 35.06 -14.11
N LYS A 49 23.04 34.58 -14.43
CA LYS A 49 23.76 35.03 -15.62
C LYS A 49 23.21 34.34 -16.87
N TYR A 50 22.45 33.27 -16.67
CA TYR A 50 21.91 32.50 -17.78
C TYR A 50 20.43 32.71 -18.05
N LYS A 51 20.05 32.56 -19.33
CA LYS A 51 18.67 32.71 -19.75
C LYS A 51 18.14 31.34 -20.19
N MET A 52 17.07 30.88 -19.56
CA MET A 52 16.49 29.58 -19.89
C MET A 52 15.40 29.69 -20.95
N ALA A 53 15.62 29.02 -22.08
CA ALA A 53 14.68 29.03 -23.20
C ALA A 53 13.32 28.51 -22.76
N ASN A 54 12.26 29.24 -23.14
CA ASN A 54 10.90 28.84 -22.75
C ASN A 54 10.29 27.79 -23.68
N GLU A 55 11.13 27.14 -24.47
CA GLU A 55 10.65 26.10 -25.38
C GLU A 55 11.10 24.71 -24.88
N THR A 56 11.92 24.71 -23.83
CA THR A 56 12.44 23.47 -23.24
C THR A 56 11.34 22.49 -22.84
N LYS A 57 11.61 21.21 -23.07
CA LYS A 57 10.65 20.15 -22.73
C LYS A 57 11.25 19.25 -21.65
N GLU A 58 10.39 18.52 -20.94
CA GLU A 58 10.86 17.61 -19.90
C GLU A 58 10.80 16.17 -20.41
N GLN A 59 11.69 15.33 -19.91
CA GLN A 59 11.76 13.94 -20.33
C GLN A 59 10.58 13.06 -19.94
N PHE A 60 9.97 13.35 -18.79
CA PHE A 60 8.84 12.54 -18.34
C PHE A 60 7.54 13.31 -18.37
N LYS A 61 6.54 12.73 -19.04
CA LYS A 61 5.22 13.34 -19.19
C LYS A 61 4.26 13.00 -18.05
N LEU A 62 4.51 13.61 -16.89
CA LEU A 62 3.72 13.35 -15.69
C LEU A 62 2.81 14.50 -15.24
N ILE A 63 1.81 14.15 -14.45
CA ILE A 63 0.90 15.10 -13.86
C ILE A 63 0.88 14.74 -12.37
N ALA A 64 0.50 15.68 -11.52
CA ALA A 64 0.49 15.45 -10.09
C ALA A 64 -0.09 14.08 -9.68
N LYS A 65 -1.26 13.75 -10.22
CA LYS A 65 -1.91 12.48 -9.93
C LYS A 65 -1.03 11.26 -10.22
N GLU A 66 -0.47 11.18 -11.44
CA GLU A 66 0.37 10.04 -11.80
C GLU A 66 1.67 10.02 -11.00
N TYR A 67 2.24 11.20 -10.74
CA TYR A 67 3.48 11.28 -9.95
C TYR A 67 3.22 10.66 -8.57
N ALA A 68 2.13 11.10 -7.94
CA ALA A 68 1.74 10.62 -6.63
C ALA A 68 1.59 9.11 -6.61
N ARG A 69 0.93 8.57 -7.63
CA ARG A 69 0.70 7.14 -7.70
C ARG A 69 1.97 6.30 -7.80
N MET A 70 2.89 6.69 -8.68
CA MET A 70 4.10 5.89 -8.84
C MET A 70 4.97 5.96 -7.59
N GLU A 71 4.87 7.06 -6.87
CA GLU A 71 5.62 7.25 -5.64
C GLU A 71 4.98 6.46 -4.50
N ALA A 72 3.65 6.40 -4.49
CA ALA A 72 2.91 5.69 -3.45
C ALA A 72 3.17 4.18 -3.51
N VAL A 73 3.26 3.66 -4.73
CA VAL A 73 3.52 2.26 -4.95
C VAL A 73 4.89 1.89 -4.36
N LYS A 74 5.85 2.80 -4.49
CA LYS A 74 7.18 2.57 -3.97
C LYS A 74 7.16 2.58 -2.44
N ASP A 75 6.36 3.49 -1.88
CA ASP A 75 6.23 3.61 -0.42
C ASP A 75 5.68 2.31 0.17
N GLU A 76 4.63 1.78 -0.46
CA GLU A 76 4.01 0.54 -0.03
C GLU A 76 5.06 -0.54 0.23
N ARG A 77 5.85 -0.83 -0.79
CA ARG A 77 6.89 -1.85 -0.68
C ARG A 77 7.89 -1.53 0.42
N GLN A 78 8.41 -0.31 0.38
CA GLN A 78 9.39 0.15 1.33
C GLN A 78 8.92 0.01 2.78
N PHE A 79 7.84 0.68 3.12
CA PHE A 79 7.33 0.63 4.48
C PHE A 79 6.81 -0.73 4.85
N GLY A 80 6.32 -1.47 3.85
CA GLY A 80 5.83 -2.80 4.10
C GLY A 80 7.00 -3.65 4.57
N SER A 81 8.12 -3.59 3.86
CA SER A 81 9.29 -4.34 4.24
C SER A 81 9.76 -3.93 5.63
N LEU A 82 9.87 -2.62 5.86
CA LEU A 82 10.34 -2.11 7.14
C LEU A 82 9.49 -2.49 8.34
N GLN A 83 8.20 -2.18 8.28
CA GLN A 83 7.31 -2.45 9.40
C GLN A 83 7.02 -3.92 9.63
N ASP A 84 7.11 -4.74 8.57
CA ASP A 84 6.80 -6.16 8.69
C ASP A 84 7.98 -7.13 8.81
N ALA A 85 8.40 -7.69 7.68
CA ALA A 85 9.47 -8.67 7.67
C ALA A 85 10.79 -8.22 8.34
N LEU A 86 11.27 -7.03 7.99
CA LEU A 86 12.51 -6.53 8.56
C LEU A 86 12.41 -6.38 10.07
N THR A 87 11.26 -5.92 10.56
CA THR A 87 11.08 -5.77 11.98
C THR A 87 11.06 -7.14 12.66
N ARG A 88 10.45 -8.12 12.00
CA ARG A 88 10.37 -9.47 12.53
C ARG A 88 11.74 -10.14 12.57
N LEU A 89 12.59 -9.77 11.63
CA LEU A 89 13.94 -10.32 11.55
C LEU A 89 14.88 -9.55 12.46
N ASN A 90 14.36 -8.52 13.11
CA ASN A 90 15.17 -7.71 14.01
C ASN A 90 16.31 -7.04 13.24
N ALA A 91 16.03 -6.63 12.01
CA ALA A 91 17.03 -6.01 11.16
C ALA A 91 17.60 -4.72 11.71
N GLY A 92 16.85 -4.05 12.58
CA GLY A 92 17.34 -2.82 13.14
C GLY A 92 18.45 -3.05 14.14
N VAL A 93 18.55 -4.28 14.64
CA VAL A 93 19.57 -4.61 15.65
C VAL A 93 20.79 -5.37 15.15
N ARG A 94 20.57 -6.38 14.32
CA ARG A 94 21.64 -7.22 13.82
C ARG A 94 22.54 -6.55 12.79
N VAL A 95 23.03 -5.37 13.17
CA VAL A 95 23.92 -4.58 12.35
C VAL A 95 25.22 -4.37 13.13
N HIS A 96 26.33 -4.23 12.43
CA HIS A 96 27.59 -4.03 13.14
C HIS A 96 27.59 -2.67 13.84
N PRO A 97 28.05 -2.63 15.10
CA PRO A 97 28.09 -1.37 15.86
C PRO A 97 28.68 -0.19 15.10
N LYS A 98 29.79 -0.40 14.40
CA LYS A 98 30.40 0.69 13.68
C LYS A 98 29.45 1.27 12.64
N TRP A 99 28.70 0.38 11.99
CA TRP A 99 27.76 0.81 10.95
C TRP A 99 26.54 1.51 11.53
N ASN A 100 26.09 1.06 12.69
CA ASN A 100 24.95 1.70 13.32
C ASN A 100 25.31 3.17 13.54
N GLU A 101 26.55 3.41 13.94
CA GLU A 101 27.02 4.77 14.17
C GLU A 101 27.16 5.54 12.85
N THR A 102 27.81 4.91 11.89
CA THR A 102 28.01 5.54 10.58
C THR A 102 26.69 6.04 9.96
N MET A 103 25.62 5.26 10.08
CA MET A 103 24.33 5.63 9.52
C MET A 103 23.71 6.85 10.20
N LYS A 104 24.16 7.18 11.41
CA LYS A 104 23.62 8.36 12.07
C LYS A 104 24.08 9.58 11.25
N VAL A 105 25.34 9.53 10.83
CA VAL A 105 25.93 10.60 10.04
C VAL A 105 25.46 10.54 8.59
N VAL A 106 25.58 9.38 7.96
CA VAL A 106 25.18 9.23 6.56
C VAL A 106 23.75 9.65 6.32
N SER A 107 22.82 9.06 7.06
CA SER A 107 21.41 9.36 6.87
C SER A 107 21.03 10.81 7.16
N ASN A 108 21.46 11.35 8.30
CA ASN A 108 21.12 12.73 8.63
C ASN A 108 21.82 13.76 7.77
N PHE A 109 23.08 13.50 7.39
CA PHE A 109 23.80 14.46 6.56
C PHE A 109 23.16 14.45 5.18
N LEU A 110 22.79 13.28 4.70
CA LEU A 110 22.15 13.20 3.40
C LEU A 110 20.76 13.82 3.51
N GLU A 111 20.17 13.75 4.69
CA GLU A 111 18.85 14.32 4.90
C GLU A 111 18.85 15.81 4.59
N VAL A 112 19.90 16.51 5.01
CA VAL A 112 19.96 17.94 4.78
C VAL A 112 20.27 18.23 3.31
N GLY A 113 20.98 17.31 2.66
CA GLY A 113 21.30 17.48 1.26
C GLY A 113 19.99 17.39 0.51
N GLU A 114 19.15 16.47 0.97
CA GLU A 114 17.85 16.26 0.38
C GLU A 114 16.99 17.50 0.61
N TYR A 115 16.91 17.91 1.88
CA TYR A 115 16.12 19.07 2.26
C TYR A 115 16.51 20.31 1.45
N ASN A 116 17.80 20.59 1.35
CA ASN A 116 18.21 21.77 0.61
C ASN A 116 17.95 21.63 -0.88
N ALA A 117 17.95 20.40 -1.38
CA ALA A 117 17.67 20.19 -2.78
C ALA A 117 16.23 20.62 -3.03
N ILE A 118 15.39 20.57 -1.99
CA ILE A 118 14.00 20.98 -2.13
C ILE A 118 13.93 22.45 -2.52
N ALA A 119 14.56 23.29 -1.70
CA ALA A 119 14.58 24.71 -1.92
C ALA A 119 15.29 25.04 -3.22
N ALA A 120 16.39 24.33 -3.49
CA ALA A 120 17.16 24.58 -4.71
C ALA A 120 16.36 24.30 -5.98
N THR A 121 15.60 23.20 -6.01
CA THR A 121 14.83 22.89 -7.20
C THR A 121 13.63 23.83 -7.29
N GLY A 122 13.19 24.36 -6.16
CA GLY A 122 12.08 25.30 -6.16
C GLY A 122 12.58 26.55 -6.88
N MET A 123 13.86 26.85 -6.68
CA MET A 123 14.52 28.00 -7.29
C MET A 123 14.69 27.73 -8.80
N LEU A 124 14.98 26.48 -9.14
CA LEU A 124 15.15 26.11 -10.55
C LEU A 124 13.78 26.19 -11.23
N TRP A 125 12.75 25.79 -10.49
CA TRP A 125 11.38 25.82 -10.96
C TRP A 125 11.00 27.27 -11.29
N ASP A 126 11.44 28.20 -10.44
CA ASP A 126 11.16 29.62 -10.64
C ASP A 126 11.91 30.15 -11.86
N SER A 127 13.13 29.65 -12.04
CA SER A 127 13.99 30.05 -13.15
C SER A 127 13.47 29.60 -14.50
N ALA A 128 13.06 28.34 -14.59
CA ALA A 128 12.53 27.81 -15.84
C ALA A 128 11.33 28.66 -16.29
N GLN A 129 11.23 28.87 -17.60
CA GLN A 129 10.14 29.67 -18.16
C GLN A 129 9.18 28.77 -18.93
N ALA A 130 9.68 27.66 -19.44
CA ALA A 130 8.84 26.72 -20.17
C ALA A 130 8.08 25.93 -19.13
N ALA A 131 6.76 25.80 -19.31
CA ALA A 131 5.94 25.07 -18.36
C ALA A 131 6.44 23.65 -18.11
N GLU A 132 6.95 23.01 -19.16
CA GLU A 132 7.46 21.64 -19.04
C GLU A 132 8.74 21.55 -18.21
N GLN A 133 9.63 22.53 -18.38
CA GLN A 133 10.86 22.52 -17.60
C GLN A 133 10.51 22.82 -16.14
N LYS A 134 9.47 23.64 -15.93
CA LYS A 134 9.01 23.97 -14.58
C LYS A 134 8.42 22.70 -13.96
N ASN A 135 7.70 21.94 -14.77
CA ASN A 135 7.05 20.72 -14.31
C ASN A 135 8.08 19.66 -13.94
N GLY A 136 9.18 19.59 -14.70
CA GLY A 136 10.22 18.62 -14.41
C GLY A 136 10.80 18.90 -13.03
N TYR A 137 11.09 20.16 -12.76
CA TYR A 137 11.64 20.58 -11.48
C TYR A 137 10.64 20.37 -10.35
N LEU A 138 9.36 20.59 -10.64
CA LEU A 138 8.32 20.42 -9.65
C LEU A 138 8.32 19.00 -9.10
N ALA A 139 8.44 18.04 -10.01
CA ALA A 139 8.47 16.64 -9.65
C ALA A 139 9.65 16.43 -8.70
N GLN A 140 10.77 17.08 -9.00
CA GLN A 140 11.96 16.96 -8.19
C GLN A 140 11.77 17.60 -6.82
N VAL A 141 11.06 18.72 -6.77
CA VAL A 141 10.81 19.41 -5.51
C VAL A 141 10.11 18.42 -4.58
N LEU A 142 9.12 17.71 -5.12
CA LEU A 142 8.36 16.73 -4.35
C LEU A 142 9.21 15.49 -4.05
N ASP A 143 10.14 15.15 -4.94
CA ASP A 143 10.99 13.99 -4.69
C ASP A 143 11.96 14.28 -3.54
N GLU A 144 12.52 15.48 -3.54
CA GLU A 144 13.48 15.84 -2.51
C GLU A 144 12.81 15.95 -1.14
N ILE A 145 11.49 16.15 -1.11
CA ILE A 145 10.80 16.20 0.17
C ILE A 145 10.67 14.75 0.62
N ARG A 146 10.34 13.88 -0.35
CA ARG A 146 10.21 12.46 -0.08
C ARG A 146 11.52 11.96 0.52
N HIS A 147 12.61 12.32 -0.16
CA HIS A 147 13.95 11.92 0.26
C HIS A 147 14.30 12.44 1.65
N THR A 148 13.88 13.65 1.96
CA THR A 148 14.15 14.20 3.28
C THR A 148 13.51 13.27 4.28
N HIS A 149 12.23 12.99 4.05
CA HIS A 149 11.45 12.14 4.91
C HIS A 149 11.93 10.69 4.96
N GLN A 150 12.58 10.25 3.89
CA GLN A 150 13.12 8.89 3.84
C GLN A 150 14.38 8.80 4.69
N CYS A 151 15.27 9.78 4.52
CA CYS A 151 16.48 9.76 5.30
C CYS A 151 16.10 9.92 6.76
N ALA A 152 15.08 10.72 7.01
CA ALA A 152 14.65 10.92 8.37
C ALA A 152 14.13 9.61 8.93
N TYR A 153 13.51 8.81 8.07
CA TYR A 153 12.95 7.54 8.51
C TYR A 153 14.01 6.50 8.89
N VAL A 154 15.16 6.54 8.21
CA VAL A 154 16.22 5.60 8.51
C VAL A 154 16.68 5.87 9.95
N ASN A 155 16.91 7.14 10.28
CA ASN A 155 17.34 7.51 11.62
C ASN A 155 16.23 7.17 12.61
N TYR A 156 15.00 7.50 12.23
CA TYR A 156 13.84 7.24 13.06
C TYR A 156 13.72 5.75 13.37
N TYR A 157 13.95 4.93 12.34
CA TYR A 157 13.86 3.49 12.50
C TYR A 157 14.99 2.93 13.35
N PHE A 158 16.22 3.37 13.08
CA PHE A 158 17.35 2.87 13.86
C PHE A 158 17.29 3.35 15.31
N ALA A 159 16.57 4.44 15.54
CA ALA A 159 16.46 4.94 16.89
C ALA A 159 15.41 4.12 17.61
N LYS A 160 14.35 3.76 16.91
CA LYS A 160 13.28 2.99 17.52
C LYS A 160 13.66 1.54 17.77
N ASN A 161 14.36 0.94 16.81
CA ASN A 161 14.72 -0.47 16.92
C ASN A 161 16.19 -0.82 17.03
N GLY A 162 17.07 0.18 17.01
CA GLY A 162 18.50 -0.07 17.06
C GLY A 162 19.20 -0.30 18.38
N GLN A 163 20.49 -0.55 18.29
CA GLN A 163 21.35 -0.82 19.45
C GLN A 163 21.83 0.43 20.20
N ASP A 164 21.69 1.60 19.58
CA ASP A 164 22.07 2.87 20.19
C ASP A 164 21.36 4.04 19.52
N PRO A 165 20.20 4.44 20.06
CA PRO A 165 19.33 5.52 19.58
C PRO A 165 19.93 6.92 19.60
N ALA A 166 20.75 7.22 20.61
CA ALA A 166 21.37 8.54 20.74
C ALA A 166 22.12 8.89 19.46
N GLY A 167 21.89 10.09 18.95
CA GLY A 167 22.54 10.49 17.71
C GLY A 167 21.51 10.26 16.61
N HIS A 168 20.92 9.07 16.60
CA HIS A 168 19.88 8.77 15.62
C HIS A 168 18.64 9.56 16.01
N ASN A 169 18.39 9.66 17.31
CA ASN A 169 17.23 10.36 17.81
C ASN A 169 17.29 11.88 17.88
N ASP A 170 18.46 12.47 17.77
CA ASP A 170 18.56 13.93 17.86
C ASP A 170 19.63 14.57 17.01
N ALA A 171 20.06 13.87 15.96
CA ALA A 171 21.10 14.40 15.08
C ALA A 171 20.80 15.83 14.61
N ARG A 172 19.52 16.15 14.41
CA ARG A 172 19.17 17.48 13.93
C ARG A 172 19.62 18.61 14.85
N ARG A 173 19.92 18.29 16.10
CA ARG A 173 20.42 19.33 17.00
C ARG A 173 21.83 18.98 17.48
N THR A 174 22.13 17.68 17.63
CA THR A 174 23.46 17.30 18.07
C THR A 174 24.52 17.37 16.98
N ARG A 175 24.07 17.45 15.72
CA ARG A 175 25.01 17.55 14.60
C ARG A 175 25.75 18.90 14.64
N THR A 176 25.17 19.86 15.35
CA THR A 176 25.74 21.20 15.42
C THR A 176 26.96 21.35 16.30
N ILE A 177 27.30 20.32 17.06
CA ILE A 177 28.46 20.39 17.94
C ILE A 177 29.75 20.21 17.18
N GLY A 178 29.76 19.24 16.26
CA GLY A 178 30.96 18.92 15.51
C GLY A 178 31.27 19.67 14.24
N PRO A 179 32.55 19.68 13.83
CA PRO A 179 33.02 20.35 12.62
C PRO A 179 32.66 19.70 11.28
N LEU A 180 32.50 18.38 11.26
CA LEU A 180 32.16 17.71 10.00
C LEU A 180 30.83 18.20 9.38
N TRP A 181 29.91 18.60 10.25
CA TRP A 181 28.59 19.09 9.83
C TRP A 181 28.60 20.38 9.00
N LYS A 182 29.53 21.29 9.33
CA LYS A 182 29.64 22.57 8.63
C LYS A 182 29.87 22.41 7.13
N GLY A 183 30.77 21.51 6.78
CA GLY A 183 31.08 21.31 5.37
C GLY A 183 29.91 20.68 4.65
N MET A 184 29.06 20.00 5.39
CA MET A 184 27.91 19.36 4.80
C MET A 184 26.91 20.40 4.34
N LYS A 185 26.74 21.45 5.13
CA LYS A 185 25.80 22.50 4.77
C LYS A 185 26.30 23.28 3.55
N ARG A 186 27.61 23.19 3.30
CA ARG A 186 28.24 23.90 2.17
C ARG A 186 27.97 23.24 0.82
N VAL A 187 28.20 21.93 0.75
CA VAL A 187 28.01 21.17 -0.48
C VAL A 187 26.58 20.74 -0.74
N PHE A 188 25.85 20.44 0.32
CA PHE A 188 24.47 20.00 0.18
C PHE A 188 23.40 20.91 0.78
N SER A 189 23.78 22.15 1.10
CA SER A 189 22.81 23.10 1.64
C SER A 189 22.98 24.46 0.97
N ASP A 190 23.99 25.19 1.40
CA ASP A 190 24.25 26.50 0.86
C ASP A 190 24.72 26.40 -0.58
N GLY A 191 25.53 25.40 -0.88
CA GLY A 191 26.02 25.21 -2.23
C GLY A 191 24.87 24.86 -3.16
N PHE A 192 23.78 24.39 -2.57
CA PHE A 192 22.60 24.02 -3.33
C PHE A 192 21.65 25.17 -3.61
N ILE A 193 21.53 26.09 -2.65
CA ILE A 193 20.60 27.20 -2.81
C ILE A 193 21.19 28.61 -2.87
N SER A 194 22.42 28.76 -2.38
CA SER A 194 23.06 30.08 -2.36
C SER A 194 23.95 30.37 -3.58
N GLY A 195 23.47 31.27 -4.44
CA GLY A 195 24.21 31.65 -5.63
C GLY A 195 23.36 31.57 -6.89
N ASP A 196 24.01 31.81 -8.03
CA ASP A 196 23.33 31.76 -9.32
C ASP A 196 22.60 30.42 -9.41
N ALA A 197 21.33 30.46 -9.82
CA ALA A 197 20.52 29.25 -9.94
C ALA A 197 21.24 28.19 -10.77
N VAL A 198 21.98 28.63 -11.79
CA VAL A 198 22.72 27.71 -12.64
C VAL A 198 23.92 27.13 -11.88
N GLU A 199 24.46 27.92 -10.96
CA GLU A 199 25.60 27.48 -10.15
C GLU A 199 25.09 26.45 -9.14
N CYS A 200 23.91 26.73 -8.58
CA CYS A 200 23.27 25.85 -7.62
C CYS A 200 22.80 24.56 -8.31
N SER A 201 22.37 24.71 -9.56
CA SER A 201 21.90 23.60 -10.38
C SER A 201 23.04 22.59 -10.58
N LEU A 202 24.23 23.12 -10.82
CA LEU A 202 25.42 22.30 -11.04
C LEU A 202 25.89 21.65 -9.74
N ASN A 203 25.82 22.39 -8.64
CA ASN A 203 26.22 21.87 -7.34
C ASN A 203 25.33 20.70 -6.93
N LEU A 204 24.06 20.78 -7.32
CA LEU A 204 23.07 19.75 -7.00
C LEU A 204 22.95 18.61 -8.02
N GLN A 205 22.63 18.95 -9.27
CA GLN A 205 22.41 17.94 -10.31
C GLN A 205 23.57 17.52 -11.19
N LEU A 206 24.18 18.48 -11.88
CA LEU A 206 25.29 18.18 -12.79
C LEU A 206 26.55 17.60 -12.13
N VAL A 207 26.69 17.79 -10.82
CA VAL A 207 27.85 17.29 -10.10
C VAL A 207 27.45 16.53 -8.84
N GLY A 208 26.71 17.21 -7.97
CA GLY A 208 26.27 16.61 -6.72
C GLY A 208 25.69 15.21 -6.86
N GLU A 209 24.78 15.03 -7.81
CA GLU A 209 24.13 13.74 -8.04
C GLU A 209 24.86 12.91 -9.08
N ALA A 210 24.95 13.43 -10.30
CA ALA A 210 25.62 12.75 -11.42
C ALA A 210 27.03 12.24 -11.13
N CYS A 211 27.71 12.86 -10.18
CA CYS A 211 29.08 12.45 -9.85
C CYS A 211 29.22 11.77 -8.49
N PHE A 212 28.48 12.23 -7.49
CA PHE A 212 28.57 11.65 -6.16
C PHE A 212 27.30 10.93 -5.64
N THR A 213 26.20 11.66 -5.45
CA THR A 213 24.95 11.08 -4.92
C THR A 213 24.48 9.74 -5.49
N ASN A 214 24.11 9.71 -6.77
CA ASN A 214 23.64 8.46 -7.39
C ASN A 214 24.59 7.28 -7.24
N PRO A 215 25.90 7.47 -7.51
CA PRO A 215 26.81 6.33 -7.35
C PRO A 215 27.01 6.07 -5.86
N LEU A 216 26.87 7.14 -5.08
CA LEU A 216 27.02 7.08 -3.62
C LEU A 216 25.87 6.31 -2.98
N ILE A 217 24.64 6.67 -3.36
CA ILE A 217 23.45 6.01 -2.81
C ILE A 217 23.63 4.50 -2.95
N VAL A 218 24.00 4.06 -4.16
CA VAL A 218 24.22 2.65 -4.44
C VAL A 218 25.30 2.08 -3.53
N ALA A 219 26.44 2.76 -3.47
CA ALA A 219 27.56 2.33 -2.63
C ALA A 219 27.12 2.17 -1.18
N VAL A 220 26.36 3.13 -0.67
CA VAL A 220 25.91 3.04 0.72
C VAL A 220 25.13 1.75 0.94
N THR A 221 24.26 1.41 -0.01
CA THR A 221 23.47 0.18 0.13
C THR A 221 24.39 -1.03 0.15
N GLU A 222 25.51 -0.94 -0.57
CA GLU A 222 26.45 -2.04 -0.62
C GLU A 222 27.18 -2.17 0.73
N TRP A 223 27.79 -1.08 1.19
CA TRP A 223 28.48 -1.10 2.47
C TRP A 223 27.51 -1.47 3.59
N ALA A 224 26.26 -1.05 3.45
CA ALA A 224 25.26 -1.36 4.47
C ALA A 224 24.99 -2.86 4.50
N ALA A 225 24.75 -3.44 3.32
CA ALA A 225 24.45 -4.87 3.27
C ALA A 225 25.61 -5.69 3.86
N ALA A 226 26.84 -5.30 3.55
CA ALA A 226 28.01 -6.00 4.04
C ALA A 226 28.12 -5.94 5.55
N ASN A 227 27.50 -4.93 6.16
CA ASN A 227 27.58 -4.82 7.62
C ASN A 227 26.30 -5.14 8.37
N GLY A 228 25.46 -5.93 7.72
CA GLY A 228 24.22 -6.38 8.33
C GLY A 228 23.03 -5.43 8.27
N ASP A 229 23.20 -4.29 7.63
CA ASP A 229 22.12 -3.30 7.54
C ASP A 229 21.24 -3.51 6.31
N GLU A 230 20.01 -3.96 6.53
CA GLU A 230 19.06 -4.17 5.43
C GLU A 230 18.01 -3.05 5.39
N ILE A 231 18.07 -2.18 6.40
CA ILE A 231 17.17 -1.05 6.52
C ILE A 231 17.51 0.01 5.47
N THR A 232 18.77 0.41 5.43
CA THR A 232 19.22 1.42 4.49
C THR A 232 19.03 1.03 3.03
N PRO A 233 19.36 -0.23 2.68
CA PRO A 233 19.18 -0.62 1.27
C PRO A 233 17.70 -0.50 0.87
N THR A 234 16.82 -0.91 1.76
CA THR A 234 15.38 -0.86 1.52
C THR A 234 14.90 0.56 1.16
N VAL A 235 15.42 1.54 1.88
CA VAL A 235 15.05 2.93 1.64
C VAL A 235 15.86 3.59 0.51
N PHE A 236 17.18 3.54 0.63
CA PHE A 236 18.03 4.15 -0.37
C PHE A 236 17.87 3.61 -1.78
N LEU A 237 17.60 2.32 -1.93
CA LEU A 237 17.42 1.79 -3.27
C LEU A 237 16.18 2.44 -3.87
N SER A 238 15.22 2.76 -3.00
CA SER A 238 13.98 3.41 -3.43
C SER A 238 14.26 4.86 -3.82
N ILE A 239 15.18 5.51 -3.11
CA ILE A 239 15.53 6.88 -3.41
C ILE A 239 16.24 6.93 -4.76
N GLU A 240 17.03 5.91 -5.03
CA GLU A 240 17.75 5.87 -6.29
C GLU A 240 16.83 5.90 -7.49
N THR A 241 15.72 5.16 -7.43
CA THR A 241 14.77 5.11 -8.53
C THR A 241 14.26 6.50 -8.90
N ASP A 242 14.08 7.35 -7.90
CA ASP A 242 13.61 8.72 -8.14
C ASP A 242 14.72 9.52 -8.81
N GLU A 243 15.90 9.47 -8.21
CA GLU A 243 17.04 10.22 -8.72
C GLU A 243 17.37 9.91 -10.18
N LEU A 244 16.84 8.80 -10.68
CA LEU A 244 17.06 8.41 -12.06
C LEU A 244 16.48 9.49 -12.97
N ARG A 245 15.29 9.96 -12.62
CA ARG A 245 14.63 11.02 -13.40
C ARG A 245 15.40 12.32 -13.30
N HIS A 246 15.89 12.65 -12.10
CA HIS A 246 16.63 13.88 -11.88
C HIS A 246 17.88 13.92 -12.75
N MET A 247 18.46 12.76 -12.98
CA MET A 247 19.66 12.63 -13.80
C MET A 247 19.30 13.02 -15.22
N ALA A 248 18.26 12.40 -15.77
CA ALA A 248 17.80 12.69 -17.11
C ALA A 248 17.40 14.17 -17.20
N ASN A 249 16.98 14.72 -16.06
CA ASN A 249 16.56 16.11 -15.98
C ASN A 249 17.78 17.01 -15.76
N GLY A 250 18.93 16.38 -15.56
CA GLY A 250 20.16 17.11 -15.34
C GLY A 250 20.70 17.79 -16.59
N TYR A 251 20.55 17.14 -17.74
CA TYR A 251 21.01 17.70 -19.00
C TYR A 251 20.08 18.82 -19.45
N GLN A 252 18.81 18.71 -19.05
CA GLN A 252 17.80 19.70 -19.41
C GLN A 252 18.23 21.11 -19.02
N THR A 253 19.05 21.22 -17.98
CA THR A 253 19.52 22.52 -17.53
C THR A 253 20.69 23.01 -18.37
N VAL A 254 21.47 22.07 -18.92
CA VAL A 254 22.62 22.42 -19.75
C VAL A 254 22.20 22.63 -21.20
N VAL A 255 20.98 22.23 -21.52
CA VAL A 255 20.44 22.37 -22.87
C VAL A 255 19.69 23.69 -23.05
N SER A 256 19.05 24.17 -21.98
CA SER A 256 18.29 25.41 -22.04
C SER A 256 19.17 26.66 -21.98
N ILE A 257 20.49 26.46 -21.94
CA ILE A 257 21.42 27.58 -21.87
C ILE A 257 22.59 27.42 -22.85
N ALA A 258 22.80 26.20 -23.34
CA ALA A 258 23.88 25.92 -24.28
C ALA A 258 23.92 26.89 -25.45
N ASN A 259 22.79 27.52 -25.75
CA ASN A 259 22.68 28.47 -26.85
C ASN A 259 23.07 29.89 -26.44
N ASP A 260 22.50 30.37 -25.34
CA ASP A 260 22.80 31.71 -24.84
C ASP A 260 24.31 31.96 -24.83
N PRO A 261 24.74 33.09 -25.44
CA PRO A 261 26.16 33.47 -25.52
C PRO A 261 26.86 33.47 -24.16
N ALA A 262 26.15 33.89 -23.13
CA ALA A 262 26.70 33.95 -21.77
C ALA A 262 27.20 32.59 -21.31
N SER A 263 26.41 31.55 -21.60
CA SER A 263 26.76 30.18 -21.22
C SER A 263 28.16 29.80 -21.71
N ALA A 264 28.48 30.22 -22.92
CA ALA A 264 29.78 29.91 -23.52
C ALA A 264 30.93 30.64 -22.83
N LYS A 265 30.70 31.22 -21.66
CA LYS A 265 31.77 31.91 -20.96
C LYS A 265 31.58 32.01 -19.44
N TYR A 266 30.57 31.29 -18.93
CA TYR A 266 30.27 31.30 -17.50
C TYR A 266 30.09 29.86 -17.04
N LEU A 267 29.62 29.02 -17.96
CA LEU A 267 29.34 27.63 -17.69
C LEU A 267 30.51 26.89 -17.04
N ASN A 268 31.64 26.87 -17.74
CA ASN A 268 32.82 26.18 -17.25
C ASN A 268 33.29 26.64 -15.87
N THR A 269 33.26 27.94 -15.64
CA THR A 269 33.69 28.46 -14.35
C THR A 269 32.80 27.94 -13.22
N ASP A 270 31.48 28.08 -13.37
CA ASP A 270 30.56 27.61 -12.34
C ASP A 270 30.68 26.09 -12.17
N LEU A 271 30.85 25.39 -13.29
CA LEU A 271 30.97 23.94 -13.27
C LEU A 271 32.25 23.51 -12.54
N ASN A 272 33.31 24.30 -12.70
CA ASN A 272 34.57 23.98 -12.05
C ASN A 272 34.43 24.10 -10.54
N ASN A 273 33.90 25.25 -10.09
CA ASN A 273 33.71 25.49 -8.66
C ASN A 273 32.77 24.44 -8.07
N ALA A 274 31.63 24.23 -8.74
CA ALA A 274 30.67 23.24 -8.28
C ALA A 274 31.43 21.94 -8.03
N PHE A 275 32.16 21.49 -9.04
CA PHE A 275 32.94 20.25 -8.90
C PHE A 275 33.92 20.26 -7.73
N TRP A 276 34.70 21.32 -7.59
CA TRP A 276 35.66 21.39 -6.49
C TRP A 276 34.98 21.42 -5.13
N THR A 277 33.89 22.18 -5.05
CA THR A 277 33.10 22.30 -3.82
C THR A 277 32.67 20.91 -3.34
N GLN A 278 31.96 20.19 -4.21
CA GLN A 278 31.50 18.85 -3.87
C GLN A 278 32.66 17.95 -3.50
N GLN A 279 33.60 17.80 -4.44
CA GLN A 279 34.78 16.95 -4.23
C GLN A 279 35.56 17.25 -2.97
N LYS A 280 35.84 18.53 -2.73
CA LYS A 280 36.60 18.92 -1.56
C LYS A 280 36.07 18.30 -0.27
N TYR A 281 34.74 18.23 -0.16
CA TYR A 281 34.10 17.69 1.04
C TYR A 281 33.80 16.18 0.98
N PHE A 282 33.02 15.76 -0.01
CA PHE A 282 32.67 14.35 -0.15
C PHE A 282 33.83 13.40 -0.40
N THR A 283 34.79 13.81 -1.22
CA THR A 283 35.94 12.94 -1.46
C THR A 283 36.41 12.43 -0.09
N PRO A 284 36.92 13.32 0.78
CA PRO A 284 37.38 12.83 2.08
C PRO A 284 36.35 12.33 3.09
N VAL A 285 35.11 12.80 3.05
CA VAL A 285 34.15 12.36 4.07
C VAL A 285 33.41 11.04 3.82
N LEU A 286 32.95 10.82 2.60
CA LEU A 286 32.24 9.59 2.30
C LEU A 286 33.20 8.44 2.49
N GLY A 287 34.39 8.58 1.92
CA GLY A 287 35.40 7.54 2.06
C GLY A 287 35.72 7.29 3.52
N MET A 288 35.75 8.35 4.32
CA MET A 288 36.04 8.19 5.74
C MET A 288 34.98 7.37 6.44
N LEU A 289 33.71 7.69 6.17
CA LEU A 289 32.60 6.97 6.79
C LEU A 289 32.57 5.51 6.33
N PHE A 290 32.87 5.27 5.06
CA PHE A 290 32.87 3.91 4.53
C PHE A 290 34.00 3.03 5.09
N GLU A 291 35.24 3.48 4.95
CA GLU A 291 36.37 2.68 5.43
C GLU A 291 36.55 2.62 6.94
N TYR A 292 36.39 3.73 7.63
CA TYR A 292 36.55 3.74 9.09
C TYR A 292 35.26 3.48 9.85
N GLY A 293 34.12 3.62 9.17
CA GLY A 293 32.85 3.41 9.84
C GLY A 293 32.21 2.06 9.59
N SER A 294 32.96 1.15 8.97
CA SER A 294 32.46 -0.18 8.67
C SER A 294 33.38 -1.27 9.18
N LYS A 295 32.83 -2.46 9.39
CA LYS A 295 33.63 -3.61 9.83
C LYS A 295 34.03 -4.37 8.58
N PHE A 296 33.05 -4.70 7.75
CA PHE A 296 33.29 -5.41 6.51
C PHE A 296 33.45 -4.43 5.37
N LYS A 297 34.60 -4.47 4.71
CA LYS A 297 34.89 -3.58 3.60
C LYS A 297 34.28 -4.10 2.31
N VAL A 298 34.12 -3.21 1.35
CA VAL A 298 33.53 -3.56 0.06
C VAL A 298 34.49 -3.28 -1.07
N GLU A 299 35.17 -2.15 -0.99
CA GLU A 299 36.08 -1.75 -2.05
C GLU A 299 36.79 -0.48 -1.62
N PRO A 300 38.10 -0.42 -1.80
CA PRO A 300 38.86 0.77 -1.41
C PRO A 300 38.26 2.03 -2.03
N TRP A 301 38.07 3.06 -1.22
CA TRP A 301 37.52 4.31 -1.70
C TRP A 301 38.28 4.80 -2.94
N VAL A 302 39.60 4.69 -2.91
CA VAL A 302 40.42 5.14 -4.02
C VAL A 302 39.97 4.65 -5.39
N LYS A 303 39.69 3.35 -5.52
CA LYS A 303 39.28 2.85 -6.82
C LYS A 303 37.78 3.06 -7.04
N THR A 304 37.06 3.32 -5.96
CA THR A 304 35.62 3.57 -6.05
C THR A 304 35.49 4.97 -6.64
N TRP A 305 36.36 5.87 -6.16
CA TRP A 305 36.39 7.26 -6.58
C TRP A 305 36.90 7.37 -8.01
N ASP A 306 38.12 6.90 -8.22
CA ASP A 306 38.74 6.95 -9.53
C ASP A 306 37.81 6.46 -10.62
N ARG A 307 36.81 5.67 -10.24
CA ARG A 307 35.84 5.15 -11.19
C ARG A 307 34.77 6.22 -11.42
N TRP A 308 34.17 6.69 -10.33
CA TRP A 308 33.13 7.71 -10.39
C TRP A 308 33.54 8.95 -11.15
N VAL A 309 34.66 9.54 -10.75
CA VAL A 309 35.16 10.76 -11.37
C VAL A 309 35.74 10.56 -12.77
N TYR A 310 36.15 9.35 -13.11
CA TYR A 310 36.72 9.07 -14.43
C TYR A 310 35.86 8.18 -15.32
N GLU A 311 35.95 6.87 -15.10
CA GLU A 311 35.20 5.90 -15.88
C GLU A 311 33.67 6.05 -15.77
N ASP A 312 33.20 7.14 -15.17
CA ASP A 312 31.77 7.36 -15.01
C ASP A 312 31.30 8.81 -15.10
N TRP A 313 32.20 9.76 -14.89
CA TRP A 313 31.82 11.17 -14.93
C TRP A 313 32.73 12.03 -15.80
N GLY A 314 33.97 12.22 -15.34
CA GLY A 314 34.92 13.04 -16.08
C GLY A 314 35.38 12.37 -17.37
N GLY A 315 34.41 11.97 -18.19
CA GLY A 315 34.71 11.32 -19.45
C GLY A 315 33.48 10.68 -20.08
N ILE A 316 33.09 9.52 -19.55
CA ILE A 316 31.94 8.78 -20.06
C ILE A 316 30.62 9.43 -19.62
N TRP A 317 30.68 10.71 -19.27
CA TRP A 317 29.49 11.45 -18.83
C TRP A 317 29.56 12.94 -19.17
N ILE A 318 30.70 13.56 -18.89
CA ILE A 318 30.89 14.98 -19.16
C ILE A 318 31.30 15.21 -20.62
N GLY A 319 31.88 14.17 -21.23
CA GLY A 319 32.32 14.28 -22.61
C GLY A 319 31.16 14.28 -23.59
N ARG A 320 29.98 13.89 -23.12
CA ARG A 320 28.78 13.85 -23.95
C ARG A 320 28.14 15.24 -24.01
N LEU A 321 28.83 16.23 -23.47
CA LEU A 321 28.33 17.60 -23.46
C LEU A 321 29.33 18.63 -23.98
N GLY A 322 30.38 18.17 -24.66
CA GLY A 322 31.37 19.08 -25.20
C GLY A 322 30.80 19.90 -26.35
N LYS A 323 29.70 19.41 -26.90
CA LYS A 323 29.02 20.06 -28.03
C LYS A 323 28.25 21.31 -27.59
N TYR A 324 28.34 21.63 -26.31
CA TYR A 324 27.66 22.81 -25.76
C TYR A 324 28.68 23.77 -25.16
N GLY A 325 29.96 23.49 -25.41
CA GLY A 325 31.03 24.32 -24.91
C GLY A 325 31.53 23.88 -23.54
N VAL A 326 31.14 22.67 -23.14
CA VAL A 326 31.54 22.11 -21.86
C VAL A 326 32.92 21.48 -21.90
N GLU A 327 33.79 21.91 -20.99
CA GLU A 327 35.15 21.39 -20.93
C GLU A 327 35.34 20.54 -19.68
N SER A 328 36.61 20.30 -19.34
CA SER A 328 36.95 19.50 -18.17
C SER A 328 37.37 20.34 -16.97
N PRO A 329 36.97 19.93 -15.75
CA PRO A 329 37.30 20.63 -14.53
C PRO A 329 38.81 20.84 -14.42
N ARG A 330 39.24 22.09 -14.55
CA ARG A 330 40.66 22.41 -14.49
C ARG A 330 41.30 22.03 -13.16
N SER A 331 40.48 21.75 -12.15
CA SER A 331 41.00 21.36 -10.86
C SER A 331 40.89 19.84 -10.69
N LEU A 332 40.50 19.16 -11.76
CA LEU A 332 40.33 17.72 -11.77
C LEU A 332 41.64 16.99 -11.44
N LYS A 333 42.75 17.54 -11.93
CA LYS A 333 44.05 16.93 -11.69
C LYS A 333 44.40 17.00 -10.21
N ASP A 334 44.31 18.19 -9.63
CA ASP A 334 44.62 18.37 -8.21
C ASP A 334 43.71 17.49 -7.35
N ALA A 335 42.42 17.55 -7.62
CA ALA A 335 41.43 16.77 -6.87
C ALA A 335 41.84 15.31 -6.82
N LYS A 336 42.32 14.78 -7.94
CA LYS A 336 42.75 13.40 -8.02
C LYS A 336 43.83 13.08 -7.00
N GLN A 337 44.78 14.00 -6.85
CA GLN A 337 45.87 13.82 -5.92
C GLN A 337 45.41 13.91 -4.46
N ASP A 338 44.10 13.87 -4.24
CA ASP A 338 43.56 13.96 -2.88
C ASP A 338 42.47 12.94 -2.48
N ALA A 339 42.16 12.00 -3.36
CA ALA A 339 41.15 10.99 -3.03
C ALA A 339 41.84 9.76 -2.46
N TYR A 340 43.17 9.79 -2.49
CA TYR A 340 43.97 8.68 -2.00
C TYR A 340 44.22 8.85 -0.50
N TRP A 341 44.56 10.07 -0.09
CA TRP A 341 44.87 10.34 1.31
C TRP A 341 43.92 11.22 2.13
N ALA A 342 43.12 12.04 1.45
CA ALA A 342 42.21 12.94 2.15
C ALA A 342 41.36 12.31 3.25
N HIS A 343 40.66 11.22 2.94
CA HIS A 343 39.82 10.56 3.93
C HIS A 343 40.64 10.03 5.11
N HIS A 344 41.88 9.64 4.84
CA HIS A 344 42.75 9.16 5.92
C HIS A 344 43.21 10.33 6.77
N ASP A 345 43.52 11.44 6.11
CA ASP A 345 43.93 12.66 6.80
C ASP A 345 42.80 13.09 7.73
N LEU A 346 41.57 12.91 7.25
CA LEU A 346 40.38 13.31 7.97
C LEU A 346 39.92 12.46 9.13
N TYR A 347 40.08 11.14 9.06
CA TYR A 347 39.64 10.35 10.20
C TYR A 347 40.56 10.67 11.35
N LEU A 348 41.80 11.02 11.03
CA LEU A 348 42.75 11.38 12.06
C LEU A 348 42.16 12.50 12.90
N LEU A 349 41.60 13.50 12.22
CA LEU A 349 41.01 14.66 12.87
C LEU A 349 39.66 14.38 13.51
N ALA A 350 38.82 13.60 12.83
CA ALA A 350 37.51 13.25 13.36
C ALA A 350 37.63 12.47 14.66
N TYR A 351 38.58 11.53 14.72
CA TYR A 351 38.77 10.74 15.94
C TYR A 351 39.39 11.64 16.99
N ALA A 352 40.41 12.40 16.57
CA ALA A 352 41.07 13.31 17.50
C ALA A 352 40.06 14.23 18.19
N LEU A 353 38.95 14.53 17.52
CA LEU A 353 37.93 15.41 18.08
C LEU A 353 36.61 14.70 18.35
N TRP A 354 36.68 13.40 18.63
CA TRP A 354 35.48 12.61 18.88
C TRP A 354 34.49 13.16 19.89
N PRO A 355 34.96 13.86 20.93
CA PRO A 355 33.96 14.37 21.89
C PRO A 355 33.00 15.41 21.31
N THR A 356 33.25 15.83 20.07
CA THR A 356 32.41 16.84 19.42
C THR A 356 31.34 16.29 18.45
N GLY A 357 31.29 14.97 18.32
CA GLY A 357 30.31 14.35 17.42
C GLY A 357 29.06 13.86 18.11
N PHE A 358 28.17 13.23 17.36
CA PHE A 358 26.91 12.69 17.90
C PHE A 358 26.89 11.21 17.54
N PHE A 359 28.08 10.63 17.49
CA PHE A 359 28.27 9.25 17.12
C PHE A 359 29.52 8.70 17.79
N ARG A 360 29.59 7.37 17.90
CA ARG A 360 30.73 6.67 18.51
C ARG A 360 31.70 6.16 17.43
N LEU A 361 32.98 6.42 17.62
CA LEU A 361 34.02 6.01 16.67
C LEU A 361 34.96 4.95 17.26
N ALA A 362 35.60 4.18 16.38
CA ALA A 362 36.50 3.12 16.80
C ALA A 362 37.87 3.17 16.13
N LEU A 363 38.90 2.81 16.90
CA LEU A 363 40.26 2.80 16.36
C LEU A 363 40.36 1.65 15.38
N PRO A 364 41.19 1.79 14.35
CA PRO A 364 41.30 0.66 13.42
C PRO A 364 41.84 -0.57 14.16
N ASP A 365 41.16 -1.72 14.02
CA ASP A 365 41.61 -2.94 14.68
C ASP A 365 42.78 -3.51 13.88
N GLN A 366 43.31 -4.65 14.31
CA GLN A 366 44.45 -5.25 13.61
C GLN A 366 44.15 -5.68 12.18
N GLU A 367 43.05 -6.38 12.01
CA GLU A 367 42.63 -6.88 10.70
C GLU A 367 42.43 -5.72 9.72
N GLU A 368 41.92 -4.60 10.24
CA GLU A 368 41.68 -3.42 9.42
C GLU A 368 42.97 -2.75 9.02
N MET A 369 43.92 -2.64 9.95
CA MET A 369 45.19 -2.01 9.61
C MET A 369 45.85 -2.70 8.44
N GLU A 370 45.74 -4.03 8.39
CA GLU A 370 46.32 -4.79 7.29
C GLU A 370 45.67 -4.36 5.98
N TRP A 371 44.34 -4.34 5.98
CA TRP A 371 43.56 -3.95 4.81
C TRP A 371 44.00 -2.58 4.33
N PHE A 372 44.08 -1.65 5.27
CA PHE A 372 44.50 -0.30 4.96
C PHE A 372 45.87 -0.26 4.32
N GLU A 373 46.83 -0.92 4.97
CA GLU A 373 48.20 -0.95 4.47
C GLU A 373 48.32 -1.67 3.11
N ALA A 374 47.49 -2.68 2.90
CA ALA A 374 47.53 -3.42 1.64
C ALA A 374 46.95 -2.61 0.50
N ASN A 375 45.90 -1.84 0.80
CA ASN A 375 45.23 -1.03 -0.20
C ASN A 375 45.77 0.40 -0.33
N TYR A 376 46.57 0.82 0.65
CA TYR A 376 47.16 2.16 0.63
C TYR A 376 48.54 2.08 1.30
N PRO A 377 49.55 1.64 0.54
CA PRO A 377 50.92 1.51 1.05
C PRO A 377 51.44 2.76 1.75
N GLY A 378 51.94 2.59 2.97
CA GLY A 378 52.46 3.73 3.71
C GLY A 378 51.46 4.20 4.75
N TRP A 379 50.28 3.57 4.73
CA TRP A 379 49.22 3.92 5.67
C TRP A 379 49.70 3.68 7.09
N TYR A 380 50.34 2.54 7.30
CA TYR A 380 50.81 2.20 8.64
C TYR A 380 51.90 3.09 9.22
N ASP A 381 52.95 3.34 8.45
CA ASP A 381 54.05 4.18 8.95
C ASP A 381 53.58 5.59 9.30
N HIS A 382 52.39 5.96 8.83
CA HIS A 382 51.86 7.30 9.10
C HIS A 382 50.69 7.28 10.09
N TYR A 383 49.54 6.81 9.64
CA TYR A 383 48.34 6.76 10.47
C TYR A 383 48.42 5.63 11.49
N GLY A 384 48.75 4.43 11.02
CA GLY A 384 48.87 3.27 11.90
C GLY A 384 49.64 3.54 13.17
N LYS A 385 50.89 3.96 13.05
CA LYS A 385 51.74 4.24 14.22
C LYS A 385 51.12 5.27 15.17
N ILE A 386 50.40 6.24 14.62
CA ILE A 386 49.77 7.25 15.45
C ILE A 386 48.63 6.62 16.21
N TYR A 387 47.80 5.84 15.52
CA TYR A 387 46.67 5.20 16.20
C TYR A 387 47.14 4.29 17.32
N GLU A 388 48.24 3.57 17.09
CA GLU A 388 48.79 2.67 18.10
C GLU A 388 49.19 3.47 19.33
N GLU A 389 49.80 4.62 19.10
CA GLU A 389 50.24 5.52 20.17
C GLU A 389 49.06 6.04 20.98
N TRP A 390 48.01 6.49 20.29
CA TRP A 390 46.84 7.01 20.97
C TRP A 390 46.22 5.98 21.89
N ARG A 391 46.22 4.72 21.48
CA ARG A 391 45.66 3.66 22.31
C ARG A 391 46.58 3.44 23.51
N ALA A 392 47.88 3.60 23.28
CA ALA A 392 48.84 3.42 24.37
C ALA A 392 48.58 4.51 25.40
N ARG A 393 48.17 5.69 24.93
CA ARG A 393 47.85 6.83 25.79
C ARG A 393 46.55 6.65 26.55
N GLY A 394 45.78 5.62 26.17
CA GLY A 394 44.51 5.33 26.83
C GLY A 394 43.28 6.00 26.24
N CYS A 395 43.39 6.44 24.98
CA CYS A 395 42.29 7.14 24.30
C CYS A 395 40.93 6.47 24.37
N GLU A 396 40.89 5.14 24.53
CA GLU A 396 39.60 4.46 24.62
C GLU A 396 39.07 4.42 26.05
N ASP A 397 39.99 4.39 27.01
CA ASP A 397 39.59 4.33 28.41
C ASP A 397 39.37 5.72 29.01
N PRO A 398 38.21 5.94 29.64
CA PRO A 398 37.82 7.19 30.28
C PRO A 398 38.76 7.71 31.36
N SER A 399 39.33 6.80 32.15
CA SER A 399 40.21 7.20 33.24
C SER A 399 41.61 7.66 32.82
N SER A 400 41.95 7.45 31.56
CA SER A 400 43.24 7.84 31.03
C SER A 400 43.52 9.34 31.08
N GLY A 401 42.46 10.14 31.01
CA GLY A 401 42.63 11.58 31.03
C GLY A 401 43.26 12.02 29.72
N PHE A 402 42.99 11.27 28.67
CA PHE A 402 43.56 11.56 27.37
C PHE A 402 42.54 11.62 26.24
N ILE A 403 42.73 12.59 25.36
CA ILE A 403 41.91 12.79 24.18
C ILE A 403 42.95 13.07 23.11
N PRO A 404 42.87 12.37 21.97
CA PRO A 404 43.85 12.60 20.90
C PRO A 404 44.14 14.05 20.61
N LEU A 405 43.18 14.94 20.83
CA LEU A 405 43.42 16.35 20.56
C LEU A 405 44.69 16.80 21.28
N MET A 406 44.84 16.35 22.52
CA MET A 406 46.00 16.71 23.33
C MET A 406 47.30 16.39 22.61
N TRP A 407 47.31 15.27 21.90
CA TRP A 407 48.48 14.83 21.14
C TRP A 407 48.88 15.85 20.06
N PHE A 408 47.89 16.43 19.38
CA PHE A 408 48.17 17.44 18.35
C PHE A 408 48.81 18.69 18.94
N ILE A 409 48.40 19.03 20.16
CA ILE A 409 48.94 20.19 20.85
C ILE A 409 50.39 19.86 21.24
N GLU A 410 50.55 18.76 21.97
CA GLU A 410 51.86 18.29 22.42
C GLU A 410 52.90 18.24 21.30
N ASN A 411 52.50 17.74 20.13
CA ASN A 411 53.41 17.61 19.00
C ASN A 411 53.33 18.77 18.02
N ASN A 412 52.75 19.87 18.47
CA ASN A 412 52.62 21.09 17.67
C ASN A 412 52.15 20.85 16.23
N HIS A 413 50.91 20.41 16.10
CA HIS A 413 50.27 20.14 14.82
C HIS A 413 48.91 20.83 14.92
N PRO A 414 48.86 22.14 14.61
CA PRO A 414 47.60 22.88 14.68
C PRO A 414 46.56 22.42 13.69
N ILE A 415 45.29 22.51 14.08
CA ILE A 415 44.21 22.11 13.18
C ILE A 415 43.47 23.36 12.70
N TYR A 416 43.35 23.50 11.39
CA TYR A 416 42.67 24.66 10.85
C TYR A 416 41.37 24.23 10.21
N ILE A 417 40.51 25.19 9.94
CA ILE A 417 39.24 24.92 9.27
C ILE A 417 39.29 25.76 8.00
N ASP A 418 39.02 25.14 6.86
CA ASP A 418 39.02 25.86 5.59
C ASP A 418 37.82 26.81 5.56
N ARG A 419 38.11 28.11 5.68
CA ARG A 419 37.09 29.16 5.68
C ARG A 419 35.99 28.97 4.61
N VAL A 420 36.33 28.32 3.50
CA VAL A 420 35.38 28.08 2.42
C VAL A 420 34.63 26.77 2.55
N SER A 421 35.35 25.66 2.41
CA SER A 421 34.76 24.33 2.47
C SER A 421 34.42 23.83 3.87
N GLN A 422 35.00 24.46 4.89
CA GLN A 422 34.77 24.06 6.28
C GLN A 422 35.47 22.75 6.60
N VAL A 423 36.25 22.23 5.67
CA VAL A 423 36.94 20.97 5.91
C VAL A 423 38.12 21.14 6.86
N PRO A 424 38.14 20.40 7.96
CA PRO A 424 39.25 20.51 8.93
C PRO A 424 40.52 19.95 8.29
N PHE A 425 41.65 20.63 8.48
CA PHE A 425 42.90 20.12 7.94
C PHE A 425 44.09 20.40 8.84
N CYS A 426 45.06 19.48 8.78
CA CYS A 426 46.27 19.60 9.57
C CYS A 426 47.41 19.53 8.56
N PRO A 427 47.76 20.69 7.97
CA PRO A 427 48.83 20.81 6.97
C PRO A 427 50.18 20.23 7.35
N SER A 428 50.47 20.19 8.65
CA SER A 428 51.75 19.65 9.11
C SER A 428 51.76 18.11 9.16
N LEU A 429 50.59 17.49 9.06
CA LEU A 429 50.50 16.04 9.15
C LEU A 429 49.79 15.43 7.96
N ALA A 430 49.02 16.25 7.25
CA ALA A 430 48.26 15.80 6.09
C ALA A 430 49.12 15.09 5.06
N LYS A 431 48.47 14.33 4.19
CA LYS A 431 49.15 13.60 3.12
C LYS A 431 48.40 13.96 1.85
N GLY A 432 47.41 14.84 1.99
CA GLY A 432 46.64 15.29 0.84
C GLY A 432 47.18 16.64 0.37
N ALA A 433 46.32 17.65 0.34
CA ALA A 433 46.70 19.00 -0.08
C ALA A 433 47.05 19.86 1.14
N SER A 434 48.23 19.61 1.69
CA SER A 434 48.72 20.34 2.87
C SER A 434 49.22 21.77 2.58
N THR A 435 48.64 22.43 1.59
CA THR A 435 49.06 23.79 1.25
C THR A 435 48.27 24.85 2.01
N LEU A 436 48.73 25.14 3.22
CA LEU A 436 48.11 26.14 4.07
C LEU A 436 48.40 27.56 3.55
N ARG A 437 47.38 28.41 3.59
CA ARG A 437 47.50 29.82 3.18
C ARG A 437 46.78 30.65 4.24
N VAL A 438 47.48 31.63 4.83
CA VAL A 438 46.88 32.48 5.85
C VAL A 438 46.88 33.95 5.44
N HIS A 439 45.68 34.54 5.43
CA HIS A 439 45.52 35.93 5.04
C HIS A 439 44.82 36.74 6.12
N GLU A 440 45.11 38.04 6.17
CA GLU A 440 44.42 38.90 7.12
C GLU A 440 43.71 39.88 6.23
N TYR A 441 42.47 40.20 6.58
CA TYR A 441 41.70 41.14 5.78
C TYR A 441 40.71 41.86 6.67
N ASN A 442 40.77 43.19 6.61
CA ASN A 442 39.89 44.05 7.40
C ASN A 442 39.69 43.59 8.85
N GLY A 443 40.79 43.32 9.55
CA GLY A 443 40.69 42.90 10.94
C GLY A 443 40.32 41.46 11.22
N GLU A 444 40.45 40.59 10.23
CA GLU A 444 40.10 39.18 10.40
C GLU A 444 41.09 38.26 9.69
N MET A 445 41.34 37.08 10.28
CA MET A 445 42.25 36.09 9.71
C MET A 445 41.45 34.98 9.01
N HIS A 446 41.92 34.55 7.85
CA HIS A 446 41.26 33.52 7.07
C HIS A 446 42.29 32.46 6.65
N THR A 447 41.94 31.19 6.84
CA THR A 447 42.84 30.08 6.51
C THR A 447 42.28 29.17 5.41
N PHE A 448 43.09 28.92 4.38
CA PHE A 448 42.68 28.08 3.28
C PHE A 448 43.56 26.86 3.13
N SER A 449 43.03 25.82 2.49
CA SER A 449 43.78 24.59 2.30
C SER A 449 44.14 24.32 0.85
N ASP A 450 43.65 25.13 -0.07
CA ASP A 450 44.00 24.93 -1.47
C ASP A 450 43.90 26.23 -2.26
N GLN A 451 44.40 26.19 -3.49
CA GLN A 451 44.41 27.36 -4.35
C GLN A 451 43.03 27.66 -4.92
N TRP A 452 42.17 26.64 -4.96
CA TRP A 452 40.84 26.79 -5.48
C TRP A 452 39.91 27.52 -4.52
N GLY A 453 39.78 26.98 -3.32
CA GLY A 453 38.92 27.61 -2.32
C GLY A 453 39.42 29.01 -2.04
N GLU A 454 40.74 29.20 -2.14
CA GLU A 454 41.31 30.52 -1.89
C GLU A 454 40.86 31.53 -2.94
N ARG A 455 40.85 31.14 -4.22
CA ARG A 455 40.39 32.08 -5.26
C ARG A 455 38.93 32.42 -5.00
N MET A 456 38.15 31.43 -4.60
CA MET A 456 36.74 31.64 -4.31
C MET A 456 36.56 32.74 -3.27
N TRP A 457 37.27 32.62 -2.15
CA TRP A 457 37.15 33.61 -1.11
C TRP A 457 37.70 34.94 -1.58
N LEU A 458 38.84 34.94 -2.26
CA LEU A 458 39.42 36.20 -2.74
C LEU A 458 38.48 36.97 -3.68
N ALA A 459 37.75 36.26 -4.53
CA ALA A 459 36.85 36.92 -5.47
C ALA A 459 35.48 37.20 -4.88
N GLU A 460 35.05 36.34 -3.97
CA GLU A 460 33.73 36.48 -3.38
C GLU A 460 33.77 36.42 -1.87
N PRO A 461 34.48 37.37 -1.24
CA PRO A 461 34.63 37.48 0.21
C PRO A 461 33.32 37.37 0.99
N GLU A 462 32.34 38.13 0.53
CA GLU A 462 31.06 38.20 1.17
C GLU A 462 30.22 36.93 1.12
N ARG A 463 30.63 35.95 0.32
CA ARG A 463 29.90 34.69 0.20
C ARG A 463 30.38 33.67 1.25
N TYR A 464 31.54 33.93 1.85
CA TYR A 464 32.12 33.00 2.80
C TYR A 464 32.54 33.60 4.13
N GLU A 465 31.59 33.74 5.04
CA GLU A 465 31.88 34.31 6.35
C GLU A 465 31.55 33.30 7.45
N CYS A 466 31.45 32.04 7.08
CA CYS A 466 31.09 30.99 8.05
C CYS A 466 32.09 30.91 9.20
N GLN A 467 31.66 31.26 10.41
CA GLN A 467 32.60 31.18 11.52
C GLN A 467 32.86 29.71 11.92
N ASN A 468 34.13 29.36 12.13
CA ASN A 468 34.48 27.98 12.48
C ASN A 468 34.37 27.63 13.97
N ILE A 469 34.40 26.33 14.28
CA ILE A 469 34.25 25.87 15.65
C ILE A 469 35.23 26.49 16.62
N PHE A 470 36.45 26.72 16.15
CA PHE A 470 37.49 27.32 16.99
C PHE A 470 37.20 28.78 17.29
N GLU A 471 36.61 29.48 16.33
CA GLU A 471 36.27 30.88 16.52
C GLU A 471 35.09 30.98 17.47
N GLN A 472 34.12 30.08 17.30
CA GLN A 472 32.92 30.07 18.14
C GLN A 472 33.18 29.50 19.52
N TYR A 473 33.98 28.44 19.60
CA TYR A 473 34.29 27.79 20.87
C TYR A 473 35.48 28.38 21.63
N GLU A 474 36.21 29.30 21.00
CA GLU A 474 37.37 29.93 21.62
C GLU A 474 37.21 30.29 23.11
N GLY A 475 38.14 29.81 23.94
CA GLY A 475 38.10 30.09 25.36
C GLY A 475 37.09 29.30 26.16
N ARG A 476 36.36 28.40 25.50
CA ARG A 476 35.36 27.59 26.17
C ARG A 476 35.93 26.22 26.57
N GLU A 477 35.49 25.71 27.72
CA GLU A 477 35.94 24.39 28.17
C GLU A 477 35.08 23.33 27.47
N LEU A 478 35.74 22.34 26.88
CA LEU A 478 35.06 21.29 26.13
C LEU A 478 33.73 20.82 26.73
N SER A 479 33.78 20.32 27.96
CA SER A 479 32.59 19.82 28.64
C SER A 479 31.40 20.78 28.60
N GLU A 480 31.67 22.08 28.71
CA GLU A 480 30.60 23.06 28.68
C GLU A 480 29.91 23.20 27.32
N VAL A 481 30.67 23.01 26.24
CA VAL A 481 30.10 23.10 24.91
C VAL A 481 29.16 21.93 24.69
N ILE A 482 29.65 20.73 25.02
CA ILE A 482 28.87 19.52 24.87
C ILE A 482 27.57 19.60 25.67
N ALA A 483 27.69 19.97 26.95
CA ALA A 483 26.51 20.07 27.81
C ALA A 483 25.54 21.11 27.26
N GLU A 484 26.06 22.25 26.85
CA GLU A 484 25.21 23.31 26.33
C GLU A 484 24.46 22.87 25.07
N LEU A 485 25.17 22.21 24.15
CA LEU A 485 24.55 21.77 22.91
C LEU A 485 23.88 20.39 22.98
N HIS A 486 23.53 20.00 24.20
CA HIS A 486 22.84 18.73 24.46
C HIS A 486 23.50 17.45 23.94
N GLY A 487 24.82 17.36 24.06
CA GLY A 487 25.52 16.18 23.59
C GLY A 487 25.52 15.01 24.54
N LEU A 488 24.43 14.82 25.26
CA LEU A 488 24.34 13.73 26.24
C LEU A 488 23.24 12.69 25.99
N ARG A 489 23.43 11.52 26.61
CA ARG A 489 22.47 10.43 26.51
C ARG A 489 21.36 10.72 27.49
N SER A 490 20.28 9.94 27.44
CA SER A 490 19.15 10.22 28.33
C SER A 490 19.49 10.17 29.83
N ASP A 491 20.56 9.48 30.21
CA ASP A 491 20.90 9.44 31.63
C ASP A 491 21.46 10.81 32.04
N GLY A 492 21.44 11.74 31.09
CA GLY A 492 21.92 13.08 31.36
C GLY A 492 23.36 13.18 31.81
N LYS A 493 24.06 12.05 31.87
CA LYS A 493 25.44 12.05 32.31
C LYS A 493 26.45 11.52 31.27
N THR A 494 26.06 10.49 30.54
CA THR A 494 26.96 9.88 29.55
C THR A 494 26.99 10.61 28.20
N LEU A 495 28.15 10.67 27.57
CA LEU A 495 28.31 11.34 26.27
C LEU A 495 27.71 10.54 25.13
N ILE A 496 27.09 11.22 24.17
CA ILE A 496 26.54 10.50 23.04
C ILE A 496 27.76 9.95 22.30
N ALA A 497 28.70 10.84 21.96
CA ALA A 497 29.91 10.44 21.25
C ALA A 497 30.79 9.56 22.14
N GLN A 498 31.64 8.75 21.49
CA GLN A 498 32.54 7.84 22.20
C GLN A 498 33.77 7.51 21.35
N PRO A 499 34.90 7.19 21.99
CA PRO A 499 36.13 6.87 21.27
C PRO A 499 36.26 5.38 20.98
N HIS A 500 35.22 4.62 21.30
CA HIS A 500 35.23 3.19 21.04
C HIS A 500 33.77 2.76 20.91
N VAL A 501 33.52 1.62 20.28
CA VAL A 501 32.15 1.16 20.08
C VAL A 501 31.71 -0.01 20.95
N ARG A 502 32.32 -0.17 22.11
CA ARG A 502 31.95 -1.26 23.01
C ARG A 502 30.80 -0.87 23.93
N GLY A 503 30.24 -1.84 24.62
CA GLY A 503 29.10 -1.57 25.50
C GLY A 503 29.34 -1.04 26.89
N ASP A 504 30.59 -0.98 27.33
CA ASP A 504 30.88 -0.46 28.66
C ASP A 504 32.08 0.47 28.61
N LYS A 505 32.35 1.13 29.74
CA LYS A 505 33.46 2.08 29.80
C LYS A 505 33.18 3.24 28.86
N LEU A 506 31.96 3.76 28.93
CA LEU A 506 31.56 4.88 28.09
C LEU A 506 31.93 6.15 28.84
N TRP A 507 32.54 7.11 28.14
CA TRP A 507 32.92 8.36 28.78
C TRP A 507 31.72 9.19 29.22
N THR A 508 31.86 9.89 30.33
CA THR A 508 30.80 10.75 30.84
C THR A 508 31.24 12.20 30.68
N LEU A 509 30.33 13.12 30.98
CA LEU A 509 30.64 14.54 30.85
C LEU A 509 31.79 14.91 31.77
N ASP A 510 31.77 14.35 32.97
CA ASP A 510 32.82 14.60 33.95
C ASP A 510 34.16 14.09 33.49
N ASP A 511 34.16 12.98 32.75
CA ASP A 511 35.41 12.43 32.25
C ASP A 511 36.04 13.45 31.31
N ILE A 512 35.21 14.15 30.55
CA ILE A 512 35.69 15.17 29.63
C ILE A 512 36.10 16.44 30.40
N LYS A 513 35.25 16.89 31.31
CA LYS A 513 35.57 18.09 32.09
C LYS A 513 36.94 17.94 32.78
N ARG A 514 37.14 16.80 33.43
CA ARG A 514 38.39 16.53 34.14
C ARG A 514 39.60 16.79 33.25
N LEU A 515 39.45 16.56 31.94
CA LEU A 515 40.52 16.80 30.98
C LEU A 515 40.85 18.29 30.93
N ASN A 516 39.85 19.09 31.25
CA ASN A 516 39.97 20.54 31.22
C ASN A 516 40.54 21.01 29.90
N CYS A 517 39.93 20.56 28.81
CA CYS A 517 40.36 20.96 27.48
C CYS A 517 39.69 22.30 27.24
N VAL A 518 40.45 23.26 26.72
CA VAL A 518 39.96 24.59 26.42
C VAL A 518 40.32 24.95 25.00
N PHE A 519 39.31 25.09 24.15
CA PHE A 519 39.55 25.41 22.75
C PHE A 519 40.29 26.72 22.62
N LYS A 520 41.01 26.85 21.51
CA LYS A 520 41.72 28.06 21.21
C LYS A 520 41.75 28.18 19.70
N ASN A 521 41.68 29.43 19.21
CA ASN A 521 41.70 29.68 17.79
C ASN A 521 43.14 29.60 17.26
N PRO A 522 43.49 28.47 16.62
CA PRO A 522 44.84 28.26 16.08
C PRO A 522 45.44 29.39 15.28
N VAL A 523 44.61 30.15 14.58
CA VAL A 523 45.11 31.24 13.75
C VAL A 523 45.64 32.44 14.55
N LYS A 524 45.27 32.53 15.84
CA LYS A 524 45.70 33.64 16.69
C LYS A 524 47.19 33.65 17.05
N ALA A 525 47.92 32.60 16.68
CA ALA A 525 49.34 32.57 16.98
C ALA A 525 50.07 33.45 15.97
N PHE A 526 49.46 33.66 14.81
CA PHE A 526 50.08 34.50 13.80
C PHE A 526 50.04 35.96 14.19
N ASN A 527 51.18 36.64 13.95
CA ASN A 527 51.35 38.06 14.22
C ASN A 527 51.15 38.77 12.89
N ARG B 18 -20.38 24.40 10.39
CA ARG B 18 -19.68 24.24 9.07
C ARG B 18 -18.33 23.54 9.26
N ALA B 19 -18.23 22.77 10.34
CA ALA B 19 -17.00 22.03 10.65
C ALA B 19 -16.90 20.73 9.85
N PRO B 20 -15.67 20.25 9.60
CA PRO B 20 -15.43 19.01 8.85
C PRO B 20 -15.83 17.74 9.61
N THR B 21 -16.91 17.11 9.15
CA THR B 21 -17.42 15.87 9.76
C THR B 21 -17.62 14.77 8.71
N SER B 22 -17.70 13.54 9.21
CA SER B 22 -17.88 12.37 8.35
C SER B 22 -18.66 11.29 9.10
N VAL B 23 -18.77 10.11 8.50
CA VAL B 23 -19.48 9.01 9.13
C VAL B 23 -18.64 7.72 9.00
N ASN B 24 -18.52 6.97 10.11
CA ASN B 24 -17.73 5.73 10.10
C ASN B 24 -18.58 4.47 10.16
N ALA B 25 -17.96 3.34 9.85
CA ALA B 25 -18.64 2.04 9.84
C ALA B 25 -19.54 1.78 11.05
N GLN B 26 -19.01 2.00 12.25
CA GLN B 26 -19.76 1.80 13.48
C GLN B 26 -21.15 2.46 13.42
N GLU B 27 -21.17 3.71 12.97
CA GLU B 27 -22.41 4.50 12.87
C GLU B 27 -23.43 3.96 11.85
N VAL B 28 -22.94 3.41 10.74
CA VAL B 28 -23.83 2.87 9.70
C VAL B 28 -24.31 1.47 10.07
N HIS B 29 -23.46 0.72 10.75
CA HIS B 29 -23.78 -0.64 11.17
C HIS B 29 -24.84 -0.64 12.27
N ARG B 30 -25.13 0.55 12.80
CA ARG B 30 -26.13 0.68 13.85
C ARG B 30 -27.50 0.37 13.27
N TRP B 31 -27.60 0.43 11.94
CA TRP B 31 -28.86 0.19 11.25
C TRP B 31 -28.87 -1.01 10.31
N LEU B 32 -27.78 -1.77 10.27
CA LEU B 32 -27.70 -2.93 9.38
C LEU B 32 -28.62 -4.06 9.81
N GLN B 33 -28.80 -4.21 11.12
CA GLN B 33 -29.65 -5.27 11.65
C GLN B 33 -31.07 -5.26 11.06
N SER B 34 -31.58 -4.06 10.80
CA SER B 34 -32.93 -3.92 10.25
C SER B 34 -33.01 -4.12 8.74
N PHE B 35 -31.87 -4.04 8.05
CA PHE B 35 -31.83 -4.20 6.60
C PHE B 35 -32.70 -5.33 6.08
N ASN B 36 -32.77 -6.42 6.84
CA ASN B 36 -33.57 -7.57 6.45
C ASN B 36 -35.03 -7.36 6.82
N TRP B 37 -35.93 -7.75 5.92
CA TRP B 37 -37.36 -7.61 6.17
C TRP B 37 -37.99 -8.98 6.05
N ASP B 38 -38.94 -9.27 6.93
CA ASP B 38 -39.61 -10.56 6.94
C ASP B 38 -40.67 -10.63 5.87
N PHE B 39 -40.91 -11.84 5.37
CA PHE B 39 -41.93 -12.05 4.35
C PHE B 39 -42.19 -13.54 4.11
N LYS B 40 -43.02 -13.83 3.11
CA LYS B 40 -43.41 -15.19 2.74
C LYS B 40 -42.34 -16.26 2.97
N ASN B 41 -41.44 -16.41 2.00
CA ASN B 41 -40.39 -17.42 2.07
C ASN B 41 -39.02 -16.92 2.54
N ASN B 42 -39.00 -15.94 3.42
CA ASN B 42 -37.73 -15.43 3.93
C ASN B 42 -37.19 -16.52 4.85
N ARG B 43 -36.55 -17.51 4.25
CA ARG B 43 -35.99 -18.64 4.99
C ARG B 43 -34.81 -19.26 4.26
N THR B 44 -34.05 -20.10 4.97
CA THR B 44 -32.88 -20.77 4.40
C THR B 44 -33.22 -21.78 3.33
N LYS B 45 -32.37 -21.87 2.32
CA LYS B 45 -32.57 -22.81 1.23
C LYS B 45 -31.91 -24.14 1.58
N TYR B 46 -31.16 -24.15 2.67
CA TYR B 46 -30.46 -25.37 3.10
C TYR B 46 -31.11 -26.13 4.25
N ALA B 47 -31.00 -27.45 4.17
CA ALA B 47 -31.54 -28.34 5.19
C ALA B 47 -30.72 -28.19 6.46
N THR B 48 -31.39 -28.15 7.60
CA THR B 48 -30.71 -28.01 8.88
C THR B 48 -31.67 -28.34 10.02
N LYS B 49 -31.16 -29.04 11.03
CA LYS B 49 -31.96 -29.43 12.18
C LYS B 49 -32.11 -28.27 13.16
N TYR B 50 -31.29 -27.25 12.99
CA TYR B 50 -31.29 -26.10 13.88
C TYR B 50 -31.93 -24.84 13.30
N LYS B 51 -32.50 -24.03 14.19
CA LYS B 51 -33.15 -22.78 13.82
C LYS B 51 -32.34 -21.61 14.38
N MET B 52 -31.87 -20.73 13.51
CA MET B 52 -31.07 -19.59 13.92
C MET B 52 -31.92 -18.35 14.22
N ALA B 53 -31.87 -17.90 15.46
CA ALA B 53 -32.62 -16.72 15.91
C ALA B 53 -32.27 -15.49 15.06
N ASN B 54 -33.29 -14.79 14.59
CA ASN B 54 -33.08 -13.60 13.77
C ASN B 54 -32.77 -12.33 14.57
N GLU B 55 -32.43 -12.51 15.84
CA GLU B 55 -32.11 -11.37 16.70
C GLU B 55 -30.61 -11.33 16.98
N THR B 56 -29.90 -12.38 16.53
CA THR B 56 -28.46 -12.50 16.72
C THR B 56 -27.67 -11.30 16.20
N LYS B 57 -26.65 -10.91 16.95
CA LYS B 57 -25.80 -9.79 16.58
C LYS B 57 -24.39 -10.27 16.30
N GLU B 58 -23.60 -9.48 15.56
CA GLU B 58 -22.23 -9.84 15.26
C GLU B 58 -21.28 -9.03 16.13
N GLN B 59 -20.12 -9.59 16.45
CA GLN B 59 -19.15 -8.93 17.30
C GLN B 59 -18.47 -7.69 16.71
N PHE B 60 -18.30 -7.67 15.39
CA PHE B 60 -17.64 -6.54 14.75
C PHE B 60 -18.60 -5.74 13.87
N LYS B 61 -18.65 -4.44 14.12
CA LYS B 61 -19.54 -3.52 13.40
C LYS B 61 -18.88 -2.96 12.14
N LEU B 62 -18.80 -3.79 11.11
CA LEU B 62 -18.17 -3.42 9.84
C LEU B 62 -19.11 -3.31 8.65
N ILE B 63 -18.65 -2.57 7.64
CA ILE B 63 -19.38 -2.40 6.40
C ILE B 63 -18.34 -2.73 5.33
N ALA B 64 -18.79 -3.10 4.14
CA ALA B 64 -17.89 -3.45 3.05
C ALA B 64 -16.67 -2.52 2.92
N LYS B 65 -16.93 -1.21 2.90
CA LYS B 65 -15.85 -0.23 2.79
C LYS B 65 -14.77 -0.37 3.87
N GLU B 66 -15.17 -0.41 5.14
CA GLU B 66 -14.20 -0.52 6.22
C GLU B 66 -13.51 -1.90 6.23
N TYR B 67 -14.25 -2.95 5.86
CA TYR B 67 -13.66 -4.29 5.81
C TYR B 67 -12.52 -4.25 4.80
N ALA B 68 -12.83 -3.75 3.61
CA ALA B 68 -11.87 -3.65 2.53
C ALA B 68 -10.62 -2.90 2.94
N ARG B 69 -10.81 -1.79 3.63
CA ARG B 69 -9.68 -0.97 4.07
C ARG B 69 -8.74 -1.65 5.05
N MET B 70 -9.28 -2.28 6.08
CA MET B 70 -8.42 -2.92 7.06
C MET B 70 -7.67 -4.11 6.47
N GLU B 71 -8.26 -4.72 5.45
CA GLU B 71 -7.66 -5.85 4.77
C GLU B 71 -6.58 -5.37 3.80
N ALA B 72 -6.82 -4.23 3.16
CA ALA B 72 -5.88 -3.66 2.20
C ALA B 72 -4.59 -3.23 2.88
N VAL B 73 -4.73 -2.68 4.09
CA VAL B 73 -3.59 -2.23 4.86
C VAL B 73 -2.69 -3.43 5.20
N LYS B 74 -3.31 -4.58 5.45
CA LYS B 74 -2.55 -5.79 5.75
C LYS B 74 -1.83 -6.27 4.50
N ASP B 75 -2.51 -6.18 3.35
CA ASP B 75 -1.92 -6.60 2.08
C ASP B 75 -0.65 -5.81 1.78
N GLU B 76 -0.74 -4.49 1.98
CA GLU B 76 0.38 -3.57 1.74
C GLU B 76 1.64 -4.09 2.39
N ARG B 77 1.57 -4.30 3.70
CA ARG B 77 2.70 -4.79 4.48
C ARG B 77 3.20 -6.13 3.96
N GLN B 78 2.28 -7.07 3.84
CA GLN B 78 2.58 -8.41 3.38
C GLN B 78 3.30 -8.44 2.04
N PHE B 79 2.65 -7.91 1.01
CA PHE B 79 3.24 -7.94 -0.33
C PHE B 79 4.46 -7.05 -0.41
N GLY B 80 4.49 -6.00 0.40
CA GLY B 80 5.63 -5.11 0.42
C GLY B 80 6.84 -5.90 0.88
N SER B 81 6.68 -6.63 1.99
CA SER B 81 7.78 -7.44 2.52
C SER B 81 8.20 -8.48 1.49
N LEU B 82 7.23 -9.19 0.93
CA LEU B 82 7.53 -10.22 -0.06
C LEU B 82 8.25 -9.74 -1.31
N GLN B 83 7.67 -8.76 -1.99
CA GLN B 83 8.25 -8.26 -3.24
C GLN B 83 9.54 -7.48 -3.07
N ASP B 84 9.73 -6.87 -1.90
CA ASP B 84 10.91 -6.07 -1.66
C ASP B 84 12.05 -6.70 -0.85
N ALA B 85 12.07 -6.44 0.45
CA ALA B 85 13.14 -6.95 1.31
C ALA B 85 13.37 -8.46 1.26
N LEU B 86 12.29 -9.24 1.38
CA LEU B 86 12.43 -10.69 1.35
C LEU B 86 13.02 -11.17 0.04
N THR B 87 12.60 -10.55 -1.07
CA THR B 87 13.14 -10.94 -2.36
C THR B 87 14.63 -10.58 -2.44
N ARG B 88 14.99 -9.42 -1.89
CA ARG B 88 16.38 -8.96 -1.88
C ARG B 88 17.26 -9.86 -1.02
N LEU B 89 16.68 -10.43 0.03
CA LEU B 89 17.40 -11.32 0.94
C LEU B 89 17.41 -12.73 0.39
N ASN B 90 16.72 -12.95 -0.73
CA ASN B 90 16.68 -14.27 -1.35
C ASN B 90 16.00 -15.25 -0.40
N ALA B 91 14.98 -14.77 0.31
CA ALA B 91 14.26 -15.59 1.27
C ALA B 91 13.57 -16.78 0.67
N GLY B 92 13.27 -16.72 -0.62
CA GLY B 92 12.60 -17.83 -1.26
C GLY B 92 13.53 -19.01 -1.45
N VAL B 93 14.84 -18.76 -1.37
CA VAL B 93 15.83 -19.81 -1.58
C VAL B 93 16.50 -20.37 -0.31
N ARG B 94 16.91 -19.47 0.58
CA ARG B 94 17.63 -19.87 1.78
C ARG B 94 16.77 -20.58 2.82
N VAL B 95 16.06 -21.60 2.36
CA VAL B 95 15.18 -22.40 3.18
C VAL B 95 15.66 -23.85 3.09
N HIS B 96 15.47 -24.62 4.16
CA HIS B 96 15.92 -25.99 4.12
C HIS B 96 15.11 -26.78 3.10
N PRO B 97 15.79 -27.63 2.31
CA PRO B 97 15.11 -28.44 1.29
C PRO B 97 13.88 -29.17 1.79
N LYS B 98 13.98 -29.78 2.97
CA LYS B 98 12.82 -30.52 3.48
C LYS B 98 11.62 -29.60 3.65
N TRP B 99 11.87 -28.37 4.11
CA TRP B 99 10.79 -27.42 4.33
C TRP B 99 10.22 -26.87 3.04
N ASN B 100 11.07 -26.69 2.04
CA ASN B 100 10.60 -26.21 0.75
C ASN B 100 9.54 -27.18 0.26
N GLU B 101 9.79 -28.47 0.45
CA GLU B 101 8.87 -29.51 0.04
C GLU B 101 7.60 -29.51 0.90
N THR B 102 7.80 -29.46 2.21
CA THR B 102 6.69 -29.46 3.15
C THR B 102 5.66 -28.36 2.85
N MET B 103 6.17 -27.18 2.50
CA MET B 103 5.30 -26.06 2.19
C MET B 103 4.45 -26.26 0.94
N LYS B 104 4.84 -27.17 0.07
CA LYS B 104 4.04 -27.43 -1.12
C LYS B 104 2.73 -28.06 -0.62
N VAL B 105 2.85 -28.96 0.35
CA VAL B 105 1.69 -29.65 0.91
C VAL B 105 0.91 -28.75 1.86
N VAL B 106 1.62 -28.16 2.81
CA VAL B 106 0.97 -27.30 3.79
C VAL B 106 0.18 -26.17 3.15
N SER B 107 0.83 -25.40 2.29
CA SER B 107 0.16 -24.27 1.66
C SER B 107 -1.00 -24.65 0.74
N ASN B 108 -0.80 -25.62 -0.14
CA ASN B 108 -1.86 -26.01 -1.04
C ASN B 108 -3.00 -26.76 -0.36
N PHE B 109 -2.68 -27.56 0.64
CA PHE B 109 -3.73 -28.29 1.34
C PHE B 109 -4.55 -27.29 2.15
N LEU B 110 -3.88 -26.32 2.76
CA LEU B 110 -4.61 -25.31 3.51
C LEU B 110 -5.38 -24.43 2.53
N GLU B 111 -4.86 -24.30 1.30
CA GLU B 111 -5.54 -23.51 0.29
C GLU B 111 -6.94 -24.03 0.04
N VAL B 112 -7.09 -25.36 -0.04
CA VAL B 112 -8.41 -25.92 -0.29
C VAL B 112 -9.30 -25.81 0.95
N GLY B 113 -8.68 -25.79 2.12
CA GLY B 113 -9.44 -25.64 3.34
C GLY B 113 -10.02 -24.24 3.33
N GLU B 114 -9.19 -23.27 2.94
CA GLU B 114 -9.68 -21.90 2.87
C GLU B 114 -10.77 -21.81 1.81
N TYR B 115 -10.48 -22.33 0.61
CA TYR B 115 -11.44 -22.28 -0.49
C TYR B 115 -12.79 -22.91 -0.17
N ASN B 116 -12.81 -24.03 0.54
CA ASN B 116 -14.09 -24.62 0.86
C ASN B 116 -14.74 -23.85 1.99
N ALA B 117 -13.93 -23.19 2.81
CA ALA B 117 -14.47 -22.39 3.90
C ALA B 117 -15.34 -21.28 3.28
N ILE B 118 -14.96 -20.85 2.07
CA ILE B 118 -15.70 -19.81 1.36
C ILE B 118 -17.14 -20.25 1.14
N ALA B 119 -17.28 -21.41 0.50
CA ALA B 119 -18.59 -21.94 0.19
C ALA B 119 -19.36 -22.25 1.47
N ALA B 120 -18.66 -22.79 2.47
CA ALA B 120 -19.29 -23.13 3.74
C ALA B 120 -19.86 -21.92 4.46
N THR B 121 -19.11 -20.82 4.52
CA THR B 121 -19.61 -19.64 5.19
C THR B 121 -20.73 -18.99 4.35
N GLY B 122 -20.68 -19.20 3.04
CA GLY B 122 -21.73 -18.67 2.19
C GLY B 122 -23.03 -19.39 2.56
N MET B 123 -22.88 -20.67 2.92
CA MET B 123 -24.01 -21.49 3.34
C MET B 123 -24.49 -21.03 4.72
N LEU B 124 -23.55 -20.66 5.58
CA LEU B 124 -23.91 -20.18 6.90
C LEU B 124 -24.62 -18.83 6.76
N TRP B 125 -24.15 -18.03 5.81
CA TRP B 125 -24.72 -16.73 5.51
C TRP B 125 -26.19 -16.91 5.09
N ASP B 126 -26.44 -17.94 4.30
CA ASP B 126 -27.79 -18.24 3.83
C ASP B 126 -28.66 -18.69 4.99
N SER B 127 -28.06 -19.47 5.90
CA SER B 127 -28.76 -19.99 7.08
C SER B 127 -29.16 -18.89 8.08
N ALA B 128 -28.24 -17.99 8.37
CA ALA B 128 -28.54 -16.90 9.30
C ALA B 128 -29.74 -16.10 8.79
N GLN B 129 -30.60 -15.68 9.71
CA GLN B 129 -31.78 -14.91 9.35
C GLN B 129 -31.64 -13.46 9.82
N ALA B 130 -30.83 -13.25 10.85
CA ALA B 130 -30.59 -11.91 11.38
C ALA B 130 -29.59 -11.27 10.42
N ALA B 131 -29.86 -10.04 9.99
CA ALA B 131 -28.97 -9.35 9.06
C ALA B 131 -27.54 -9.26 9.60
N GLU B 132 -27.40 -9.08 10.91
CA GLU B 132 -26.08 -8.97 11.53
C GLU B 132 -25.32 -10.29 11.52
N GLN B 133 -26.01 -11.40 11.75
CA GLN B 133 -25.36 -12.68 11.72
C GLN B 133 -24.96 -12.99 10.27
N LYS B 134 -25.77 -12.52 9.32
CA LYS B 134 -25.48 -12.73 7.89
C LYS B 134 -24.25 -11.90 7.53
N ASN B 135 -24.17 -10.70 8.11
CA ASN B 135 -23.06 -9.80 7.85
C ASN B 135 -21.74 -10.36 8.42
N GLY B 136 -21.83 -11.00 9.58
CA GLY B 136 -20.65 -11.57 10.19
C GLY B 136 -20.06 -12.64 9.28
N TYR B 137 -20.93 -13.50 8.76
CA TYR B 137 -20.51 -14.57 7.86
C TYR B 137 -20.00 -14.00 6.54
N LEU B 138 -20.61 -12.92 6.07
CA LEU B 138 -20.20 -12.29 4.82
C LEU B 138 -18.75 -11.88 4.89
N ALA B 139 -18.37 -11.25 6.01
CA ALA B 139 -17.00 -10.82 6.21
C ALA B 139 -16.08 -12.04 6.11
N GLN B 140 -16.54 -13.16 6.66
CA GLN B 140 -15.77 -14.39 6.62
C GLN B 140 -15.67 -14.95 5.21
N VAL B 141 -16.75 -14.84 4.44
CA VAL B 141 -16.74 -15.34 3.07
C VAL B 141 -15.61 -14.64 2.33
N LEU B 142 -15.51 -13.34 2.52
CA LEU B 142 -14.48 -12.54 1.87
C LEU B 142 -13.10 -12.82 2.48
N ASP B 143 -13.07 -13.18 3.75
CA ASP B 143 -11.80 -13.50 4.40
C ASP B 143 -11.24 -14.81 3.86
N GLU B 144 -12.10 -15.82 3.76
CA GLU B 144 -11.67 -17.13 3.27
C GLU B 144 -11.18 -17.03 1.83
N ILE B 145 -11.77 -16.11 1.06
CA ILE B 145 -11.36 -15.92 -0.31
C ILE B 145 -9.96 -15.35 -0.25
N ARG B 146 -9.72 -14.43 0.68
CA ARG B 146 -8.40 -13.84 0.82
C ARG B 146 -7.37 -14.89 1.21
N HIS B 147 -7.79 -15.83 2.05
CA HIS B 147 -6.89 -16.87 2.51
C HIS B 147 -6.57 -17.85 1.40
N THR B 148 -7.56 -18.08 0.53
CA THR B 148 -7.35 -18.97 -0.60
C THR B 148 -6.23 -18.35 -1.42
N HIS B 149 -6.42 -17.08 -1.74
CA HIS B 149 -5.45 -16.35 -2.53
C HIS B 149 -4.09 -16.17 -1.85
N GLN B 150 -4.07 -16.16 -0.52
CA GLN B 150 -2.83 -16.03 0.23
C GLN B 150 -2.06 -17.34 0.19
N CYS B 151 -2.76 -18.44 0.46
CA CYS B 151 -2.09 -19.74 0.42
C CYS B 151 -1.58 -19.97 -0.98
N ALA B 152 -2.37 -19.54 -1.97
CA ALA B 152 -1.99 -19.70 -3.35
C ALA B 152 -0.74 -18.90 -3.61
N TYR B 153 -0.64 -17.74 -2.97
CA TYR B 153 0.52 -16.88 -3.17
C TYR B 153 1.80 -17.47 -2.59
N VAL B 154 1.69 -18.22 -1.50
CA VAL B 154 2.89 -18.84 -0.91
C VAL B 154 3.49 -19.82 -1.91
N ASN B 155 2.64 -20.65 -2.51
CA ASN B 155 3.09 -21.62 -3.49
C ASN B 155 3.62 -20.88 -4.72
N TYR B 156 2.88 -19.86 -5.12
CA TYR B 156 3.23 -19.04 -6.27
C TYR B 156 4.59 -18.40 -6.06
N TYR B 157 4.82 -17.91 -4.85
CA TYR B 157 6.09 -17.28 -4.54
C TYR B 157 7.23 -18.29 -4.46
N PHE B 158 7.01 -19.43 -3.81
CA PHE B 158 8.09 -20.41 -3.72
C PHE B 158 8.38 -21.04 -5.08
N ALA B 159 7.41 -21.00 -5.98
CA ALA B 159 7.62 -21.55 -7.31
C ALA B 159 8.43 -20.56 -8.12
N LYS B 160 8.14 -19.28 -7.95
CA LYS B 160 8.86 -18.26 -8.69
C LYS B 160 10.29 -18.05 -8.21
N ASN B 161 10.49 -18.08 -6.89
CA ASN B 161 11.81 -17.81 -6.34
C ASN B 161 12.49 -18.95 -5.59
N GLY B 162 11.84 -20.11 -5.51
CA GLY B 162 12.39 -21.22 -4.76
C GLY B 162 13.39 -22.17 -5.41
N GLN B 163 13.87 -23.12 -4.61
CA GLN B 163 14.85 -24.11 -5.03
C GLN B 163 14.26 -25.28 -5.80
N ASP B 164 12.94 -25.44 -5.77
CA ASP B 164 12.27 -26.51 -6.49
C ASP B 164 10.80 -26.20 -6.70
N PRO B 165 10.47 -25.56 -7.84
CA PRO B 165 9.12 -25.14 -8.26
C PRO B 165 8.09 -26.24 -8.44
N ALA B 166 8.50 -27.39 -8.97
CA ALA B 166 7.59 -28.50 -9.20
C ALA B 166 6.85 -28.86 -7.92
N GLY B 167 5.53 -28.99 -8.02
CA GLY B 167 4.74 -29.29 -6.84
C GLY B 167 4.15 -27.97 -6.40
N HIS B 168 5.01 -26.96 -6.23
CA HIS B 168 4.55 -25.62 -5.87
C HIS B 168 3.78 -25.04 -7.05
N ASN B 169 4.28 -25.32 -8.25
CA ASN B 169 3.69 -24.79 -9.46
C ASN B 169 2.47 -25.52 -10.01
N ASP B 170 2.22 -26.74 -9.55
CA ASP B 170 1.05 -27.47 -10.07
C ASP B 170 0.30 -28.34 -9.08
N ALA B 171 0.47 -28.06 -7.78
CA ALA B 171 -0.19 -28.85 -6.75
C ALA B 171 -1.67 -29.04 -7.00
N ARG B 172 -2.33 -28.04 -7.56
CA ARG B 172 -3.75 -28.14 -7.80
C ARG B 172 -4.15 -29.31 -8.69
N ARG B 173 -3.21 -29.84 -9.47
CA ARG B 173 -3.52 -31.01 -10.28
C ARG B 173 -2.67 -32.20 -9.85
N THR B 174 -1.44 -31.96 -9.40
CA THR B 174 -0.59 -33.07 -8.98
C THR B 174 -0.95 -33.62 -7.59
N ARG B 175 -1.76 -32.88 -6.83
CA ARG B 175 -2.16 -33.31 -5.50
C ARG B 175 -3.10 -34.51 -5.62
N THR B 176 -3.69 -34.67 -6.80
CA THR B 176 -4.66 -35.74 -7.04
C THR B 176 -4.10 -37.14 -7.20
N ILE B 177 -2.77 -37.24 -7.31
CA ILE B 177 -2.13 -38.54 -7.46
C ILE B 177 -2.06 -39.30 -6.14
N GLY B 178 -1.71 -38.58 -5.07
CA GLY B 178 -1.54 -39.20 -3.77
C GLY B 178 -2.73 -39.36 -2.84
N PRO B 179 -2.62 -40.30 -1.89
CA PRO B 179 -3.67 -40.59 -0.92
C PRO B 179 -3.87 -39.56 0.20
N LEU B 180 -2.81 -38.85 0.58
CA LEU B 180 -2.94 -37.86 1.66
C LEU B 180 -3.96 -36.75 1.33
N TRP B 181 -4.07 -36.42 0.05
CA TRP B 181 -4.98 -35.38 -0.44
C TRP B 181 -6.46 -35.66 -0.19
N LYS B 182 -6.86 -36.92 -0.32
CA LYS B 182 -8.25 -37.33 -0.12
C LYS B 182 -8.81 -36.97 1.25
N GLY B 183 -8.03 -37.24 2.29
CA GLY B 183 -8.46 -36.93 3.64
C GLY B 183 -8.54 -35.45 3.86
N MET B 184 -7.80 -34.69 3.06
CA MET B 184 -7.82 -33.24 3.19
C MET B 184 -9.16 -32.68 2.72
N LYS B 185 -9.69 -33.25 1.64
CA LYS B 185 -10.97 -32.78 1.12
C LYS B 185 -12.09 -33.12 2.09
N ARG B 186 -11.85 -34.09 2.95
CA ARG B 186 -12.86 -34.55 3.93
C ARG B 186 -13.02 -33.59 5.10
N VAL B 187 -11.90 -33.20 5.71
CA VAL B 187 -11.92 -32.31 6.86
C VAL B 187 -12.03 -30.84 6.51
N PHE B 188 -11.41 -30.46 5.39
CA PHE B 188 -11.42 -29.06 4.98
C PHE B 188 -12.13 -28.74 3.68
N SER B 189 -12.94 -29.68 3.19
CA SER B 189 -13.70 -29.46 1.96
C SER B 189 -15.12 -29.94 2.12
N ASP B 190 -15.30 -31.27 2.02
CA ASP B 190 -16.61 -31.86 2.15
C ASP B 190 -17.12 -31.73 3.58
N GLY B 191 -16.24 -31.89 4.55
CA GLY B 191 -16.64 -31.76 5.95
C GLY B 191 -17.06 -30.34 6.24
N PHE B 192 -16.63 -29.42 5.39
CA PHE B 192 -16.94 -28.01 5.55
C PHE B 192 -18.27 -27.61 4.91
N ILE B 193 -18.60 -28.22 3.78
CA ILE B 193 -19.83 -27.85 3.08
C ILE B 193 -20.90 -28.93 2.94
N SER B 194 -20.52 -30.19 3.09
CA SER B 194 -21.47 -31.29 2.95
C SER B 194 -22.12 -31.75 4.25
N GLY B 195 -23.40 -31.43 4.41
CA GLY B 195 -24.13 -31.81 5.61
C GLY B 195 -24.88 -30.66 6.24
N ASP B 196 -25.48 -30.91 7.39
CA ASP B 196 -26.23 -29.89 8.12
C ASP B 196 -25.31 -28.66 8.28
N ALA B 197 -25.84 -27.49 7.97
CA ALA B 197 -25.06 -26.26 8.07
C ALA B 197 -24.40 -26.14 9.45
N VAL B 198 -25.10 -26.60 10.48
CA VAL B 198 -24.58 -26.55 11.84
C VAL B 198 -23.46 -27.56 12.02
N GLU B 199 -23.55 -28.66 11.29
CA GLU B 199 -22.52 -29.71 11.34
C GLU B 199 -21.27 -29.18 10.62
N CYS B 200 -21.51 -28.50 9.50
CA CYS B 200 -20.43 -27.90 8.70
C CYS B 200 -19.80 -26.74 9.47
N SER B 201 -20.64 -26.02 10.22
CA SER B 201 -20.22 -24.88 11.02
C SER B 201 -19.21 -25.35 12.07
N LEU B 202 -19.50 -26.50 12.68
CA LEU B 202 -18.65 -27.07 13.71
C LEU B 202 -17.35 -27.61 13.11
N ASN B 203 -17.46 -28.25 11.94
CA ASN B 203 -16.28 -28.80 11.28
C ASN B 203 -15.31 -27.69 10.91
N LEU B 204 -15.86 -26.52 10.58
CA LEU B 204 -15.06 -25.36 10.18
C LEU B 204 -14.63 -24.44 11.31
N GLN B 205 -15.59 -23.89 12.04
CA GLN B 205 -15.31 -22.93 13.11
C GLN B 205 -15.12 -23.45 14.54
N LEU B 206 -16.12 -24.14 15.07
CA LEU B 206 -16.07 -24.65 16.44
C LEU B 206 -15.01 -25.72 16.71
N VAL B 207 -14.61 -26.46 15.68
CA VAL B 207 -13.60 -27.51 15.83
C VAL B 207 -12.41 -27.29 14.91
N GLY B 208 -12.67 -27.25 13.61
CA GLY B 208 -11.61 -27.05 12.64
C GLY B 208 -10.72 -25.86 12.94
N GLU B 209 -11.27 -24.66 12.81
CA GLU B 209 -10.56 -23.41 13.07
C GLU B 209 -10.08 -23.27 14.51
N ALA B 210 -11.02 -23.38 15.46
CA ALA B 210 -10.73 -23.24 16.88
C ALA B 210 -9.76 -24.26 17.47
N CYS B 211 -9.93 -25.54 17.15
CA CYS B 211 -9.05 -26.58 17.70
C CYS B 211 -7.74 -26.80 16.96
N PHE B 212 -7.78 -26.67 15.63
CA PHE B 212 -6.59 -26.90 14.82
C PHE B 212 -6.12 -25.68 14.00
N THR B 213 -6.82 -25.40 12.91
CA THR B 213 -6.48 -24.30 12.00
C THR B 213 -5.67 -23.16 12.62
N ASN B 214 -6.27 -22.43 13.56
CA ASN B 214 -5.60 -21.31 14.21
C ASN B 214 -4.28 -21.60 14.93
N PRO B 215 -4.31 -22.38 16.03
CA PRO B 215 -3.05 -22.70 16.73
C PRO B 215 -2.05 -23.26 15.74
N LEU B 216 -2.59 -23.85 14.67
CA LEU B 216 -1.79 -24.44 13.61
C LEU B 216 -1.09 -23.37 12.78
N ILE B 217 -1.86 -22.36 12.36
CA ILE B 217 -1.29 -21.27 11.56
C ILE B 217 -0.06 -20.72 12.27
N VAL B 218 -0.19 -20.47 13.57
CA VAL B 218 0.90 -19.95 14.38
C VAL B 218 2.07 -20.92 14.37
N ALA B 219 1.77 -22.18 14.66
CA ALA B 219 2.80 -23.21 14.69
C ALA B 219 3.56 -23.26 13.36
N VAL B 220 2.83 -23.22 12.25
CA VAL B 220 3.48 -23.27 10.95
C VAL B 220 4.50 -22.16 10.83
N THR B 221 4.13 -20.95 11.25
CA THR B 221 5.06 -19.82 11.17
C THR B 221 6.30 -20.10 12.03
N GLU B 222 6.13 -20.83 13.12
CA GLU B 222 7.25 -21.14 14.00
C GLU B 222 8.18 -22.16 13.34
N TRP B 223 7.62 -23.27 12.88
CA TRP B 223 8.41 -24.29 12.22
C TRP B 223 9.06 -23.70 10.97
N ALA B 224 8.35 -22.80 10.29
CA ALA B 224 8.89 -22.17 9.09
C ALA B 224 10.11 -21.31 9.44
N ALA B 225 9.97 -20.46 10.45
CA ALA B 225 11.09 -19.60 10.85
C ALA B 225 12.32 -20.42 11.23
N ALA B 226 12.10 -21.51 11.96
CA ALA B 226 13.21 -22.36 12.38
C ALA B 226 13.93 -22.99 11.17
N ASN B 227 13.24 -23.11 10.04
CA ASN B 227 13.87 -23.72 8.89
C ASN B 227 14.24 -22.75 7.76
N GLY B 228 14.39 -21.48 8.13
CA GLY B 228 14.78 -20.46 7.18
C GLY B 228 13.69 -19.85 6.31
N ASP B 229 12.45 -20.24 6.54
CA ASP B 229 11.33 -19.74 5.76
C ASP B 229 10.70 -18.50 6.38
N GLU B 230 10.92 -17.35 5.75
CA GLU B 230 10.36 -16.08 6.22
C GLU B 230 9.17 -15.66 5.37
N ILE B 231 8.94 -16.41 4.30
CA ILE B 231 7.83 -16.17 3.37
C ILE B 231 6.50 -16.54 4.03
N THR B 232 6.43 -17.75 4.55
CA THR B 232 5.22 -18.24 5.18
C THR B 232 4.79 -17.42 6.39
N PRO B 233 5.74 -17.05 7.26
CA PRO B 233 5.35 -16.26 8.43
C PRO B 233 4.71 -14.94 7.96
N THR B 234 5.32 -14.31 6.97
CA THR B 234 4.82 -13.04 6.43
C THR B 234 3.37 -13.11 6.00
N VAL B 235 2.98 -14.22 5.37
CA VAL B 235 1.61 -14.39 4.91
C VAL B 235 0.69 -14.97 5.98
N PHE B 236 1.09 -16.09 6.57
CA PHE B 236 0.26 -16.74 7.58
C PHE B 236 -0.03 -15.90 8.82
N LEU B 237 0.93 -15.09 9.24
CA LEU B 237 0.67 -14.26 10.41
C LEU B 237 -0.46 -13.30 10.05
N SER B 238 -0.50 -12.90 8.78
CA SER B 238 -1.54 -12.00 8.28
C SER B 238 -2.88 -12.71 8.25
N ILE B 239 -2.87 -13.99 7.91
CA ILE B 239 -4.09 -14.77 7.86
C ILE B 239 -4.63 -14.92 9.27
N GLU B 240 -3.74 -15.09 10.24
CA GLU B 240 -4.16 -15.25 11.62
C GLU B 240 -4.98 -14.07 12.10
N THR B 241 -4.49 -12.86 11.83
CA THR B 241 -5.20 -11.65 12.26
C THR B 241 -6.68 -11.74 11.87
N ASP B 242 -6.95 -12.16 10.63
CA ASP B 242 -8.32 -12.32 10.14
C ASP B 242 -9.05 -13.38 10.95
N GLU B 243 -8.40 -14.53 11.12
CA GLU B 243 -8.98 -15.62 11.87
C GLU B 243 -9.33 -15.28 13.31
N LEU B 244 -8.60 -14.34 13.91
CA LEU B 244 -8.89 -13.93 15.27
C LEU B 244 -10.31 -13.38 15.31
N ARG B 245 -10.85 -13.04 14.14
CA ARG B 245 -12.22 -12.52 14.06
C ARG B 245 -13.23 -13.64 13.86
N HIS B 246 -12.86 -14.67 13.10
CA HIS B 246 -13.77 -15.79 12.87
C HIS B 246 -13.99 -16.54 14.18
N MET B 247 -13.00 -16.49 15.06
CA MET B 247 -13.10 -17.13 16.37
C MET B 247 -14.29 -16.56 17.11
N ALA B 248 -14.27 -15.24 17.30
CA ALA B 248 -15.34 -14.54 17.99
C ALA B 248 -16.70 -14.81 17.34
N ASN B 249 -16.67 -15.09 16.04
CA ASN B 249 -17.89 -15.38 15.28
C ASN B 249 -18.25 -16.86 15.42
N GLY B 250 -17.38 -17.61 16.08
CA GLY B 250 -17.59 -19.03 16.27
C GLY B 250 -18.68 -19.34 17.28
N TYR B 251 -18.75 -18.53 18.35
CA TYR B 251 -19.78 -18.73 19.37
C TYR B 251 -21.13 -18.28 18.85
N GLN B 252 -21.11 -17.32 17.93
CA GLN B 252 -22.34 -16.78 17.34
C GLN B 252 -23.22 -17.87 16.76
N THR B 253 -22.61 -18.96 16.33
CA THR B 253 -23.36 -20.07 15.74
C THR B 253 -23.94 -20.98 16.84
N VAL B 254 -23.28 -21.04 17.98
CA VAL B 254 -23.73 -21.86 19.11
C VAL B 254 -24.74 -21.10 19.96
N VAL B 255 -24.84 -19.79 19.73
CA VAL B 255 -25.76 -18.94 20.47
C VAL B 255 -27.12 -18.82 19.77
N SER B 256 -27.11 -18.86 18.44
CA SER B 256 -28.33 -18.74 17.65
C SER B 256 -29.15 -20.02 17.63
N ILE B 257 -28.67 -21.05 18.32
CA ILE B 257 -29.37 -22.34 18.36
C ILE B 257 -29.48 -22.91 19.77
N ALA B 258 -28.67 -22.38 20.70
CA ALA B 258 -28.68 -22.84 22.08
C ALA B 258 -30.08 -22.88 22.68
N ASN B 259 -31.00 -22.12 22.11
CA ASN B 259 -32.38 -22.07 22.60
C ASN B 259 -33.26 -23.14 21.98
N ASP B 260 -33.23 -23.25 20.64
CA ASP B 260 -34.02 -24.25 19.93
C ASP B 260 -33.90 -25.62 20.61
N PRO B 261 -35.05 -26.26 20.90
CA PRO B 261 -35.09 -27.58 21.55
C PRO B 261 -34.24 -28.63 20.85
N ALA B 262 -34.21 -28.57 19.52
CA ALA B 262 -33.45 -29.53 18.72
C ALA B 262 -31.97 -29.51 19.08
N SER B 263 -31.44 -28.31 19.29
CA SER B 263 -30.03 -28.14 19.64
C SER B 263 -29.66 -28.99 20.86
N ALA B 264 -30.54 -28.99 21.85
CA ALA B 264 -30.31 -29.74 23.08
C ALA B 264 -30.39 -31.25 22.84
N LYS B 265 -30.55 -31.62 21.57
CA LYS B 265 -30.68 -33.03 21.21
C LYS B 265 -29.86 -33.39 19.98
N TYR B 266 -29.21 -32.41 19.36
CA TYR B 266 -28.43 -32.66 18.16
C TYR B 266 -27.03 -32.06 18.18
N LEU B 267 -26.88 -30.92 18.84
CA LEU B 267 -25.59 -30.25 18.90
C LEU B 267 -24.43 -31.19 19.21
N ASN B 268 -24.43 -31.73 20.42
CA ASN B 268 -23.36 -32.63 20.86
C ASN B 268 -22.98 -33.74 19.90
N THR B 269 -23.95 -34.26 19.15
CA THR B 269 -23.64 -35.33 18.21
C THR B 269 -22.89 -34.83 16.98
N ASP B 270 -23.35 -33.74 16.36
CA ASP B 270 -22.65 -33.21 15.19
C ASP B 270 -21.28 -32.72 15.60
N LEU B 271 -21.16 -32.24 16.84
CA LEU B 271 -19.89 -31.74 17.36
C LEU B 271 -18.90 -32.86 17.65
N ASN B 272 -19.40 -33.98 18.17
CA ASN B 272 -18.55 -35.11 18.46
C ASN B 272 -18.00 -35.66 17.15
N ASN B 273 -18.89 -35.83 16.18
CA ASN B 273 -18.51 -36.33 14.85
C ASN B 273 -17.58 -35.33 14.18
N ALA B 274 -17.83 -34.05 14.41
CA ALA B 274 -17.01 -32.99 13.84
C ALA B 274 -15.61 -33.09 14.42
N PHE B 275 -15.53 -33.21 15.74
CA PHE B 275 -14.23 -33.31 16.41
C PHE B 275 -13.44 -34.49 15.90
N TRP B 276 -14.05 -35.67 15.98
CA TRP B 276 -13.39 -36.88 15.54
C TRP B 276 -12.92 -36.75 14.10
N THR B 277 -13.82 -36.32 13.21
CA THR B 277 -13.50 -36.14 11.79
C THR B 277 -12.23 -35.31 11.62
N GLN B 278 -12.20 -34.14 12.25
CA GLN B 278 -11.05 -33.26 12.13
C GLN B 278 -9.77 -33.87 12.68
N GLN B 279 -9.80 -34.33 13.92
CA GLN B 279 -8.60 -34.89 14.54
C GLN B 279 -8.16 -36.20 13.88
N LYS B 280 -9.10 -36.91 13.26
CA LYS B 280 -8.78 -38.16 12.58
C LYS B 280 -7.71 -37.94 11.53
N TYR B 281 -7.75 -36.76 10.91
CA TYR B 281 -6.80 -36.43 9.86
C TYR B 281 -5.59 -35.61 10.33
N PHE B 282 -5.86 -34.46 10.93
CA PHE B 282 -4.80 -33.55 11.38
C PHE B 282 -3.88 -34.07 12.48
N THR B 283 -4.42 -34.89 13.38
CA THR B 283 -3.60 -35.44 14.44
C THR B 283 -2.37 -36.12 13.82
N PRO B 284 -2.57 -36.97 12.80
CA PRO B 284 -1.47 -37.67 12.13
C PRO B 284 -0.73 -36.83 11.09
N VAL B 285 -1.50 -36.20 10.20
CA VAL B 285 -0.89 -35.40 9.15
C VAL B 285 -0.01 -34.26 9.64
N LEU B 286 -0.55 -33.41 10.49
CA LEU B 286 0.20 -32.28 10.99
C LEU B 286 1.47 -32.67 11.71
N GLY B 287 1.35 -33.55 12.69
CA GLY B 287 2.53 -33.99 13.40
C GLY B 287 3.57 -34.47 12.41
N MET B 288 3.11 -35.23 11.42
CA MET B 288 3.95 -35.77 10.38
C MET B 288 4.67 -34.66 9.61
N LEU B 289 3.88 -33.74 9.06
CA LEU B 289 4.44 -32.63 8.29
C LEU B 289 5.48 -31.84 9.09
N PHE B 290 5.18 -31.58 10.36
CA PHE B 290 6.09 -30.84 11.24
C PHE B 290 7.38 -31.59 11.54
N GLU B 291 7.25 -32.73 12.19
CA GLU B 291 8.40 -33.52 12.58
C GLU B 291 9.21 -34.15 11.44
N TYR B 292 8.53 -34.60 10.39
CA TYR B 292 9.25 -35.21 9.28
C TYR B 292 9.53 -34.32 8.08
N GLY B 293 8.84 -33.19 7.99
CA GLY B 293 9.06 -32.30 6.87
C GLY B 293 10.05 -31.19 7.19
N SER B 294 10.57 -31.22 8.41
CA SER B 294 11.52 -30.20 8.87
C SER B 294 12.90 -30.76 9.18
N LYS B 295 13.85 -29.85 9.39
CA LYS B 295 15.21 -30.22 9.76
C LYS B 295 15.33 -29.80 11.22
N PHE B 296 15.06 -28.53 11.48
CA PHE B 296 15.12 -28.00 12.83
C PHE B 296 13.75 -28.14 13.48
N LYS B 297 13.73 -28.58 14.73
CA LYS B 297 12.49 -28.80 15.46
C LYS B 297 12.10 -27.65 16.37
N VAL B 298 10.82 -27.56 16.68
CA VAL B 298 10.31 -26.50 17.52
C VAL B 298 9.79 -27.07 18.83
N GLU B 299 9.00 -28.12 18.72
CA GLU B 299 8.41 -28.73 19.88
C GLU B 299 7.83 -30.07 19.48
N PRO B 300 8.02 -31.09 20.30
CA PRO B 300 7.50 -32.43 20.00
C PRO B 300 5.99 -32.33 19.83
N TRP B 301 5.50 -32.81 18.70
CA TRP B 301 4.08 -32.80 18.39
C TRP B 301 3.25 -33.35 19.53
N VAL B 302 3.74 -34.41 20.18
CA VAL B 302 3.01 -35.01 21.29
C VAL B 302 2.59 -33.97 22.34
N LYS B 303 3.47 -33.02 22.64
CA LYS B 303 3.15 -32.00 23.63
C LYS B 303 2.30 -30.87 23.04
N THR B 304 2.43 -30.66 21.74
CA THR B 304 1.67 -29.62 21.05
C THR B 304 0.21 -30.03 21.01
N TRP B 305 -0.03 -31.24 20.54
CA TRP B 305 -1.37 -31.82 20.40
C TRP B 305 -2.11 -31.81 21.72
N ASP B 306 -1.42 -32.26 22.77
CA ASP B 306 -2.01 -32.33 24.10
C ASP B 306 -2.48 -30.96 24.56
N ARG B 307 -1.67 -29.93 24.33
CA ARG B 307 -2.05 -28.59 24.73
C ARG B 307 -3.24 -28.10 23.91
N TRP B 308 -3.13 -28.19 22.59
CA TRP B 308 -4.19 -27.75 21.69
C TRP B 308 -5.52 -28.43 21.97
N VAL B 309 -5.50 -29.76 21.98
CA VAL B 309 -6.71 -30.54 22.19
C VAL B 309 -7.14 -30.74 23.65
N TYR B 310 -6.53 -30.03 24.59
CA TYR B 310 -6.91 -30.14 26.00
C TYR B 310 -6.97 -28.82 26.76
N GLU B 311 -5.83 -28.35 27.26
CA GLU B 311 -5.81 -27.09 28.00
C GLU B 311 -6.38 -25.95 27.17
N ASP B 312 -6.47 -26.15 25.87
CA ASP B 312 -6.99 -25.12 24.98
C ASP B 312 -8.40 -25.37 24.47
N TRP B 313 -8.53 -26.27 23.50
CA TRP B 313 -9.84 -26.56 22.92
C TRP B 313 -10.73 -27.38 23.85
N GLY B 314 -10.48 -28.69 23.88
CA GLY B 314 -11.26 -29.60 24.70
C GLY B 314 -11.41 -29.20 26.15
N GLY B 315 -10.70 -28.17 26.58
CA GLY B 315 -10.79 -27.72 27.95
C GLY B 315 -11.36 -26.33 28.10
N ILE B 316 -10.49 -25.33 27.93
CA ILE B 316 -10.90 -23.93 28.05
C ILE B 316 -12.00 -23.54 27.07
N TRP B 317 -11.69 -23.58 25.77
CA TRP B 317 -12.63 -23.20 24.73
C TRP B 317 -14.00 -23.89 24.79
N ILE B 318 -14.02 -25.20 24.97
CA ILE B 318 -15.30 -25.92 25.04
C ILE B 318 -16.02 -25.69 26.36
N GLY B 319 -15.27 -25.67 27.45
CA GLY B 319 -15.85 -25.47 28.77
C GLY B 319 -16.71 -24.24 28.94
N ARG B 320 -16.38 -23.18 28.19
CA ARG B 320 -17.14 -21.94 28.26
C ARG B 320 -18.50 -22.09 27.59
N LEU B 321 -18.57 -23.00 26.61
CA LEU B 321 -19.81 -23.26 25.88
C LEU B 321 -20.70 -24.20 26.69
N GLY B 322 -20.23 -24.59 27.87
CA GLY B 322 -20.99 -25.49 28.71
C GLY B 322 -22.35 -24.96 29.09
N LYS B 323 -22.49 -23.64 29.15
CA LYS B 323 -23.76 -23.01 29.51
C LYS B 323 -24.74 -22.95 28.35
N TYR B 324 -24.37 -23.55 27.22
CA TYR B 324 -25.23 -23.61 26.04
C TYR B 324 -25.59 -25.07 25.78
N GLY B 325 -25.13 -25.93 26.68
CA GLY B 325 -25.37 -27.36 26.57
C GLY B 325 -24.15 -28.14 26.12
N VAL B 326 -23.34 -27.52 25.26
CA VAL B 326 -22.13 -28.12 24.72
C VAL B 326 -21.36 -28.97 25.73
N GLU B 327 -21.20 -30.25 25.40
CA GLU B 327 -20.48 -31.20 26.24
C GLU B 327 -19.22 -31.64 25.52
N SER B 328 -18.19 -31.97 26.29
CA SER B 328 -16.93 -32.40 25.71
C SER B 328 -17.19 -33.64 24.84
N PRO B 329 -16.53 -33.72 23.67
CA PRO B 329 -16.72 -34.86 22.78
C PRO B 329 -16.55 -36.18 23.53
N ARG B 330 -17.48 -37.10 23.30
CA ARG B 330 -17.42 -38.40 23.96
C ARG B 330 -16.31 -39.25 23.36
N SER B 331 -15.73 -38.77 22.27
CA SER B 331 -14.65 -39.50 21.60
C SER B 331 -13.28 -38.91 21.95
N LEU B 332 -13.27 -37.99 22.91
CA LEU B 332 -12.03 -37.32 23.33
C LEU B 332 -11.02 -38.30 23.94
N LYS B 333 -11.51 -39.26 24.72
CA LYS B 333 -10.63 -40.24 25.36
C LYS B 333 -10.00 -41.14 24.29
N ASP B 334 -10.81 -41.52 23.31
CA ASP B 334 -10.34 -42.36 22.21
C ASP B 334 -9.28 -41.66 21.38
N ALA B 335 -9.55 -40.40 21.03
CA ALA B 335 -8.62 -39.62 20.22
C ALA B 335 -7.23 -39.56 20.82
N LYS B 336 -7.15 -39.27 22.11
CA LYS B 336 -5.85 -39.19 22.79
C LYS B 336 -5.14 -40.54 22.81
N GLN B 337 -5.92 -41.61 22.84
CA GLN B 337 -5.36 -42.95 22.87
C GLN B 337 -4.68 -43.29 21.55
N ASP B 338 -5.42 -43.12 20.47
CA ASP B 338 -4.91 -43.42 19.12
C ASP B 338 -3.98 -42.34 18.55
N ALA B 339 -3.56 -41.39 19.39
CA ALA B 339 -2.73 -40.29 18.89
C ALA B 339 -1.22 -40.37 19.01
N TYR B 340 -0.72 -40.74 20.17
CA TYR B 340 0.72 -40.78 20.40
C TYR B 340 1.57 -41.17 19.19
N TRP B 341 1.30 -42.33 18.60
CA TRP B 341 2.05 -42.82 17.45
C TRP B 341 1.43 -42.60 16.07
N ALA B 342 0.25 -42.02 16.01
CA ALA B 342 -0.44 -41.82 14.74
C ALA B 342 0.38 -41.18 13.62
N HIS B 343 1.03 -40.05 13.91
CA HIS B 343 1.80 -39.37 12.88
C HIS B 343 3.03 -40.16 12.46
N HIS B 344 3.68 -40.83 13.42
CA HIS B 344 4.85 -41.63 13.09
C HIS B 344 4.40 -42.79 12.21
N ASP B 345 3.31 -43.45 12.60
CA ASP B 345 2.76 -44.56 11.83
C ASP B 345 2.45 -44.15 10.40
N LEU B 346 1.93 -42.93 10.24
CA LEU B 346 1.55 -42.46 8.92
C LEU B 346 2.72 -42.18 8.01
N TYR B 347 3.82 -41.66 8.55
CA TYR B 347 4.96 -41.36 7.71
C TYR B 347 5.52 -42.60 7.04
N LEU B 348 5.54 -43.72 7.76
CA LEU B 348 6.04 -44.95 7.15
C LEU B 348 5.26 -45.17 5.84
N LEU B 349 3.94 -44.98 5.91
CA LEU B 349 3.07 -45.17 4.76
C LEU B 349 3.32 -44.14 3.68
N ALA B 350 3.40 -42.86 4.06
CA ALA B 350 3.62 -41.77 3.12
C ALA B 350 4.91 -41.96 2.37
N TYR B 351 5.96 -42.34 3.09
CA TYR B 351 7.26 -42.54 2.48
C TYR B 351 7.22 -43.76 1.55
N ALA B 352 6.64 -44.85 2.05
CA ALA B 352 6.55 -46.06 1.27
C ALA B 352 5.85 -45.82 -0.06
N LEU B 353 4.91 -44.88 -0.08
CA LEU B 353 4.19 -44.58 -1.30
C LEU B 353 4.63 -43.23 -1.84
N TRP B 354 5.91 -42.89 -1.61
CA TRP B 354 6.41 -41.59 -2.05
C TRP B 354 6.21 -41.22 -3.53
N PRO B 355 6.19 -42.21 -4.45
CA PRO B 355 6.00 -41.88 -5.87
C PRO B 355 4.64 -41.28 -6.21
N THR B 356 3.69 -41.40 -5.28
CA THR B 356 2.36 -40.88 -5.50
C THR B 356 2.19 -39.45 -4.98
N GLY B 357 3.29 -38.81 -4.60
CA GLY B 357 3.20 -37.46 -4.10
C GLY B 357 3.52 -36.40 -5.12
N PHE B 358 3.63 -35.15 -4.66
CA PHE B 358 3.96 -34.04 -5.54
C PHE B 358 4.96 -33.19 -4.76
N PHE B 359 5.78 -33.89 -3.97
CA PHE B 359 6.78 -33.29 -3.10
C PHE B 359 7.82 -34.35 -2.76
N ARG B 360 9.03 -33.90 -2.42
CA ARG B 360 10.12 -34.81 -2.11
C ARG B 360 10.23 -35.07 -0.62
N LEU B 361 10.47 -36.32 -0.25
CA LEU B 361 10.58 -36.70 1.16
C LEU B 361 11.98 -37.14 1.55
N ALA B 362 12.36 -36.89 2.80
CA ALA B 362 13.68 -37.26 3.29
C ALA B 362 13.54 -38.12 4.54
N LEU B 363 14.51 -39.02 4.73
CA LEU B 363 14.48 -39.88 5.90
C LEU B 363 15.21 -39.19 7.04
N PRO B 364 14.80 -39.48 8.28
CA PRO B 364 15.43 -38.88 9.46
C PRO B 364 16.94 -39.10 9.50
N ASP B 365 17.70 -38.03 9.72
CA ASP B 365 19.15 -38.12 9.84
C ASP B 365 19.52 -38.47 11.30
N GLN B 366 20.80 -38.64 11.58
CA GLN B 366 21.24 -39.04 12.92
C GLN B 366 20.72 -38.19 14.08
N GLU B 367 20.89 -36.88 13.98
CA GLU B 367 20.43 -35.99 15.05
C GLU B 367 18.93 -36.14 15.23
N GLU B 368 18.21 -36.29 14.12
CA GLU B 368 16.77 -36.43 14.13
C GLU B 368 16.30 -37.70 14.83
N MET B 369 16.94 -38.82 14.54
CA MET B 369 16.55 -40.06 15.17
C MET B 369 16.78 -39.93 16.67
N GLU B 370 17.89 -39.30 17.04
CA GLU B 370 18.18 -39.09 18.45
C GLU B 370 17.06 -38.23 19.03
N TRP B 371 16.67 -37.20 18.29
CA TRP B 371 15.59 -36.30 18.72
C TRP B 371 14.31 -37.10 18.88
N PHE B 372 13.97 -37.91 17.89
CA PHE B 372 12.76 -38.72 17.95
C PHE B 372 12.77 -39.68 19.11
N GLU B 373 13.90 -40.36 19.32
CA GLU B 373 13.99 -41.31 20.44
C GLU B 373 13.88 -40.56 21.73
N ALA B 374 14.65 -39.48 21.85
CA ALA B 374 14.61 -38.69 23.06
C ALA B 374 13.18 -38.28 23.39
N ASN B 375 12.43 -37.85 22.38
CA ASN B 375 11.04 -37.40 22.57
C ASN B 375 9.95 -38.48 22.51
N TYR B 376 10.21 -39.61 21.86
CA TYR B 376 9.23 -40.70 21.80
C TYR B 376 9.93 -42.04 22.04
N PRO B 377 10.27 -42.33 23.32
CA PRO B 377 10.94 -43.58 23.66
C PRO B 377 10.33 -44.79 22.99
N GLY B 378 11.18 -45.56 22.32
CA GLY B 378 10.70 -46.74 21.62
C GLY B 378 10.70 -46.46 20.12
N TRP B 379 10.70 -45.19 19.77
CA TRP B 379 10.70 -44.78 18.36
C TRP B 379 11.73 -45.47 17.50
N TYR B 380 12.96 -45.54 17.98
CA TYR B 380 14.02 -46.16 17.20
C TYR B 380 13.83 -47.63 16.90
N ASP B 381 13.56 -48.43 17.94
CA ASP B 381 13.39 -49.87 17.77
C ASP B 381 12.33 -50.21 16.75
N HIS B 382 11.38 -49.30 16.54
CA HIS B 382 10.35 -49.55 15.55
C HIS B 382 10.68 -48.78 14.27
N TYR B 383 10.27 -47.52 14.20
CA TYR B 383 10.50 -46.72 13.01
C TYR B 383 11.97 -46.52 12.62
N GLY B 384 12.80 -46.17 13.58
CA GLY B 384 14.22 -45.96 13.28
C GLY B 384 14.85 -47.10 12.53
N LYS B 385 14.75 -48.30 13.09
CA LYS B 385 15.33 -49.48 12.46
C LYS B 385 14.81 -49.71 11.04
N ILE B 386 13.50 -49.53 10.85
CA ILE B 386 12.91 -49.72 9.52
C ILE B 386 13.48 -48.77 8.47
N TYR B 387 13.63 -47.51 8.84
CA TYR B 387 14.18 -46.51 7.93
C TYR B 387 15.63 -46.83 7.58
N GLU B 388 16.39 -47.33 8.53
CA GLU B 388 17.77 -47.67 8.27
C GLU B 388 17.82 -48.87 7.34
N GLU B 389 16.86 -49.77 7.51
CA GLU B 389 16.79 -50.96 6.68
C GLU B 389 16.53 -50.53 5.23
N TRP B 390 15.50 -49.70 5.03
CA TRP B 390 15.14 -49.20 3.70
C TRP B 390 16.26 -48.42 3.06
N ARG B 391 16.94 -47.62 3.87
CA ARG B 391 18.02 -46.82 3.34
C ARG B 391 19.17 -47.70 2.86
N ALA B 392 19.55 -48.68 3.69
CA ALA B 392 20.65 -49.58 3.37
C ALA B 392 20.38 -50.41 2.11
N ARG B 393 19.09 -50.70 1.88
CA ARG B 393 18.64 -51.48 0.73
C ARG B 393 18.53 -50.58 -0.51
N GLY B 394 18.84 -49.30 -0.33
CA GLY B 394 18.83 -48.34 -1.43
C GLY B 394 17.53 -47.66 -1.84
N CYS B 395 16.62 -47.41 -0.90
CA CYS B 395 15.36 -46.78 -1.26
C CYS B 395 15.53 -45.37 -1.83
N GLU B 396 16.69 -44.76 -1.60
CA GLU B 396 16.94 -43.42 -2.12
C GLU B 396 17.65 -43.48 -3.47
N ASP B 397 18.19 -44.65 -3.81
CA ASP B 397 18.92 -44.84 -5.06
C ASP B 397 18.03 -45.34 -6.18
N PRO B 398 18.03 -44.65 -7.34
CA PRO B 398 17.20 -45.08 -8.47
C PRO B 398 17.64 -46.39 -9.11
N SER B 399 18.86 -46.85 -8.79
CA SER B 399 19.36 -48.08 -9.39
C SER B 399 19.19 -49.31 -8.50
N SER B 400 18.46 -49.16 -7.40
CA SER B 400 18.24 -50.27 -6.49
C SER B 400 17.02 -51.06 -6.90
N GLY B 401 16.08 -50.39 -7.58
CA GLY B 401 14.86 -51.06 -7.98
C GLY B 401 13.98 -51.31 -6.77
N PHE B 402 14.14 -50.49 -5.74
CA PHE B 402 13.35 -50.68 -4.52
C PHE B 402 12.63 -49.45 -3.99
N ILE B 403 11.34 -49.64 -3.70
CA ILE B 403 10.52 -48.61 -3.10
C ILE B 403 9.84 -49.34 -1.93
N PRO B 404 9.86 -48.75 -0.73
CA PRO B 404 9.26 -49.34 0.47
C PRO B 404 7.91 -50.03 0.33
N LEU B 405 7.12 -49.68 -0.69
CA LEU B 405 5.83 -50.33 -0.86
C LEU B 405 6.06 -51.83 -0.97
N MET B 406 7.16 -52.19 -1.63
CA MET B 406 7.54 -53.58 -1.80
C MET B 406 7.74 -54.26 -0.44
N TRP B 407 8.40 -53.55 0.48
CA TRP B 407 8.66 -54.08 1.82
C TRP B 407 7.37 -54.43 2.55
N PHE B 408 6.31 -53.66 2.32
CA PHE B 408 5.03 -53.94 2.96
C PHE B 408 4.39 -55.18 2.36
N ILE B 409 4.51 -55.31 1.04
CA ILE B 409 3.93 -56.47 0.37
C ILE B 409 4.71 -57.72 0.79
N GLU B 410 6.04 -57.64 0.77
CA GLU B 410 6.88 -58.77 1.13
C GLU B 410 6.67 -59.22 2.56
N ASN B 411 6.41 -58.26 3.44
CA ASN B 411 6.21 -58.58 4.85
C ASN B 411 4.76 -58.65 5.28
N ASN B 412 3.89 -58.83 4.29
CA ASN B 412 2.45 -58.95 4.51
C ASN B 412 1.84 -57.94 5.48
N HIS B 413 2.05 -56.65 5.17
CA HIS B 413 1.50 -55.57 5.95
C HIS B 413 0.62 -54.78 4.99
N PRO B 414 -0.65 -55.17 4.87
CA PRO B 414 -1.61 -54.50 3.98
C PRO B 414 -1.87 -53.05 4.39
N ILE B 415 -2.01 -52.18 3.40
CA ILE B 415 -2.29 -50.76 3.65
C ILE B 415 -3.71 -50.47 3.19
N TYR B 416 -4.59 -50.09 4.12
CA TYR B 416 -5.97 -49.77 3.76
C TYR B 416 -6.21 -48.27 3.86
N ILE B 417 -7.36 -47.86 3.31
CA ILE B 417 -7.78 -46.48 3.32
C ILE B 417 -9.12 -46.50 4.02
N ASP B 418 -9.29 -45.68 5.04
CA ASP B 418 -10.55 -45.63 5.77
C ASP B 418 -11.62 -45.02 4.86
N ARG B 419 -12.65 -45.81 4.55
CA ARG B 419 -13.73 -45.34 3.68
C ARG B 419 -14.33 -44.02 4.15
N VAL B 420 -14.20 -43.72 5.43
CA VAL B 420 -14.75 -42.47 5.94
C VAL B 420 -13.76 -41.31 5.91
N SER B 421 -12.71 -41.38 6.73
CA SER B 421 -11.72 -40.29 6.81
C SER B 421 -10.68 -40.28 5.68
N GLN B 422 -10.60 -41.37 4.93
CA GLN B 422 -9.64 -41.47 3.83
C GLN B 422 -8.21 -41.55 4.33
N VAL B 423 -8.02 -41.72 5.63
CA VAL B 423 -6.68 -41.78 6.16
C VAL B 423 -6.11 -43.17 5.94
N PRO B 424 -4.86 -43.27 5.47
CA PRO B 424 -4.27 -44.58 5.24
C PRO B 424 -3.84 -45.17 6.60
N PHE B 425 -4.01 -46.48 6.77
CA PHE B 425 -3.62 -47.13 8.01
C PHE B 425 -3.16 -48.56 7.74
N CYS B 426 -2.22 -49.03 8.53
CA CYS B 426 -1.67 -50.38 8.39
C CYS B 426 -1.71 -51.06 9.77
N PRO B 427 -2.80 -51.79 10.05
CA PRO B 427 -3.01 -52.51 11.32
C PRO B 427 -1.93 -53.49 11.78
N SER B 428 -1.39 -54.24 10.82
CA SER B 428 -0.38 -55.24 11.16
C SER B 428 0.99 -54.68 11.46
N LEU B 429 1.18 -53.37 11.28
CA LEU B 429 2.47 -52.77 11.53
C LEU B 429 2.41 -51.61 12.49
N ALA B 430 1.23 -51.02 12.62
CA ALA B 430 1.02 -49.86 13.48
C ALA B 430 1.40 -50.04 14.94
N LYS B 431 2.03 -49.01 15.50
CA LYS B 431 2.41 -49.04 16.90
C LYS B 431 1.27 -48.34 17.64
N GLY B 432 0.44 -47.64 16.88
CA GLY B 432 -0.70 -46.94 17.45
C GLY B 432 -1.93 -47.83 17.32
N ALA B 433 -3.05 -47.25 16.90
CA ALA B 433 -4.27 -48.03 16.74
C ALA B 433 -4.03 -49.14 15.73
N SER B 434 -4.59 -50.31 15.98
CA SER B 434 -4.43 -51.44 15.08
C SER B 434 -5.75 -52.11 14.76
N THR B 435 -6.84 -51.55 15.30
CA THR B 435 -8.15 -52.10 15.05
C THR B 435 -8.52 -51.91 13.58
N LEU B 436 -9.21 -52.90 13.02
CA LEU B 436 -9.65 -52.89 11.63
C LEU B 436 -10.99 -53.60 11.54
N ARG B 437 -11.93 -53.04 10.79
CA ARG B 437 -13.24 -53.65 10.63
C ARG B 437 -13.58 -53.67 9.14
N VAL B 438 -13.90 -54.84 8.63
CA VAL B 438 -14.24 -54.97 7.22
C VAL B 438 -15.64 -55.53 7.05
N HIS B 439 -16.43 -54.88 6.20
CA HIS B 439 -17.80 -55.30 5.93
C HIS B 439 -18.06 -55.37 4.44
N GLU B 440 -19.13 -56.06 4.08
CA GLU B 440 -19.52 -56.17 2.69
C GLU B 440 -20.98 -55.75 2.64
N TYR B 441 -21.31 -54.85 1.72
CA TYR B 441 -22.67 -54.37 1.60
C TYR B 441 -23.02 -54.17 0.14
N ASN B 442 -24.06 -54.85 -0.29
CA ASN B 442 -24.53 -54.77 -1.66
C ASN B 442 -23.41 -54.82 -2.71
N GLY B 443 -22.55 -55.82 -2.60
CA GLY B 443 -21.46 -56.00 -3.55
C GLY B 443 -20.18 -55.20 -3.37
N GLU B 444 -20.12 -54.33 -2.38
CA GLU B 444 -18.92 -53.53 -2.18
C GLU B 444 -18.33 -53.75 -0.79
N MET B 445 -17.00 -53.85 -0.73
CA MET B 445 -16.29 -54.04 0.54
C MET B 445 -15.96 -52.67 1.12
N HIS B 446 -15.93 -52.58 2.45
CA HIS B 446 -15.62 -51.32 3.12
C HIS B 446 -14.67 -51.55 4.30
N THR B 447 -13.60 -50.77 4.35
CA THR B 447 -12.61 -50.90 5.42
C THR B 447 -12.65 -49.71 6.36
N PHE B 448 -12.64 -49.99 7.67
CA PHE B 448 -12.69 -48.92 8.66
C PHE B 448 -11.56 -49.04 9.69
N SER B 449 -11.13 -47.92 10.25
CA SER B 449 -10.04 -47.91 11.21
C SER B 449 -10.41 -47.59 12.65
N ASP B 450 -11.65 -47.22 12.93
CA ASP B 450 -12.07 -46.91 14.30
C ASP B 450 -13.57 -47.05 14.47
N GLN B 451 -14.02 -47.15 15.72
CA GLN B 451 -15.44 -47.31 16.02
C GLN B 451 -16.33 -46.11 15.69
N TRP B 452 -15.74 -44.94 15.58
CA TRP B 452 -16.52 -43.74 15.27
C TRP B 452 -16.81 -43.62 13.80
N GLY B 453 -15.78 -43.80 12.98
CA GLY B 453 -15.97 -43.75 11.54
C GLY B 453 -16.89 -44.87 11.10
N GLU B 454 -16.76 -46.03 11.74
CA GLU B 454 -17.60 -47.17 11.40
C GLU B 454 -19.06 -46.77 11.62
N ARG B 455 -19.34 -46.20 12.79
CA ARG B 455 -20.70 -45.76 13.09
C ARG B 455 -21.20 -44.80 12.03
N MET B 456 -20.41 -43.78 11.73
CA MET B 456 -20.80 -42.81 10.73
C MET B 456 -21.20 -43.50 9.45
N TRP B 457 -20.43 -44.48 9.00
CA TRP B 457 -20.77 -45.16 7.76
C TRP B 457 -22.02 -46.02 7.89
N LEU B 458 -22.08 -46.84 8.92
CA LEU B 458 -23.22 -47.72 9.12
C LEU B 458 -24.55 -46.95 9.10
N ALA B 459 -24.55 -45.77 9.69
CA ALA B 459 -25.74 -44.94 9.75
C ALA B 459 -25.94 -44.08 8.51
N GLU B 460 -24.85 -43.62 7.92
CA GLU B 460 -24.91 -42.71 6.77
C GLU B 460 -24.17 -43.23 5.53
N PRO B 461 -24.43 -44.47 5.14
CA PRO B 461 -23.79 -45.11 3.98
C PRO B 461 -23.71 -44.26 2.71
N GLU B 462 -24.74 -43.45 2.46
CA GLU B 462 -24.77 -42.63 1.25
C GLU B 462 -23.89 -41.39 1.35
N ARG B 463 -23.50 -41.02 2.56
CA ARG B 463 -22.63 -39.86 2.74
C ARG B 463 -21.17 -40.21 2.48
N TYR B 464 -20.87 -41.50 2.52
CA TYR B 464 -19.50 -41.96 2.34
C TYR B 464 -19.23 -43.00 1.25
N GLU B 465 -19.05 -42.52 0.02
CA GLU B 465 -18.81 -43.42 -1.11
C GLU B 465 -17.54 -43.07 -1.86
N CYS B 466 -16.62 -42.37 -1.19
CA CYS B 466 -15.38 -41.97 -1.83
C CYS B 466 -14.52 -43.16 -2.22
N GLN B 467 -14.18 -43.25 -3.51
CA GLN B 467 -13.34 -44.35 -3.97
C GLN B 467 -11.90 -44.11 -3.53
N ASN B 468 -11.17 -45.16 -3.14
CA ASN B 468 -9.79 -44.98 -2.72
C ASN B 468 -8.82 -45.28 -3.86
N ILE B 469 -7.58 -44.84 -3.70
CA ILE B 469 -6.56 -45.03 -4.71
C ILE B 469 -6.35 -46.46 -5.17
N PHE B 470 -6.52 -47.41 -4.25
CA PHE B 470 -6.34 -48.80 -4.61
C PHE B 470 -7.50 -49.24 -5.52
N GLU B 471 -8.68 -48.65 -5.33
CA GLU B 471 -9.83 -48.99 -6.16
C GLU B 471 -9.69 -48.38 -7.55
N GLN B 472 -9.36 -47.10 -7.60
CA GLN B 472 -9.20 -46.39 -8.87
C GLN B 472 -7.95 -46.84 -9.63
N TYR B 473 -6.87 -47.13 -8.88
CA TYR B 473 -5.62 -47.56 -9.49
C TYR B 473 -5.49 -49.08 -9.58
N GLU B 474 -6.50 -49.82 -9.12
CA GLU B 474 -6.43 -51.28 -9.16
C GLU B 474 -6.08 -51.78 -10.55
N GLY B 475 -5.05 -52.61 -10.64
CA GLY B 475 -4.64 -53.16 -11.91
C GLY B 475 -3.73 -52.27 -12.73
N ARG B 476 -3.65 -51.00 -12.37
CA ARG B 476 -2.80 -50.07 -13.10
C ARG B 476 -1.35 -50.16 -12.61
N GLU B 477 -0.41 -49.92 -13.52
CA GLU B 477 1.01 -49.95 -13.18
C GLU B 477 1.44 -48.54 -12.77
N LEU B 478 2.03 -48.43 -11.59
CA LEU B 478 2.47 -47.17 -11.02
C LEU B 478 2.92 -46.05 -11.96
N SER B 479 3.97 -46.31 -12.75
CA SER B 479 4.49 -45.29 -13.66
C SER B 479 3.44 -44.76 -14.62
N GLU B 480 2.41 -45.56 -14.91
CA GLU B 480 1.37 -45.10 -15.82
C GLU B 480 0.40 -44.11 -15.17
N VAL B 481 0.08 -44.36 -13.90
CA VAL B 481 -0.81 -43.48 -13.15
C VAL B 481 -0.11 -42.13 -12.99
N ILE B 482 1.17 -42.16 -12.67
CA ILE B 482 1.92 -40.93 -12.48
C ILE B 482 1.97 -40.11 -13.75
N ALA B 483 2.24 -40.79 -14.86
CA ALA B 483 2.34 -40.14 -16.17
C ALA B 483 1.02 -39.50 -16.58
N GLU B 484 -0.06 -40.25 -16.42
CA GLU B 484 -1.38 -39.78 -16.81
C GLU B 484 -1.80 -38.56 -16.01
N LEU B 485 -1.40 -38.51 -14.75
CA LEU B 485 -1.75 -37.42 -13.87
C LEU B 485 -0.69 -36.33 -13.78
N HIS B 486 0.25 -36.34 -14.71
CA HIS B 486 1.31 -35.32 -14.77
C HIS B 486 2.18 -35.16 -13.53
N GLY B 487 2.68 -36.29 -13.01
CA GLY B 487 3.53 -36.25 -11.84
C GLY B 487 4.97 -36.09 -12.22
N LEU B 488 5.24 -35.24 -13.22
CA LEU B 488 6.61 -35.04 -13.66
C LEU B 488 7.06 -33.59 -13.70
N ARG B 489 8.37 -33.40 -13.70
CA ARG B 489 8.96 -32.09 -13.77
C ARG B 489 9.00 -31.72 -15.25
N SER B 490 9.46 -30.51 -15.56
CA SER B 490 9.53 -30.01 -16.94
C SER B 490 10.21 -30.87 -17.99
N ASP B 491 11.25 -31.61 -17.60
CA ASP B 491 11.96 -32.43 -18.57
C ASP B 491 11.11 -33.58 -19.11
N GLY B 492 9.88 -33.70 -18.62
CA GLY B 492 8.99 -34.76 -19.06
C GLY B 492 9.46 -36.18 -18.74
N LYS B 493 10.39 -36.32 -17.81
CA LYS B 493 10.91 -37.63 -17.46
C LYS B 493 11.16 -37.81 -15.97
N THR B 494 11.75 -36.80 -15.32
CA THR B 494 12.04 -36.88 -13.89
C THR B 494 10.80 -36.65 -13.04
N LEU B 495 10.59 -37.53 -12.07
CA LEU B 495 9.43 -37.45 -11.18
C LEU B 495 9.39 -36.18 -10.33
N ILE B 496 8.19 -35.69 -10.07
CA ILE B 496 8.07 -34.52 -9.19
C ILE B 496 8.45 -35.06 -7.81
N ALA B 497 7.81 -36.15 -7.41
CA ALA B 497 8.08 -36.76 -6.11
C ALA B 497 9.48 -37.40 -6.08
N GLN B 498 10.09 -37.42 -4.90
CA GLN B 498 11.41 -38.04 -4.74
C GLN B 498 11.54 -38.65 -3.33
N PRO B 499 12.38 -39.68 -3.18
CA PRO B 499 12.56 -40.31 -1.86
C PRO B 499 13.71 -39.70 -1.08
N HIS B 500 14.20 -38.55 -1.54
CA HIS B 500 15.28 -37.86 -0.84
C HIS B 500 15.24 -36.41 -1.31
N VAL B 501 15.95 -35.53 -0.61
CA VAL B 501 15.93 -34.12 -0.99
C VAL B 501 17.23 -33.54 -1.51
N ARG B 502 18.10 -34.41 -2.04
CA ARG B 502 19.37 -33.96 -2.60
C ARG B 502 19.16 -33.55 -4.06
N GLY B 503 20.12 -32.85 -4.64
CA GLY B 503 19.98 -32.40 -6.01
C GLY B 503 20.37 -33.39 -7.08
N ASP B 504 21.05 -34.46 -6.70
CA ASP B 504 21.49 -35.45 -7.68
C ASP B 504 20.84 -36.83 -7.47
N LYS B 505 20.83 -37.62 -8.53
CA LYS B 505 20.25 -38.95 -8.51
C LYS B 505 18.77 -38.88 -8.22
N LEU B 506 18.06 -38.16 -9.08
CA LEU B 506 16.62 -38.02 -8.96
C LEU B 506 16.00 -39.17 -9.73
N TRP B 507 14.85 -39.65 -9.26
CA TRP B 507 14.17 -40.77 -9.89
C TRP B 507 13.38 -40.30 -11.10
N THR B 508 13.35 -41.15 -12.12
CA THR B 508 12.63 -40.85 -13.35
C THR B 508 11.48 -41.83 -13.53
N LEU B 509 10.62 -41.53 -14.49
CA LEU B 509 9.46 -42.37 -14.76
C LEU B 509 9.94 -43.79 -15.06
N ASP B 510 10.97 -43.87 -15.89
CA ASP B 510 11.52 -45.16 -16.25
C ASP B 510 11.90 -45.92 -14.99
N ASP B 511 12.68 -45.30 -14.10
CA ASP B 511 13.08 -45.95 -12.86
C ASP B 511 11.87 -46.58 -12.17
N ILE B 512 10.72 -45.93 -12.28
CA ILE B 512 9.51 -46.43 -11.65
C ILE B 512 8.91 -47.59 -12.44
N LYS B 513 8.79 -47.41 -13.76
CA LYS B 513 8.23 -48.44 -14.63
C LYS B 513 8.98 -49.76 -14.48
N ARG B 514 10.30 -49.67 -14.33
CA ARG B 514 11.13 -50.86 -14.19
C ARG B 514 10.80 -51.66 -12.92
N LEU B 515 10.16 -51.02 -11.95
CA LEU B 515 9.79 -51.68 -10.70
C LEU B 515 8.63 -52.65 -10.93
N ASN B 516 7.84 -52.35 -11.96
CA ASN B 516 6.68 -53.14 -12.32
C ASN B 516 5.64 -53.23 -11.19
N CYS B 517 5.41 -52.12 -10.51
CA CYS B 517 4.42 -52.10 -9.44
C CYS B 517 3.01 -51.92 -9.99
N VAL B 518 2.16 -52.90 -9.71
CA VAL B 518 0.79 -52.84 -10.15
C VAL B 518 -0.04 -52.82 -8.88
N PHE B 519 -0.94 -51.84 -8.78
CA PHE B 519 -1.80 -51.67 -7.60
C PHE B 519 -2.83 -52.78 -7.42
N LYS B 520 -3.11 -53.09 -6.16
CA LYS B 520 -4.09 -54.10 -5.80
C LYS B 520 -5.01 -53.52 -4.76
N ASN B 521 -6.27 -53.94 -4.79
CA ASN B 521 -7.26 -53.50 -3.82
C ASN B 521 -7.11 -54.48 -2.66
N PRO B 522 -6.35 -54.08 -1.61
CA PRO B 522 -6.07 -54.89 -0.42
C PRO B 522 -7.27 -55.56 0.23
N VAL B 523 -8.45 -54.96 0.10
CA VAL B 523 -9.64 -55.52 0.71
C VAL B 523 -10.01 -56.91 0.19
N LYS B 524 -9.74 -57.17 -1.09
CA LYS B 524 -10.05 -58.45 -1.72
C LYS B 524 -9.35 -59.67 -1.14
N ALA B 525 -8.35 -59.45 -0.30
CA ALA B 525 -7.64 -60.57 0.32
C ALA B 525 -8.61 -61.29 1.28
N PHE B 526 -9.77 -60.68 1.51
CA PHE B 526 -10.77 -61.27 2.39
C PHE B 526 -11.87 -62.02 1.61
N ASN B 527 -11.66 -62.21 0.31
CA ASN B 527 -12.63 -62.92 -0.51
C ASN B 527 -12.42 -64.43 -0.39
N SER C 1 23.80 -17.75 -10.70
CA SER C 1 23.93 -18.30 -9.32
C SER C 1 22.61 -18.19 -8.58
N MET C 2 22.10 -19.33 -8.10
CA MET C 2 20.84 -19.36 -7.37
C MET C 2 21.01 -18.57 -6.09
N LEU C 3 22.15 -18.79 -5.43
CA LEU C 3 22.47 -18.12 -4.18
C LEU C 3 22.94 -16.69 -4.42
N GLY C 4 23.91 -16.50 -5.31
CA GLY C 4 24.41 -15.17 -5.58
C GLY C 4 25.83 -14.98 -5.12
N GLU C 5 26.43 -13.85 -5.48
CA GLU C 5 27.81 -13.57 -5.12
C GLU C 5 27.94 -12.68 -3.88
N ARG C 6 27.04 -11.72 -3.75
CA ARG C 6 27.11 -10.80 -2.63
C ARG C 6 26.71 -11.43 -1.30
N ARG C 7 27.63 -11.41 -0.35
CA ARG C 7 27.37 -11.95 0.97
C ARG C 7 26.82 -10.84 1.85
N ARG C 8 25.64 -11.08 2.41
CA ARG C 8 25.00 -10.08 3.23
C ARG C 8 25.17 -10.32 4.71
N GLY C 9 25.60 -9.27 5.40
CA GLY C 9 25.83 -9.35 6.84
C GLY C 9 24.72 -9.93 7.69
N LEU C 10 23.47 -9.75 7.28
CA LEU C 10 22.35 -10.26 8.05
C LEU C 10 22.11 -11.77 7.87
N THR C 11 22.48 -12.29 6.71
CA THR C 11 22.24 -13.71 6.43
C THR C 11 23.48 -14.60 6.30
N ASP C 12 24.63 -13.98 6.11
CA ASP C 12 25.86 -14.75 5.98
C ASP C 12 26.32 -15.20 7.36
N PRO C 13 26.41 -16.52 7.58
CA PRO C 13 26.84 -17.08 8.87
C PRO C 13 28.14 -16.47 9.41
N GLU C 14 29.18 -16.48 8.61
CA GLU C 14 30.45 -15.92 9.03
C GLU C 14 30.29 -14.47 9.50
N MET C 15 29.86 -13.61 8.58
CA MET C 15 29.69 -12.19 8.89
C MET C 15 28.73 -11.92 10.04
N ALA C 16 27.55 -12.52 9.99
CA ALA C 16 26.54 -12.34 11.03
C ALA C 16 27.08 -12.70 12.42
N GLU C 17 27.89 -13.74 12.50
CA GLU C 17 28.41 -14.13 13.79
C GLU C 17 29.38 -13.08 14.29
N VAL C 18 30.16 -12.51 13.38
CA VAL C 18 31.07 -11.45 13.78
C VAL C 18 30.25 -10.28 14.32
N ILE C 19 29.18 -9.95 13.60
CA ILE C 19 28.31 -8.86 14.00
C ILE C 19 27.67 -9.12 15.37
N LEU C 20 27.03 -10.27 15.51
CA LEU C 20 26.37 -10.64 16.75
C LEU C 20 27.33 -10.61 17.93
N LYS C 21 28.58 -11.00 17.69
CA LYS C 21 29.58 -11.02 18.74
C LYS C 21 29.92 -9.61 19.25
N ALA C 22 29.89 -8.62 18.35
CA ALA C 22 30.21 -7.24 18.69
C ALA C 22 29.06 -6.43 19.29
N LEU C 23 27.86 -7.01 19.34
CA LEU C 23 26.70 -6.32 19.86
C LEU C 23 26.68 -6.18 21.38
N PRO C 24 26.05 -5.11 21.89
CA PRO C 24 25.98 -4.90 23.34
C PRO C 24 24.83 -5.76 23.88
N GLU C 25 24.85 -6.07 25.17
CA GLU C 25 23.80 -6.90 25.76
C GLU C 25 22.44 -6.24 25.55
N ALA C 26 22.40 -4.93 25.72
CA ALA C 26 21.17 -4.18 25.56
C ALA C 26 21.47 -2.85 24.85
N PRO C 27 20.42 -2.13 24.42
CA PRO C 27 20.65 -0.84 23.74
C PRO C 27 21.45 0.09 24.63
N LEU C 28 22.24 0.97 24.02
CA LEU C 28 23.08 1.90 24.77
C LEU C 28 22.38 3.15 25.28
N ASP C 29 21.06 3.20 25.11
CA ASP C 29 20.24 4.30 25.56
C ASP C 29 18.81 3.82 25.35
N GLY C 30 17.97 3.96 26.37
CA GLY C 30 16.59 3.51 26.27
C GLY C 30 15.66 4.50 25.59
N ASN C 31 16.19 5.67 25.23
CA ASN C 31 15.38 6.69 24.58
C ASN C 31 15.35 6.40 23.08
N ASN C 32 14.46 5.51 22.67
CA ASN C 32 14.37 5.12 21.27
C ASN C 32 13.38 5.97 20.46
N LYS C 33 13.13 7.19 20.90
CA LYS C 33 12.19 8.06 20.20
C LYS C 33 12.89 9.21 19.47
N MET C 34 13.04 9.07 18.16
CA MET C 34 13.68 10.11 17.36
C MET C 34 12.81 11.35 17.41
N GLY C 35 13.42 12.50 17.68
CA GLY C 35 12.66 13.75 17.77
C GLY C 35 12.04 13.99 19.14
N TYR C 36 12.51 13.22 20.13
CA TYR C 36 12.01 13.34 21.50
C TYR C 36 12.10 14.76 22.02
N PHE C 37 13.05 15.53 21.49
CA PHE C 37 13.26 16.90 21.94
C PHE C 37 12.33 17.93 21.32
N VAL C 38 11.47 17.49 20.40
CA VAL C 38 10.53 18.40 19.75
C VAL C 38 9.30 18.61 20.63
N THR C 39 8.80 19.84 20.69
CA THR C 39 7.61 20.13 21.48
C THR C 39 6.37 19.67 20.70
N PRO C 40 5.66 18.65 21.19
CA PRO C 40 4.46 18.12 20.55
C PRO C 40 3.33 19.13 20.46
N ARG C 41 2.62 19.13 19.34
CA ARG C 41 1.48 20.03 19.17
C ARG C 41 0.28 19.39 19.82
N TRP C 42 0.26 18.07 19.81
CA TRP C 42 -0.84 17.30 20.37
C TRP C 42 -0.41 16.47 21.60
N LYS C 43 -1.26 15.54 22.03
CA LYS C 43 -0.96 14.72 23.21
C LYS C 43 0.44 14.08 23.15
N ARG C 44 0.65 13.25 22.13
CA ARG C 44 1.94 12.58 21.97
C ARG C 44 2.56 13.03 20.65
N LEU C 45 3.87 12.92 20.53
CA LEU C 45 4.55 13.32 19.31
C LEU C 45 4.07 12.46 18.15
N THR C 46 3.95 13.05 16.97
CA THR C 46 3.50 12.32 15.79
C THR C 46 4.63 12.00 14.83
N GLU C 47 4.42 10.97 14.01
CA GLU C 47 5.41 10.57 13.02
C GLU C 47 5.68 11.76 12.12
N TYR C 48 4.62 12.49 11.80
CA TYR C 48 4.69 13.68 10.95
C TYR C 48 5.68 14.70 11.54
N GLU C 49 5.57 14.96 12.83
CA GLU C 49 6.46 15.91 13.50
C GLU C 49 7.88 15.37 13.58
N ALA C 50 8.03 14.12 13.99
CA ALA C 50 9.36 13.52 14.11
C ALA C 50 10.14 13.59 12.80
N LEU C 51 9.49 13.19 11.72
CA LEU C 51 10.13 13.19 10.43
C LEU C 51 10.35 14.57 9.82
N THR C 52 9.66 15.58 10.32
CA THR C 52 9.77 16.91 9.72
C THR C 52 10.44 18.02 10.51
N VAL C 53 9.98 18.28 11.73
CA VAL C 53 10.51 19.38 12.51
C VAL C 53 12.04 19.38 12.72
N TYR C 54 12.65 20.49 12.32
CA TYR C 54 14.08 20.70 12.43
C TYR C 54 14.94 20.12 11.33
N ALA C 55 14.30 19.64 10.27
CA ALA C 55 15.05 19.13 9.15
C ALA C 55 15.78 20.35 8.56
N GLN C 56 15.15 21.53 8.63
CA GLN C 56 15.79 22.73 8.12
C GLN C 56 16.91 23.15 9.09
N PRO C 57 18.14 23.23 8.58
CA PRO C 57 19.32 23.60 9.35
C PRO C 57 19.48 25.05 9.78
N ASN C 58 18.39 25.70 10.18
CA ASN C 58 18.47 27.10 10.62
C ASN C 58 19.27 27.25 11.92
N ALA C 59 20.03 28.34 11.98
CA ALA C 59 20.82 28.70 13.16
C ALA C 59 19.90 29.59 13.99
N ASP C 60 20.21 29.75 15.28
CA ASP C 60 19.37 30.54 16.17
C ASP C 60 19.01 31.95 15.70
N TRP C 61 19.79 32.55 14.79
CA TRP C 61 19.44 33.90 14.36
C TRP C 61 18.23 33.99 13.43
N ILE C 62 17.62 32.84 13.14
CA ILE C 62 16.40 32.78 12.34
C ILE C 62 15.44 32.12 13.31
N ALA C 63 14.58 32.92 13.92
CA ALA C 63 13.60 32.50 14.91
C ALA C 63 13.31 31.00 15.00
N GLY C 64 13.69 30.40 16.14
CA GLY C 64 13.44 28.99 16.37
C GLY C 64 14.53 28.04 15.95
N GLY C 65 15.55 28.55 15.25
CA GLY C 65 16.63 27.68 14.79
C GLY C 65 17.43 27.10 15.93
N LEU C 66 18.02 25.92 15.73
CA LEU C 66 18.79 25.27 16.77
C LEU C 66 20.30 25.29 16.52
N ASP C 67 20.71 25.64 15.31
CA ASP C 67 22.12 25.66 14.96
C ASP C 67 22.73 27.01 15.36
N TRP C 68 23.99 27.21 15.00
CA TRP C 68 24.67 28.46 15.29
C TRP C 68 25.58 28.79 14.13
N GLY C 69 25.94 30.06 14.02
CA GLY C 69 26.83 30.49 12.97
C GLY C 69 26.14 30.85 11.68
N ASP C 70 26.90 31.47 10.79
CA ASP C 70 26.42 31.88 9.48
C ASP C 70 26.36 30.67 8.55
N TRP C 71 25.81 30.88 7.37
CA TRP C 71 25.74 29.82 6.37
C TRP C 71 27.16 29.66 5.82
N THR C 72 27.49 28.49 5.31
CA THR C 72 28.84 28.24 4.79
C THR C 72 29.10 28.95 3.46
N GLN C 73 28.09 28.99 2.59
CA GLN C 73 28.22 29.66 1.31
C GLN C 73 26.96 30.47 1.09
N LYS C 74 27.12 31.75 0.78
CA LYS C 74 25.96 32.61 0.56
C LYS C 74 25.92 33.08 -0.89
N PHE C 75 24.96 33.96 -1.19
CA PHE C 75 24.81 34.48 -2.53
C PHE C 75 25.85 35.56 -2.78
N HIS C 76 26.12 35.82 -4.07
CA HIS C 76 27.03 36.89 -4.45
C HIS C 76 26.37 38.14 -3.88
N GLY C 77 27.13 38.96 -3.16
CA GLY C 77 26.55 40.13 -2.55
C GLY C 77 26.40 39.93 -1.05
N GLY C 78 26.22 38.67 -0.64
CA GLY C 78 26.10 38.38 0.78
C GLY C 78 24.78 37.80 1.27
N ARG C 79 23.77 37.81 0.42
CA ARG C 79 22.45 37.28 0.77
C ARG C 79 22.55 35.87 1.35
N PRO C 80 21.98 35.66 2.54
CA PRO C 80 21.97 34.37 3.25
C PRO C 80 21.11 33.30 2.57
N SER C 81 21.50 32.04 2.72
CA SER C 81 20.76 30.92 2.11
C SER C 81 19.29 31.06 2.47
N TRP C 82 19.02 31.36 3.73
CA TRP C 82 17.69 31.63 4.25
C TRP C 82 17.91 32.76 5.23
N GLY C 83 16.96 33.67 5.32
CA GLY C 83 17.13 34.77 6.25
C GLY C 83 15.82 35.45 6.56
N ASN C 84 15.82 36.20 7.65
CA ASN C 84 14.68 36.94 8.11
C ASN C 84 14.23 37.96 7.07
N GLU C 85 15.18 38.43 6.28
CA GLU C 85 14.95 39.43 5.24
C GLU C 85 14.02 39.05 4.09
N THR C 86 13.60 37.79 4.00
CA THR C 86 12.74 37.37 2.91
C THR C 86 11.25 37.50 3.17
N THR C 87 10.87 38.04 4.33
CA THR C 87 9.46 38.21 4.67
C THR C 87 9.25 39.28 5.76
N GLU C 88 8.16 40.02 5.66
CA GLU C 88 7.84 41.08 6.62
C GLU C 88 7.41 40.50 7.95
N LEU C 89 6.78 39.33 7.90
CA LEU C 89 6.29 38.68 9.10
C LEU C 89 7.42 38.31 10.05
N ARG C 90 7.11 38.33 11.33
CA ARG C 90 8.08 37.99 12.37
C ARG C 90 7.42 37.04 13.36
N THR C 91 8.21 36.17 13.96
CA THR C 91 7.66 35.21 14.89
C THR C 91 8.69 34.89 15.95
N VAL C 92 8.28 34.14 16.96
CA VAL C 92 9.17 33.75 18.03
C VAL C 92 9.79 32.41 17.63
N ASP C 93 9.12 31.69 16.73
CA ASP C 93 9.63 30.38 16.27
C ASP C 93 8.97 29.97 14.95
N TRP C 94 9.75 29.88 13.89
CA TRP C 94 9.21 29.48 12.58
C TRP C 94 8.85 27.98 12.50
N PHE C 95 9.14 27.24 13.56
CA PHE C 95 8.85 25.81 13.57
C PHE C 95 7.58 25.49 14.34
N LYS C 96 6.85 26.52 14.73
CA LYS C 96 5.62 26.32 15.47
C LYS C 96 4.52 25.72 14.60
N HIS C 97 4.47 26.09 13.33
CA HIS C 97 3.43 25.61 12.43
C HIS C 97 3.27 24.09 12.39
N ARG C 98 2.03 23.68 12.20
CA ARG C 98 1.68 22.28 12.13
C ARG C 98 0.54 22.12 11.15
N ASP C 99 0.71 21.24 10.17
CA ASP C 99 -0.35 20.98 9.21
C ASP C 99 -1.34 20.14 10.01
N PRO C 100 -2.58 20.63 10.19
CA PRO C 100 -3.58 19.90 10.95
C PRO C 100 -3.79 18.48 10.42
N LEU C 101 -3.57 18.30 9.12
CA LEU C 101 -3.74 16.98 8.54
C LEU C 101 -2.48 16.12 8.70
N ARG C 102 -1.42 16.73 9.25
CA ARG C 102 -0.16 16.05 9.52
C ARG C 102 0.39 15.33 8.30
N ARG C 103 0.38 16.03 7.17
CA ARG C 103 0.85 15.42 5.94
C ARG C 103 2.34 15.52 5.64
N TRP C 104 3.03 14.38 5.67
CA TRP C 104 4.42 14.36 5.25
C TRP C 104 4.31 13.72 3.86
N HIS C 105 5.40 13.54 3.14
CA HIS C 105 5.30 13.01 1.79
C HIS C 105 4.49 11.74 1.57
N ALA C 106 4.74 10.71 2.38
CA ALA C 106 4.04 9.42 2.21
C ALA C 106 2.52 9.52 2.22
N PRO C 107 1.93 10.09 3.29
CA PRO C 107 0.48 10.22 3.38
C PRO C 107 -0.09 11.05 2.22
N TYR C 108 0.64 12.10 1.84
CA TYR C 108 0.21 12.99 0.75
C TYR C 108 0.05 12.27 -0.58
N VAL C 109 1.11 11.61 -1.05
CA VAL C 109 0.99 10.89 -2.31
C VAL C 109 0.04 9.71 -2.21
N LYS C 110 -0.12 9.15 -1.01
CA LYS C 110 -1.05 8.04 -0.84
C LYS C 110 -2.49 8.49 -1.11
N ASP C 111 -2.90 9.58 -0.49
CA ASP C 111 -4.25 10.10 -0.66
C ASP C 111 -4.50 10.53 -2.12
N LYS C 112 -3.55 11.25 -2.71
CA LYS C 112 -3.71 11.71 -4.08
C LYS C 112 -3.74 10.53 -5.04
N ALA C 113 -2.94 9.51 -4.76
CA ALA C 113 -2.91 8.33 -5.61
C ALA C 113 -4.27 7.61 -5.59
N GLU C 114 -4.88 7.52 -4.41
CA GLU C 114 -6.19 6.87 -4.28
C GLU C 114 -7.17 7.66 -5.14
N GLU C 115 -7.06 8.98 -5.09
CA GLU C 115 -7.93 9.87 -5.85
C GLU C 115 -7.72 9.66 -7.35
N TRP C 116 -6.47 9.56 -7.75
CA TRP C 116 -6.12 9.34 -9.13
C TRP C 116 -6.75 8.03 -9.64
N ARG C 117 -6.51 6.94 -8.92
CA ARG C 117 -7.03 5.64 -9.33
C ARG C 117 -8.55 5.60 -9.32
N TYR C 118 -9.18 6.29 -8.38
CA TYR C 118 -10.64 6.32 -8.35
C TYR C 118 -11.15 7.11 -9.55
N THR C 119 -10.51 8.25 -9.81
CA THR C 119 -10.89 9.08 -10.93
C THR C 119 -10.93 8.25 -12.20
N ASP C 120 -9.90 7.45 -12.40
CA ASP C 120 -9.82 6.58 -13.57
C ASP C 120 -11.03 5.65 -13.63
N ARG C 121 -11.32 5.00 -12.51
CA ARG C 121 -12.44 4.08 -12.42
C ARG C 121 -13.75 4.83 -12.70
N PHE C 122 -13.87 6.03 -12.15
CA PHE C 122 -15.06 6.84 -12.35
C PHE C 122 -15.29 7.11 -13.84
N LEU C 123 -14.31 7.73 -14.50
CA LEU C 123 -14.43 8.04 -15.92
C LEU C 123 -14.79 6.82 -16.77
N GLN C 124 -14.23 5.67 -16.43
CA GLN C 124 -14.53 4.45 -17.18
C GLN C 124 -15.97 4.00 -16.99
N GLY C 125 -16.50 4.22 -15.79
CA GLY C 125 -17.87 3.83 -15.52
C GLY C 125 -18.78 4.85 -16.17
N TYR C 126 -18.44 6.12 -16.01
CA TYR C 126 -19.23 7.22 -16.56
C TYR C 126 -19.48 7.05 -18.05
N SER C 127 -18.42 6.84 -18.81
CA SER C 127 -18.49 6.67 -20.25
C SER C 127 -19.25 5.40 -20.64
N ALA C 128 -19.01 4.32 -19.90
CA ALA C 128 -19.67 3.05 -20.16
C ALA C 128 -21.16 3.12 -19.83
N ASP C 129 -21.50 3.95 -18.85
CA ASP C 129 -22.88 4.12 -18.42
C ASP C 129 -23.57 5.09 -19.37
N GLY C 130 -22.80 5.66 -20.29
CA GLY C 130 -23.32 6.61 -21.27
C GLY C 130 -24.03 7.81 -20.68
N GLN C 131 -23.67 8.18 -19.45
CA GLN C 131 -24.30 9.33 -18.78
C GLN C 131 -24.15 10.64 -19.54
N ILE C 132 -23.14 10.71 -20.41
CA ILE C 132 -22.89 11.91 -21.19
C ILE C 132 -24.11 12.35 -22.00
N ARG C 133 -24.96 11.39 -22.36
CA ARG C 133 -26.15 11.67 -23.16
C ARG C 133 -27.04 12.78 -22.61
N ALA C 134 -27.32 12.75 -21.31
CA ALA C 134 -28.18 13.74 -20.68
C ALA C 134 -27.54 15.10 -20.38
N MET C 135 -26.38 15.39 -20.97
CA MET C 135 -25.72 16.67 -20.72
C MET C 135 -25.98 17.72 -21.80
N ASN C 136 -26.34 18.92 -21.36
CA ASN C 136 -26.60 20.04 -22.26
C ASN C 136 -25.41 20.35 -23.16
N PRO C 137 -25.63 20.38 -24.49
CA PRO C 137 -24.58 20.66 -25.47
C PRO C 137 -23.97 22.05 -25.34
N THR C 138 -24.82 23.06 -25.20
CA THR C 138 -24.35 24.44 -25.08
C THR C 138 -23.42 24.58 -23.88
N TRP C 139 -23.86 24.08 -22.73
CA TRP C 139 -23.07 24.15 -21.50
C TRP C 139 -21.75 23.42 -21.67
N ARG C 140 -21.80 22.28 -22.35
CA ARG C 140 -20.62 21.46 -22.61
C ARG C 140 -19.61 22.15 -23.52
N ASP C 141 -20.05 22.54 -24.71
CA ASP C 141 -19.19 23.17 -25.69
C ASP C 141 -18.81 24.63 -25.44
N GLU C 142 -19.60 25.34 -24.62
CA GLU C 142 -19.30 26.73 -24.37
C GLU C 142 -18.76 27.01 -22.98
N PHE C 143 -19.53 26.69 -21.95
CA PHE C 143 -19.10 26.97 -20.59
C PHE C 143 -18.03 26.04 -20.01
N ILE C 144 -18.13 24.75 -20.29
CA ILE C 144 -17.14 23.81 -19.78
C ILE C 144 -15.84 23.92 -20.57
N ASN C 145 -15.92 23.80 -21.88
CA ASN C 145 -14.74 23.86 -22.72
C ASN C 145 -14.02 25.20 -22.74
N ARG C 146 -14.78 26.29 -22.76
CA ARG C 146 -14.18 27.62 -22.80
C ARG C 146 -13.95 28.31 -21.44
N TYR C 147 -15.02 28.52 -20.68
CA TYR C 147 -14.90 29.21 -19.41
C TYR C 147 -14.33 28.39 -18.26
N TRP C 148 -14.72 27.13 -18.14
CA TRP C 148 -14.16 26.29 -17.10
C TRP C 148 -12.73 26.00 -17.55
N GLY C 149 -12.56 25.73 -18.84
CA GLY C 149 -11.24 25.46 -19.37
C GLY C 149 -10.26 26.60 -19.10
N ALA C 150 -10.73 27.84 -19.28
CA ALA C 150 -9.88 28.99 -19.06
C ALA C 150 -9.44 29.10 -17.60
N PHE C 151 -10.32 28.69 -16.69
CA PHE C 151 -10.02 28.75 -15.26
C PHE C 151 -8.76 27.97 -14.91
N LEU C 152 -8.43 26.95 -15.68
CA LEU C 152 -7.23 26.17 -15.40
C LEU C 152 -6.00 27.06 -15.32
N PHE C 153 -5.95 28.08 -16.17
CA PHE C 153 -4.80 28.98 -16.17
C PHE C 153 -4.80 29.83 -14.89
N ASN C 154 -5.96 29.96 -14.26
CA ASN C 154 -6.05 30.71 -13.01
C ASN C 154 -5.39 29.86 -11.92
N GLU C 155 -5.79 28.60 -11.84
CA GLU C 155 -5.22 27.68 -10.87
C GLU C 155 -3.75 27.44 -11.15
N TYR C 156 -3.39 27.37 -12.44
CA TYR C 156 -2.00 27.18 -12.83
C TYR C 156 -1.17 28.36 -12.34
N GLY C 157 -1.73 29.56 -12.50
CA GLY C 157 -1.03 30.76 -12.06
C GLY C 157 -0.86 30.76 -10.54
N LEU C 158 -1.86 30.32 -9.81
CA LEU C 158 -1.76 30.29 -8.35
C LEU C 158 -0.71 29.28 -7.94
N PHE C 159 -0.62 28.19 -8.69
CA PHE C 159 0.38 27.15 -8.43
C PHE C 159 1.76 27.79 -8.49
N ASN C 160 2.02 28.45 -9.62
CA ASN C 160 3.30 29.10 -9.85
C ASN C 160 3.65 30.17 -8.84
N ALA C 161 2.64 30.71 -8.16
CA ALA C 161 2.88 31.74 -7.17
C ALA C 161 3.60 31.16 -5.95
N HIS C 162 3.60 29.83 -5.84
CA HIS C 162 4.27 29.16 -4.72
C HIS C 162 5.75 28.91 -4.95
N SER C 163 6.23 29.06 -6.19
CA SER C 163 7.62 28.78 -6.48
C SER C 163 8.62 29.44 -5.53
N GLN C 164 8.49 30.74 -5.31
CA GLN C 164 9.42 31.42 -4.44
C GLN C 164 9.38 30.90 -3.01
N GLY C 165 8.18 30.56 -2.53
CA GLY C 165 8.04 30.04 -1.19
C GLY C 165 8.75 28.71 -1.00
N ALA C 166 8.78 27.90 -2.04
CA ALA C 166 9.43 26.60 -1.97
C ALA C 166 10.92 26.83 -1.70
N ARG C 167 11.42 27.96 -2.19
CA ARG C 167 12.82 28.31 -2.02
C ARG C 167 13.09 29.10 -0.74
N GLU C 168 12.21 30.05 -0.41
CA GLU C 168 12.40 30.91 0.75
C GLU C 168 11.82 30.53 2.11
N ALA C 169 10.81 29.66 2.15
CA ALA C 169 10.20 29.27 3.42
C ALA C 169 11.27 29.10 4.51
N LEU C 170 11.00 29.64 5.70
CA LEU C 170 11.96 29.57 6.80
C LEU C 170 11.90 28.36 7.74
N SER C 171 11.17 27.33 7.34
CA SER C 171 11.10 26.13 8.15
C SER C 171 10.57 24.97 7.33
N ASP C 172 10.83 23.77 7.80
CA ASP C 172 10.39 22.55 7.15
C ASP C 172 8.86 22.43 7.15
N VAL C 173 8.24 22.58 8.32
CA VAL C 173 6.80 22.47 8.41
C VAL C 173 6.09 23.42 7.44
N THR C 174 6.63 24.62 7.30
CA THR C 174 6.00 25.57 6.39
C THR C 174 6.31 25.22 4.94
N ARG C 175 7.57 24.92 4.65
CA ARG C 175 7.97 24.57 3.29
C ARG C 175 7.14 23.41 2.78
N VAL C 176 6.97 22.38 3.60
CA VAL C 176 6.20 21.21 3.19
C VAL C 176 4.74 21.56 2.91
N SER C 177 4.12 22.34 3.79
CA SER C 177 2.73 22.74 3.57
C SER C 177 2.63 23.55 2.29
N LEU C 178 3.49 24.56 2.15
CA LEU C 178 3.52 25.40 0.96
C LEU C 178 3.57 24.54 -0.29
N ALA C 179 4.49 23.59 -0.30
CA ALA C 179 4.68 22.70 -1.43
C ALA C 179 3.41 21.93 -1.79
N PHE C 180 2.73 21.42 -0.76
CA PHE C 180 1.51 20.66 -1.00
C PHE C 180 0.35 21.55 -1.43
N TRP C 181 0.35 22.81 -0.98
CA TRP C 181 -0.71 23.74 -1.37
C TRP C 181 -0.57 23.98 -2.87
N GLY C 182 0.64 24.32 -3.30
CA GLY C 182 0.88 24.57 -4.71
C GLY C 182 0.69 23.34 -5.59
N PHE C 183 1.12 22.18 -5.11
CA PHE C 183 1.00 20.96 -5.88
C PHE C 183 -0.45 20.60 -6.12
N ASP C 184 -1.29 20.88 -5.13
CA ASP C 184 -2.71 20.61 -5.28
C ASP C 184 -3.32 21.52 -6.35
N LYS C 185 -2.80 22.74 -6.46
CA LYS C 185 -3.32 23.67 -7.45
C LYS C 185 -2.96 23.25 -8.87
N ILE C 186 -1.72 22.79 -9.08
CA ILE C 186 -1.33 22.33 -10.41
C ILE C 186 -2.16 21.08 -10.74
N ASP C 187 -2.46 20.28 -9.71
CA ASP C 187 -3.26 19.09 -9.88
C ASP C 187 -4.64 19.49 -10.44
N ILE C 188 -5.29 20.45 -9.81
CA ILE C 188 -6.60 20.91 -10.23
C ILE C 188 -6.57 21.40 -11.68
N ALA C 189 -5.56 22.20 -12.01
CA ALA C 189 -5.45 22.72 -13.36
C ALA C 189 -5.37 21.54 -14.33
N GLN C 190 -4.60 20.53 -13.97
CA GLN C 190 -4.46 19.34 -14.80
C GLN C 190 -5.76 18.55 -14.86
N MET C 191 -6.54 18.58 -13.78
CA MET C 191 -7.80 17.85 -13.77
C MET C 191 -8.79 18.54 -14.70
N ILE C 192 -8.72 19.85 -14.79
CA ILE C 192 -9.59 20.61 -15.67
C ILE C 192 -9.26 20.18 -17.10
N GLN C 193 -7.97 20.02 -17.39
CA GLN C 193 -7.56 19.60 -18.71
C GLN C 193 -7.95 18.13 -18.94
N LEU C 194 -7.91 17.33 -17.87
CA LEU C 194 -8.25 15.92 -17.98
C LEU C 194 -9.70 15.77 -18.41
N GLU C 195 -10.58 16.64 -17.90
CA GLU C 195 -11.99 16.58 -18.25
C GLU C 195 -12.21 16.95 -19.71
N ARG C 196 -11.48 17.95 -20.19
CA ARG C 196 -11.61 18.37 -21.58
C ARG C 196 -11.10 17.27 -22.51
N GLY C 197 -10.04 16.60 -22.08
CA GLY C 197 -9.47 15.51 -22.85
C GLY C 197 -10.39 14.31 -22.81
N PHE C 198 -11.18 14.19 -21.75
CA PHE C 198 -12.12 13.09 -21.59
C PHE C 198 -13.31 13.31 -22.52
N LEU C 199 -13.81 14.54 -22.54
CA LEU C 199 -14.94 14.89 -23.37
C LEU C 199 -14.59 14.69 -24.84
N ALA C 200 -13.36 15.02 -25.19
CA ALA C 200 -12.90 14.88 -26.55
C ALA C 200 -12.95 13.43 -27.02
N LYS C 201 -12.89 12.49 -26.08
CA LYS C 201 -12.92 11.07 -26.42
C LYS C 201 -14.33 10.49 -26.54
N ILE C 202 -15.26 11.01 -25.75
CA ILE C 202 -16.63 10.50 -25.78
C ILE C 202 -17.60 11.44 -26.48
N VAL C 203 -17.11 12.56 -26.98
CA VAL C 203 -17.95 13.52 -27.69
C VAL C 203 -17.27 13.93 -28.99
N PRO C 204 -17.65 13.29 -30.11
CA PRO C 204 -17.09 13.59 -31.43
C PRO C 204 -17.12 15.08 -31.75
N GLY C 205 -16.00 15.62 -32.22
CA GLY C 205 -15.94 17.02 -32.57
C GLY C 205 -15.50 17.93 -31.44
N PHE C 206 -15.31 17.36 -30.25
CA PHE C 206 -14.87 18.14 -29.10
C PHE C 206 -13.35 18.30 -29.17
N ASP C 207 -12.88 19.54 -29.26
CA ASP C 207 -11.45 19.80 -29.36
C ASP C 207 -10.79 19.95 -27.98
N GLU C 208 -9.85 19.07 -27.67
CA GLU C 208 -9.16 19.14 -26.39
C GLU C 208 -8.04 20.16 -26.37
N SER C 209 -7.81 20.81 -27.51
CA SER C 209 -6.78 21.83 -27.62
C SER C 209 -7.07 22.91 -26.59
N THR C 210 -6.03 23.47 -25.99
CA THR C 210 -6.21 24.49 -24.98
C THR C 210 -6.29 25.87 -25.63
N ALA C 211 -6.05 25.92 -26.93
CA ALA C 211 -6.07 27.18 -27.68
C ALA C 211 -7.26 28.08 -27.33
N VAL C 212 -8.47 27.52 -27.40
CA VAL C 212 -9.67 28.30 -27.10
C VAL C 212 -9.68 28.80 -25.66
N PRO C 213 -9.71 27.88 -24.67
CA PRO C 213 -9.73 28.34 -23.27
C PRO C 213 -8.57 29.28 -22.93
N LYS C 214 -7.41 29.05 -23.52
CA LYS C 214 -6.26 29.91 -23.26
C LYS C 214 -6.54 31.30 -23.80
N ALA C 215 -7.07 31.35 -25.03
CA ALA C 215 -7.39 32.62 -25.67
C ALA C 215 -8.36 33.39 -24.81
N GLU C 216 -9.32 32.67 -24.23
CA GLU C 216 -10.32 33.27 -23.38
C GLU C 216 -9.64 33.89 -22.15
N TRP C 217 -8.68 33.16 -21.59
CA TRP C 217 -7.96 33.62 -20.41
C TRP C 217 -7.04 34.81 -20.71
N THR C 218 -6.28 34.73 -21.79
CA THR C 218 -5.35 35.79 -22.15
C THR C 218 -5.97 37.05 -22.72
N ASN C 219 -7.06 36.92 -23.48
CA ASN C 219 -7.70 38.09 -24.10
C ASN C 219 -9.19 38.26 -23.84
N GLY C 220 -9.78 37.44 -22.98
CA GLY C 220 -11.19 37.58 -22.71
C GLY C 220 -11.48 38.70 -21.74
N GLU C 221 -12.76 38.96 -21.49
CA GLU C 221 -13.16 40.01 -20.56
C GLU C 221 -13.58 39.41 -19.24
N VAL C 222 -14.21 38.25 -19.30
CA VAL C 222 -14.68 37.56 -18.12
C VAL C 222 -13.60 37.33 -17.05
N TYR C 223 -12.41 36.92 -17.50
CA TYR C 223 -11.30 36.66 -16.59
C TYR C 223 -10.18 37.67 -16.65
N LYS C 224 -10.38 38.77 -17.36
CA LYS C 224 -9.33 39.79 -17.49
C LYS C 224 -8.74 40.20 -16.13
N SER C 225 -9.57 40.77 -15.26
CA SER C 225 -9.11 41.21 -13.95
C SER C 225 -8.58 40.06 -13.11
N ALA C 226 -9.13 38.86 -13.32
CA ALA C 226 -8.68 37.69 -12.60
C ALA C 226 -7.23 37.43 -12.97
N ARG C 227 -6.97 37.39 -14.28
CA ARG C 227 -5.63 37.16 -14.79
C ARG C 227 -4.69 38.25 -14.28
N LEU C 228 -5.16 39.49 -14.26
CA LEU C 228 -4.31 40.58 -13.77
C LEU C 228 -3.91 40.37 -12.31
N ALA C 229 -4.83 39.88 -11.48
CA ALA C 229 -4.52 39.63 -10.07
C ALA C 229 -3.53 38.47 -9.97
N VAL C 230 -3.83 37.40 -10.71
CA VAL C 230 -2.98 36.22 -10.74
C VAL C 230 -1.55 36.58 -11.14
N GLU C 231 -1.42 37.32 -12.23
CA GLU C 231 -0.11 37.73 -12.69
C GLU C 231 0.66 38.49 -11.61
N GLY C 232 -0.04 39.30 -10.84
CA GLY C 232 0.60 40.06 -9.78
C GLY C 232 1.03 39.22 -8.59
N LEU C 233 0.08 38.42 -8.08
CA LEU C 233 0.32 37.55 -6.94
C LEU C 233 1.51 36.66 -7.19
N TRP C 234 1.62 36.20 -8.44
CA TRP C 234 2.70 35.32 -8.83
C TRP C 234 4.02 36.02 -9.09
N GLN C 235 4.02 37.03 -9.96
CA GLN C 235 5.27 37.69 -10.33
C GLN C 235 5.63 39.05 -9.72
N GLU C 236 4.70 39.67 -9.01
CA GLU C 236 4.98 40.97 -8.39
C GLU C 236 5.17 40.90 -6.87
N VAL C 237 5.04 39.70 -6.32
CA VAL C 237 5.24 39.53 -4.88
C VAL C 237 6.50 38.70 -4.65
N PHE C 238 7.46 39.29 -3.93
CA PHE C 238 8.70 38.60 -3.63
C PHE C 238 8.74 38.10 -2.20
N ASP C 239 7.68 38.38 -1.44
CA ASP C 239 7.59 37.94 -0.05
C ASP C 239 6.80 36.62 0.02
N TRP C 240 7.49 35.50 0.27
CA TRP C 240 6.84 34.20 0.31
C TRP C 240 5.61 34.09 1.18
N ASN C 241 5.51 34.88 2.24
CA ASN C 241 4.33 34.83 3.09
C ASN C 241 3.21 35.68 2.52
N GLU C 242 3.54 36.82 1.94
CA GLU C 242 2.51 37.68 1.36
C GLU C 242 1.85 36.91 0.22
N SER C 243 2.66 36.22 -0.58
CA SER C 243 2.15 35.44 -1.67
C SER C 243 1.20 34.34 -1.15
N ALA C 244 1.69 33.49 -0.26
CA ALA C 244 0.86 32.41 0.28
C ALA C 244 -0.40 32.92 0.97
N PHE C 245 -0.25 33.93 1.80
CA PHE C 245 -1.39 34.49 2.52
C PHE C 245 -2.40 35.13 1.57
N SER C 246 -1.91 35.99 0.68
CA SER C 246 -2.81 36.69 -0.23
C SER C 246 -3.50 35.77 -1.21
N VAL C 247 -2.82 34.70 -1.59
CA VAL C 247 -3.39 33.74 -2.51
C VAL C 247 -4.50 32.92 -1.85
N HIS C 248 -4.19 32.31 -0.71
CA HIS C 248 -5.16 31.47 -0.03
C HIS C 248 -6.14 32.15 0.92
N ALA C 249 -5.72 33.25 1.56
CA ALA C 249 -6.61 33.93 2.50
C ALA C 249 -7.33 35.15 1.94
N VAL C 250 -7.16 35.41 0.64
CA VAL C 250 -7.82 36.54 0.01
C VAL C 250 -8.39 36.24 -1.39
N TYR C 251 -7.51 36.14 -2.38
CA TYR C 251 -7.91 35.89 -3.74
C TYR C 251 -8.67 34.58 -4.00
N ASP C 252 -8.06 33.45 -3.63
CA ASP C 252 -8.69 32.17 -3.86
C ASP C 252 -9.86 31.91 -2.90
N ALA C 253 -9.86 32.58 -1.76
CA ALA C 253 -10.95 32.41 -0.79
C ALA C 253 -12.18 33.16 -1.29
N LEU C 254 -11.96 34.17 -2.13
CA LEU C 254 -13.06 34.94 -2.68
C LEU C 254 -13.36 34.58 -4.13
N PHE C 255 -12.50 35.01 -5.04
CA PHE C 255 -12.70 34.70 -6.45
C PHE C 255 -12.80 33.20 -6.73
N GLY C 256 -11.79 32.46 -6.30
CA GLY C 256 -11.77 31.02 -6.52
C GLY C 256 -12.96 30.28 -5.97
N GLN C 257 -13.30 30.56 -4.72
CA GLN C 257 -14.43 29.89 -4.11
C GLN C 257 -15.71 30.24 -4.86
N PHE C 258 -15.81 31.47 -5.35
CA PHE C 258 -17.03 31.85 -6.08
C PHE C 258 -17.14 31.10 -7.40
N VAL C 259 -16.10 31.20 -8.23
CA VAL C 259 -16.10 30.53 -9.52
C VAL C 259 -16.32 29.03 -9.38
N ARG C 260 -15.50 28.38 -8.58
CA ARG C 260 -15.62 26.94 -8.40
C ARG C 260 -16.94 26.47 -7.81
N ARG C 261 -17.28 27.01 -6.65
CA ARG C 261 -18.49 26.59 -5.94
C ARG C 261 -19.79 27.29 -6.32
N GLU C 262 -19.77 28.61 -6.41
CA GLU C 262 -20.99 29.37 -6.72
C GLU C 262 -21.38 29.52 -8.18
N PHE C 263 -20.53 29.06 -9.09
CA PHE C 263 -20.88 29.15 -10.50
C PHE C 263 -20.97 27.76 -11.11
N PHE C 264 -19.82 27.15 -11.37
CA PHE C 264 -19.80 25.83 -11.98
C PHE C 264 -20.39 24.70 -11.14
N GLN C 265 -20.03 24.64 -9.86
CA GLN C 265 -20.56 23.60 -8.99
C GLN C 265 -22.07 23.76 -8.88
N ARG C 266 -22.52 25.00 -8.72
CA ARG C 266 -23.93 25.31 -8.56
C ARG C 266 -24.78 25.18 -9.83
N LEU C 267 -24.22 25.50 -10.99
CA LEU C 267 -24.99 25.44 -12.22
C LEU C 267 -24.80 24.20 -13.10
N ALA C 268 -23.63 23.57 -13.05
CA ALA C 268 -23.40 22.38 -13.86
C ALA C 268 -24.55 21.39 -13.78
N PRO C 269 -24.98 21.04 -12.55
CA PRO C 269 -26.07 20.09 -12.36
C PRO C 269 -27.33 20.48 -13.15
N ARG C 270 -27.63 21.77 -13.17
CA ARG C 270 -28.80 22.28 -13.87
C ARG C 270 -28.76 21.99 -15.37
N PHE C 271 -27.59 21.67 -15.88
CA PHE C 271 -27.45 21.36 -17.30
C PHE C 271 -27.12 19.90 -17.53
N GLY C 272 -27.50 19.07 -16.57
CA GLY C 272 -27.24 17.65 -16.69
C GLY C 272 -25.76 17.30 -16.73
N ASP C 273 -24.96 18.11 -16.06
CA ASP C 273 -23.53 17.89 -16.00
C ASP C 273 -23.10 17.47 -14.60
N ASN C 274 -22.79 16.18 -14.45
CA ASN C 274 -22.33 15.64 -13.18
C ASN C 274 -20.87 15.26 -13.31
N LEU C 275 -20.33 15.48 -14.50
CA LEU C 275 -18.93 15.20 -14.76
C LEU C 275 -18.06 16.25 -14.07
N THR C 276 -18.29 17.51 -14.40
CA THR C 276 -17.52 18.61 -13.82
C THR C 276 -17.56 18.64 -12.29
N PRO C 277 -18.75 18.43 -11.71
CA PRO C 277 -18.87 18.44 -10.24
C PRO C 277 -17.98 17.39 -9.59
N PHE C 278 -17.65 16.34 -10.34
CA PHE C 278 -16.80 15.28 -9.80
C PHE C 278 -15.41 15.83 -9.53
N PHE C 279 -14.92 16.65 -10.45
CA PHE C 279 -13.60 17.23 -10.29
C PHE C 279 -13.59 18.40 -9.32
N ILE C 280 -14.68 19.16 -9.29
CA ILE C 280 -14.77 20.28 -8.38
C ILE C 280 -14.81 19.74 -6.95
N ASN C 281 -15.33 18.53 -6.78
CA ASN C 281 -15.38 17.90 -5.46
C ASN C 281 -13.96 17.79 -4.94
N GLN C 282 -13.03 17.54 -5.85
CA GLN C 282 -11.64 17.41 -5.50
C GLN C 282 -11.06 18.77 -5.13
N ALA C 283 -11.20 19.72 -6.06
CA ALA C 283 -10.69 21.07 -5.83
C ALA C 283 -11.21 21.62 -4.51
N GLN C 284 -12.48 21.33 -4.20
CA GLN C 284 -13.05 21.82 -2.96
C GLN C 284 -12.48 21.09 -1.75
N THR C 285 -12.23 19.79 -1.91
CA THR C 285 -11.63 19.01 -0.84
C THR C 285 -10.23 19.59 -0.59
N TYR C 286 -9.52 19.84 -1.69
CA TYR C 286 -8.17 20.39 -1.61
C TYR C 286 -8.16 21.77 -0.97
N PHE C 287 -9.12 22.61 -1.37
CA PHE C 287 -9.21 23.96 -0.83
C PHE C 287 -9.43 23.92 0.68
N GLN C 288 -10.32 23.04 1.13
CA GLN C 288 -10.61 22.92 2.54
C GLN C 288 -9.44 22.33 3.34
N ILE C 289 -8.64 21.52 2.67
CA ILE C 289 -7.49 20.90 3.31
C ILE C 289 -6.41 21.95 3.48
N ALA C 290 -6.21 22.78 2.46
CA ALA C 290 -5.20 23.81 2.51
C ALA C 290 -5.62 24.90 3.49
N LYS C 291 -6.92 25.15 3.57
CA LYS C 291 -7.43 26.18 4.48
C LYS C 291 -7.00 25.93 5.91
N GLN C 292 -7.09 24.68 6.34
CA GLN C 292 -6.71 24.33 7.71
C GLN C 292 -5.24 24.64 7.97
N GLY C 293 -4.40 24.39 6.97
CA GLY C 293 -2.98 24.66 7.12
C GLY C 293 -2.73 26.15 7.09
N VAL C 294 -3.41 26.84 6.18
CA VAL C 294 -3.28 28.28 6.02
C VAL C 294 -3.68 28.97 7.31
N GLN C 295 -4.79 28.53 7.90
CA GLN C 295 -5.25 29.14 9.16
C GLN C 295 -4.26 28.92 10.28
N ASP C 296 -3.73 27.71 10.39
CA ASP C 296 -2.78 27.43 11.45
C ASP C 296 -1.52 28.28 11.37
N LEU C 297 -0.99 28.46 10.16
CA LEU C 297 0.21 29.25 9.99
C LEU C 297 0.00 30.73 10.18
N TYR C 298 -0.94 31.30 9.46
CA TYR C 298 -1.15 32.74 9.56
C TYR C 298 -1.95 33.25 10.73
N TYR C 299 -2.80 32.42 11.30
CA TYR C 299 -3.61 32.87 12.43
C TYR C 299 -3.11 32.30 13.74
N ASN C 300 -3.17 30.98 13.89
CA ASN C 300 -2.73 30.34 15.12
C ASN C 300 -1.28 30.63 15.46
N CYS C 301 -0.40 30.55 14.47
CA CYS C 301 1.03 30.78 14.69
C CYS C 301 1.53 32.22 14.57
N LEU C 302 1.26 32.85 13.44
CA LEU C 302 1.73 34.21 13.24
C LEU C 302 0.77 35.25 13.79
N GLY C 303 -0.49 35.16 13.40
CA GLY C 303 -1.48 36.11 13.88
C GLY C 303 -1.67 36.16 15.38
N ASP C 304 -1.35 35.06 16.06
CA ASP C 304 -1.50 34.99 17.50
C ASP C 304 -0.13 34.80 18.17
N ASP C 305 0.93 35.13 17.45
CA ASP C 305 2.27 35.00 18.01
C ASP C 305 2.34 35.80 19.31
N PRO C 306 2.86 35.18 20.38
CA PRO C 306 3.00 35.80 21.70
C PRO C 306 3.71 37.15 21.73
N GLU C 307 4.65 37.35 20.81
CA GLU C 307 5.39 38.61 20.79
C GLU C 307 5.14 39.47 19.56
N PHE C 308 4.69 38.87 18.48
CA PHE C 308 4.45 39.64 17.25
C PHE C 308 3.03 39.60 16.72
N SER C 309 2.09 39.21 17.58
CA SER C 309 0.68 39.12 17.23
C SER C 309 0.14 40.42 16.63
N ASP C 310 0.34 41.51 17.35
CA ASP C 310 -0.13 42.80 16.89
C ASP C 310 0.54 43.21 15.59
N TYR C 311 1.86 43.05 15.52
CA TYR C 311 2.63 43.39 14.35
C TYR C 311 2.14 42.62 13.10
N ASN C 312 2.10 41.29 13.21
CA ASN C 312 1.67 40.45 12.11
C ASN C 312 0.26 40.72 11.61
N ARG C 313 -0.65 41.02 12.52
CA ARG C 313 -2.02 41.32 12.12
C ARG C 313 -2.02 42.59 11.30
N THR C 314 -1.21 43.55 11.70
CA THR C 314 -1.11 44.79 10.95
C THR C 314 -0.69 44.48 9.51
N VAL C 315 0.33 43.65 9.36
CA VAL C 315 0.83 43.30 8.05
C VAL C 315 -0.19 42.55 7.19
N MET C 316 -0.80 41.51 7.75
CA MET C 316 -1.79 40.74 7.01
C MET C 316 -3.00 41.62 6.69
N ARG C 317 -3.33 42.48 7.64
CA ARG C 317 -4.44 43.40 7.48
C ARG C 317 -4.09 44.28 6.28
N ASN C 318 -2.82 44.68 6.22
CA ASN C 318 -2.32 45.50 5.14
C ASN C 318 -2.43 44.72 3.82
N TRP C 319 -1.94 43.49 3.83
CA TRP C 319 -1.98 42.63 2.66
C TRP C 319 -3.42 42.39 2.19
N THR C 320 -4.33 42.17 3.14
CA THR C 320 -5.73 41.93 2.80
C THR C 320 -6.27 43.13 2.02
N GLY C 321 -5.95 44.34 2.49
CA GLY C 321 -6.42 45.52 1.82
C GLY C 321 -5.78 45.66 0.45
N LYS C 322 -4.51 45.31 0.38
CA LYS C 322 -3.77 45.39 -0.87
C LYS C 322 -4.35 44.47 -1.95
N TRP C 323 -4.72 43.25 -1.58
CA TRP C 323 -5.23 42.32 -2.58
C TRP C 323 -6.74 42.18 -2.70
N LEU C 324 -7.47 42.73 -1.73
CA LEU C 324 -8.92 42.67 -1.75
C LEU C 324 -9.45 43.42 -2.97
N GLU C 325 -8.85 44.57 -3.27
CA GLU C 325 -9.32 45.36 -4.41
C GLU C 325 -9.17 44.62 -5.74
N PRO C 326 -7.97 44.07 -6.02
CA PRO C 326 -7.81 43.36 -7.29
C PRO C 326 -8.76 42.14 -7.34
N THR C 327 -9.04 41.54 -6.18
CA THR C 327 -9.92 40.38 -6.11
C THR C 327 -11.35 40.80 -6.44
N ILE C 328 -11.79 41.92 -5.88
CA ILE C 328 -13.12 42.41 -6.14
C ILE C 328 -13.24 42.66 -7.65
N ALA C 329 -12.22 43.26 -8.23
CA ALA C 329 -12.21 43.52 -9.66
C ALA C 329 -12.34 42.21 -10.44
N ALA C 330 -11.62 41.18 -10.00
CA ALA C 330 -11.67 39.88 -10.66
C ALA C 330 -13.10 39.34 -10.62
N LEU C 331 -13.76 39.49 -9.47
CA LEU C 331 -15.14 39.02 -9.32
C LEU C 331 -16.07 39.83 -10.21
N ARG C 332 -15.87 41.15 -10.22
CA ARG C 332 -16.67 42.07 -11.01
C ARG C 332 -16.65 41.67 -12.48
N ASP C 333 -15.45 41.53 -13.05
CA ASP C 333 -15.33 41.14 -14.44
C ASP C 333 -16.01 39.80 -14.67
N PHE C 334 -15.93 38.92 -13.66
CA PHE C 334 -16.53 37.59 -13.78
C PHE C 334 -18.04 37.62 -13.85
N MET C 335 -18.64 38.68 -13.29
CA MET C 335 -20.09 38.80 -13.32
C MET C 335 -20.60 38.79 -14.75
N GLY C 336 -19.75 39.22 -15.67
CA GLY C 336 -20.15 39.26 -17.08
C GLY C 336 -20.51 37.91 -17.67
N LEU C 337 -20.00 36.84 -17.08
CA LEU C 337 -20.28 35.51 -17.60
C LEU C 337 -21.76 35.14 -17.48
N PHE C 338 -22.46 35.73 -16.53
CA PHE C 338 -23.87 35.43 -16.35
C PHE C 338 -24.73 35.84 -17.53
N ALA C 339 -24.33 36.92 -18.20
CA ALA C 339 -25.09 37.41 -19.34
C ALA C 339 -25.03 36.40 -20.49
N LYS C 340 -23.96 35.61 -20.52
CA LYS C 340 -23.78 34.62 -21.56
C LYS C 340 -24.72 33.41 -21.40
N LEU C 341 -25.05 33.07 -20.16
CA LEU C 341 -25.91 31.95 -19.87
C LEU C 341 -27.27 32.03 -20.57
N PRO C 342 -27.92 30.87 -20.77
CA PRO C 342 -29.23 30.86 -21.41
C PRO C 342 -30.21 31.54 -20.46
N ALA C 343 -31.17 32.26 -21.02
CA ALA C 343 -32.16 32.96 -20.19
C ALA C 343 -32.81 32.03 -19.18
N GLY C 344 -33.06 32.53 -17.98
CA GLY C 344 -33.70 31.73 -16.95
C GLY C 344 -32.81 30.83 -16.11
N THR C 345 -31.56 30.65 -16.52
CA THR C 345 -30.63 29.80 -15.80
C THR C 345 -30.53 30.19 -14.33
N THR C 346 -30.38 31.48 -14.08
CA THR C 346 -30.29 32.02 -12.72
C THR C 346 -30.59 33.51 -12.80
N ASP C 347 -30.95 34.12 -11.67
CA ASP C 347 -31.28 35.54 -11.65
C ASP C 347 -30.34 36.34 -10.74
N LYS C 348 -30.48 37.67 -10.79
CA LYS C 348 -29.64 38.54 -9.99
C LYS C 348 -29.72 38.26 -8.48
N GLU C 349 -30.84 37.75 -8.02
CA GLU C 349 -31.02 37.47 -6.61
C GLU C 349 -30.14 36.31 -6.14
N GLU C 350 -30.12 35.24 -6.93
CA GLU C 350 -29.31 34.08 -6.60
C GLU C 350 -27.84 34.46 -6.64
N ILE C 351 -27.47 35.20 -7.68
CA ILE C 351 -26.10 35.66 -7.82
C ILE C 351 -25.70 36.38 -6.53
N THR C 352 -26.49 37.38 -6.13
CA THR C 352 -26.20 38.14 -4.93
C THR C 352 -26.10 37.24 -3.68
N ALA C 353 -26.98 36.27 -3.57
CA ALA C 353 -26.97 35.36 -2.41
C ALA C 353 -25.68 34.54 -2.39
N SER C 354 -25.28 34.04 -3.55
CA SER C 354 -24.07 33.24 -3.66
C SER C 354 -22.86 34.11 -3.33
N LEU C 355 -22.90 35.38 -3.74
CA LEU C 355 -21.81 36.29 -3.45
C LEU C 355 -21.72 36.45 -1.93
N TYR C 356 -22.85 36.78 -1.30
CA TYR C 356 -22.87 36.95 0.14
C TYR C 356 -22.36 35.73 0.88
N ARG C 357 -22.60 34.54 0.33
CA ARG C 357 -22.12 33.31 0.97
C ARG C 357 -20.60 33.25 0.98
N VAL C 358 -19.99 33.52 -0.17
CA VAL C 358 -18.54 33.50 -0.29
C VAL C 358 -17.92 34.54 0.66
N VAL C 359 -18.45 35.75 0.61
CA VAL C 359 -17.93 36.83 1.44
C VAL C 359 -18.12 36.55 2.93
N ASP C 360 -19.32 36.10 3.32
CA ASP C 360 -19.61 35.80 4.72
C ASP C 360 -18.70 34.70 5.25
N ASP C 361 -18.44 33.68 4.42
CA ASP C 361 -17.55 32.60 4.82
C ASP C 361 -16.15 33.18 4.98
N TRP C 362 -15.76 34.01 4.03
CA TRP C 362 -14.44 34.63 4.04
C TRP C 362 -14.22 35.49 5.29
N ILE C 363 -15.23 36.25 5.67
CA ILE C 363 -15.14 37.11 6.84
C ILE C 363 -15.01 36.31 8.13
N GLU C 364 -15.76 35.22 8.24
CA GLU C 364 -15.69 34.38 9.43
C GLU C 364 -14.41 33.54 9.44
N ASP C 365 -14.02 33.00 8.28
CA ASP C 365 -12.83 32.16 8.22
C ASP C 365 -11.48 32.86 8.14
N TYR C 366 -11.44 34.05 7.56
CA TYR C 366 -10.17 34.76 7.44
C TYR C 366 -10.11 36.19 7.98
N ALA C 367 -10.86 37.09 7.37
CA ALA C 367 -10.87 38.48 7.75
C ALA C 367 -10.99 38.77 9.25
N SER C 368 -11.87 38.06 9.93
CA SER C 368 -12.06 38.28 11.36
C SER C 368 -10.88 37.79 12.21
N ARG C 369 -10.07 36.89 11.67
CA ARG C 369 -8.94 36.36 12.42
C ARG C 369 -7.84 37.39 12.65
N ILE C 370 -7.76 38.39 11.79
CA ILE C 370 -6.76 39.44 11.94
C ILE C 370 -7.44 40.79 12.22
N ASP C 371 -8.73 40.75 12.55
CA ASP C 371 -9.51 41.94 12.84
C ASP C 371 -9.67 42.88 11.65
N PHE C 372 -9.60 42.34 10.45
CA PHE C 372 -9.77 43.18 9.27
C PHE C 372 -11.25 43.55 9.20
N LYS C 373 -11.55 44.83 9.30
CA LYS C 373 -12.93 45.29 9.26
C LYS C 373 -13.52 45.25 7.85
N ALA C 374 -14.21 44.17 7.53
CA ALA C 374 -14.80 44.00 6.21
C ALA C 374 -16.28 44.36 6.19
N ASP C 375 -16.71 45.01 5.11
CA ASP C 375 -18.11 45.41 4.95
C ASP C 375 -18.71 44.55 3.85
N ARG C 376 -19.45 43.52 4.25
CA ARG C 376 -20.08 42.59 3.32
C ARG C 376 -20.91 43.27 2.22
N ASP C 377 -21.72 44.25 2.62
CA ASP C 377 -22.57 44.96 1.68
C ASP C 377 -21.76 45.70 0.63
N GLN C 378 -20.78 46.48 1.08
CA GLN C 378 -19.94 47.26 0.17
C GLN C 378 -19.16 46.39 -0.80
N ILE C 379 -18.64 45.27 -0.32
CA ILE C 379 -17.90 44.36 -1.17
C ILE C 379 -18.82 43.79 -2.23
N VAL C 380 -19.94 43.22 -1.80
CA VAL C 380 -20.91 42.63 -2.71
C VAL C 380 -21.40 43.67 -3.74
N LYS C 381 -21.69 44.86 -3.25
CA LYS C 381 -22.18 45.95 -4.09
C LYS C 381 -21.19 46.26 -5.19
N ALA C 382 -19.91 46.39 -4.83
CA ALA C 382 -18.89 46.68 -5.81
C ALA C 382 -18.84 45.64 -6.92
N VAL C 383 -18.93 44.38 -6.52
CA VAL C 383 -18.88 43.28 -7.48
C VAL C 383 -20.07 43.27 -8.46
N LEU C 384 -21.28 43.37 -7.91
CA LEU C 384 -22.50 43.35 -8.71
C LEU C 384 -22.45 44.38 -9.85
N ALA C 385 -21.71 45.46 -9.67
CA ALA C 385 -21.64 46.46 -10.71
C ALA C 385 -21.17 45.80 -12.01
N GLY C 386 -20.56 44.62 -11.88
CA GLY C 386 -20.06 43.92 -13.04
C GLY C 386 -21.12 43.21 -13.87
N LEU C 387 -22.31 43.07 -13.31
CA LEU C 387 -23.42 42.41 -14.00
C LEU C 387 -23.90 43.15 -15.24
N LYS C 388 -23.52 42.63 -16.41
CA LYS C 388 -23.89 43.23 -17.70
C LYS C 388 -25.38 43.06 -17.98
N SER D 1 14.73 -10.27 25.07
CA SER D 1 15.96 -9.41 25.14
C SER D 1 16.07 -8.55 23.88
N MET D 2 17.27 -8.01 23.64
CA MET D 2 17.49 -7.18 22.46
C MET D 2 17.58 -8.08 21.24
N LEU D 3 18.13 -9.27 21.44
CA LEU D 3 18.29 -10.21 20.35
C LEU D 3 17.16 -11.23 20.30
N GLY D 4 16.39 -11.33 21.37
CA GLY D 4 15.30 -12.29 21.39
C GLY D 4 15.84 -13.67 21.72
N GLU D 5 14.96 -14.62 22.01
CA GLU D 5 15.41 -15.95 22.33
C GLU D 5 15.18 -16.91 21.17
N ARG D 6 14.30 -16.54 20.25
CA ARG D 6 14.02 -17.39 19.10
C ARG D 6 15.08 -17.25 18.01
N ARG D 7 15.69 -18.37 17.63
CA ARG D 7 16.72 -18.36 16.60
C ARG D 7 16.05 -18.65 15.26
N ARG D 8 16.32 -17.81 14.26
CA ARG D 8 15.70 -17.99 12.95
C ARG D 8 16.66 -18.58 11.92
N GLY D 9 16.17 -19.55 11.17
CA GLY D 9 17.01 -20.19 10.15
C GLY D 9 17.61 -19.30 9.07
N LEU D 10 17.03 -18.13 8.85
CA LEU D 10 17.56 -17.24 7.82
C LEU D 10 18.72 -16.39 8.33
N THR D 11 18.71 -16.06 9.62
CA THR D 11 19.74 -15.21 10.18
C THR D 11 20.69 -15.87 11.17
N ASP D 12 20.27 -16.97 11.80
CA ASP D 12 21.13 -17.66 12.76
C ASP D 12 22.28 -18.34 11.99
N PRO D 13 23.53 -17.96 12.29
CA PRO D 13 24.73 -18.51 11.64
C PRO D 13 24.74 -20.04 11.55
N GLU D 14 24.60 -20.67 12.72
CA GLU D 14 24.61 -22.12 12.83
C GLU D 14 23.51 -22.78 11.99
N MET D 15 22.27 -22.33 12.15
CA MET D 15 21.17 -22.91 11.41
C MET D 15 21.26 -22.59 9.93
N ALA D 16 21.57 -21.35 9.59
CA ALA D 16 21.68 -20.95 8.20
C ALA D 16 22.77 -21.74 7.49
N GLU D 17 23.85 -22.02 8.20
CA GLU D 17 24.96 -22.79 7.62
C GLU D 17 24.50 -24.20 7.22
N VAL D 18 23.72 -24.85 8.08
CA VAL D 18 23.21 -26.19 7.81
C VAL D 18 22.31 -26.16 6.58
N ILE D 19 21.43 -25.17 6.52
CA ILE D 19 20.52 -25.00 5.41
C ILE D 19 21.26 -24.81 4.09
N LEU D 20 22.18 -23.85 4.07
CA LEU D 20 22.94 -23.56 2.87
C LEU D 20 23.68 -24.79 2.35
N LYS D 21 24.19 -25.58 3.28
CA LYS D 21 24.93 -26.78 2.91
C LYS D 21 24.05 -27.82 2.21
N ALA D 22 22.77 -27.88 2.59
CA ALA D 22 21.84 -28.85 2.00
C ALA D 22 21.19 -28.42 0.69
N LEU D 23 21.43 -27.19 0.27
CA LEU D 23 20.84 -26.67 -0.95
C LEU D 23 21.47 -27.21 -2.23
N PRO D 24 20.68 -27.30 -3.32
CA PRO D 24 21.20 -27.80 -4.59
C PRO D 24 21.95 -26.66 -5.28
N GLU D 25 22.83 -26.97 -6.21
CA GLU D 25 23.58 -25.93 -6.91
C GLU D 25 22.62 -24.99 -7.63
N ALA D 26 21.58 -25.56 -8.23
CA ALA D 26 20.60 -24.78 -8.95
C ALA D 26 19.22 -25.36 -8.68
N PRO D 27 18.15 -24.63 -9.06
CA PRO D 27 16.78 -25.11 -8.84
C PRO D 27 16.60 -26.48 -9.51
N LEU D 28 15.73 -27.30 -8.93
CA LEU D 28 15.50 -28.65 -9.44
C LEU D 28 14.53 -28.76 -10.61
N ASP D 29 14.11 -27.60 -11.11
CA ASP D 29 13.20 -27.51 -12.24
C ASP D 29 13.20 -26.03 -12.62
N GLY D 30 13.39 -25.74 -13.90
CA GLY D 30 13.43 -24.35 -14.35
C GLY D 30 12.07 -23.74 -14.57
N ASN D 31 11.03 -24.54 -14.44
CA ASN D 31 9.67 -24.06 -14.64
C ASN D 31 9.17 -23.43 -13.34
N ASN D 32 9.52 -22.16 -13.14
CA ASN D 32 9.15 -21.44 -11.92
C ASN D 32 7.83 -20.70 -12.02
N LYS D 33 6.95 -21.14 -12.92
CA LYS D 33 5.67 -20.46 -13.09
C LYS D 33 4.50 -21.29 -12.58
N MET D 34 4.00 -20.91 -11.39
CA MET D 34 2.89 -21.60 -10.79
C MET D 34 1.66 -21.40 -11.68
N GLY D 35 0.95 -22.49 -11.97
CA GLY D 35 -0.21 -22.39 -12.84
C GLY D 35 0.12 -22.44 -14.32
N TYR D 36 1.34 -22.84 -14.64
CA TYR D 36 1.80 -22.94 -16.02
C TYR D 36 0.86 -23.78 -16.88
N PHE D 37 0.16 -24.73 -16.26
CA PHE D 37 -0.73 -25.63 -16.97
C PHE D 37 -2.12 -25.07 -17.26
N VAL D 38 -2.36 -23.84 -16.82
CA VAL D 38 -3.66 -23.21 -17.04
C VAL D 38 -3.68 -22.55 -18.42
N THR D 39 -4.81 -22.64 -19.10
CA THR D 39 -4.94 -22.01 -20.42
C THR D 39 -5.21 -20.52 -20.24
N PRO D 40 -4.24 -19.67 -20.64
CA PRO D 40 -4.38 -18.22 -20.52
C PRO D 40 -5.54 -17.67 -21.34
N ARG D 41 -6.23 -16.66 -20.80
CA ARG D 41 -7.33 -16.02 -21.51
C ARG D 41 -6.74 -14.95 -22.41
N TRP D 42 -5.63 -14.40 -21.96
CA TRP D 42 -4.92 -13.33 -22.67
C TRP D 42 -3.54 -13.77 -23.18
N LYS D 43 -2.74 -12.80 -23.62
CA LYS D 43 -1.41 -13.11 -24.15
C LYS D 43 -0.59 -14.00 -23.22
N ARG D 44 -0.31 -13.50 -22.02
CA ARG D 44 0.45 -14.25 -21.03
C ARG D 44 -0.44 -14.52 -19.82
N LEU D 45 -0.13 -15.55 -19.06
CA LEU D 45 -0.92 -15.89 -17.87
C LEU D 45 -0.85 -14.74 -16.87
N THR D 46 -1.95 -14.48 -16.18
CA THR D 46 -2.01 -13.40 -15.20
C THR D 46 -1.97 -13.90 -13.77
N GLU D 47 -1.55 -13.02 -12.86
CA GLU D 47 -1.46 -13.36 -11.44
C GLU D 47 -2.84 -13.79 -10.99
N TYR D 48 -3.84 -13.09 -11.50
CA TYR D 48 -5.25 -13.36 -11.20
C TYR D 48 -5.61 -14.81 -11.53
N GLU D 49 -5.21 -15.27 -12.70
CA GLU D 49 -5.51 -16.64 -13.11
C GLU D 49 -4.70 -17.66 -12.31
N ALA D 50 -3.41 -17.40 -12.15
CA ALA D 50 -2.54 -18.31 -11.41
C ALA D 50 -3.09 -18.55 -10.01
N LEU D 51 -3.40 -17.48 -9.29
CA LEU D 51 -3.89 -17.59 -7.93
C LEU D 51 -5.31 -18.12 -7.79
N THR D 52 -6.07 -18.12 -8.89
CA THR D 52 -7.45 -18.57 -8.80
C THR D 52 -7.87 -19.87 -9.50
N VAL D 53 -7.57 -19.99 -10.80
CA VAL D 53 -8.00 -21.17 -11.55
C VAL D 53 -7.58 -22.52 -10.97
N TYR D 54 -8.58 -23.37 -10.72
CA TYR D 54 -8.39 -24.72 -10.19
C TYR D 54 -8.27 -24.83 -8.68
N ALA D 55 -8.50 -23.72 -7.98
CA ALA D 55 -8.45 -23.77 -6.53
C ALA D 55 -9.58 -24.70 -6.11
N GLN D 56 -10.69 -24.68 -6.85
CA GLN D 56 -11.81 -25.55 -6.54
C GLN D 56 -11.45 -26.98 -6.92
N PRO D 57 -11.50 -27.90 -5.94
CA PRO D 57 -11.16 -29.30 -6.12
C PRO D 57 -12.15 -30.19 -6.88
N ASN D 58 -12.75 -29.67 -7.94
CA ASN D 58 -13.70 -30.47 -8.72
C ASN D 58 -13.04 -31.63 -9.45
N ALA D 59 -13.75 -32.77 -9.48
CA ALA D 59 -13.30 -33.96 -10.18
C ALA D 59 -13.85 -33.86 -11.62
N ASP D 60 -13.26 -34.58 -12.56
CA ASP D 60 -13.70 -34.50 -13.94
C ASP D 60 -15.20 -34.63 -14.22
N TRP D 61 -15.97 -35.22 -13.32
CA TRP D 61 -17.39 -35.35 -13.60
C TRP D 61 -18.19 -34.06 -13.46
N ILE D 62 -17.50 -32.97 -13.14
CA ILE D 62 -18.11 -31.66 -13.05
C ILE D 62 -17.28 -30.88 -14.07
N ALA D 63 -17.87 -30.71 -15.26
CA ALA D 63 -17.24 -30.02 -16.39
C ALA D 63 -16.00 -29.19 -16.09
N GLY D 64 -14.87 -29.63 -16.64
CA GLY D 64 -13.61 -28.92 -16.46
C GLY D 64 -12.77 -29.33 -15.25
N GLY D 65 -13.33 -30.15 -14.35
CA GLY D 65 -12.60 -30.58 -13.18
C GLY D 65 -11.34 -31.36 -13.52
N LEU D 66 -10.34 -31.32 -12.66
CA LEU D 66 -9.10 -32.04 -12.91
C LEU D 66 -8.90 -33.24 -12.01
N ASP D 67 -9.68 -33.31 -10.94
CA ASP D 67 -9.56 -34.41 -9.98
C ASP D 67 -10.36 -35.61 -10.47
N TRP D 68 -10.43 -36.63 -9.63
CA TRP D 68 -11.18 -37.84 -9.95
C TRP D 68 -11.83 -38.36 -8.68
N GLY D 69 -12.87 -39.16 -8.86
CA GLY D 69 -13.57 -39.75 -7.74
C GLY D 69 -14.65 -38.87 -7.15
N ASP D 70 -15.43 -39.47 -6.25
CA ASP D 70 -16.53 -38.80 -5.58
C ASP D 70 -15.97 -37.94 -4.44
N TRP D 71 -16.85 -37.16 -3.82
CA TRP D 71 -16.45 -36.33 -2.69
C TRP D 71 -16.27 -37.29 -1.51
N THR D 72 -15.46 -36.91 -0.54
CA THR D 72 -15.20 -37.76 0.60
C THR D 72 -16.39 -37.84 1.56
N GLN D 73 -17.05 -36.71 1.77
CA GLN D 73 -18.22 -36.65 2.64
C GLN D 73 -19.30 -35.86 1.92
N LYS D 74 -20.50 -36.43 1.82
CA LYS D 74 -21.60 -35.76 1.16
C LYS D 74 -22.72 -35.40 2.13
N PHE D 75 -23.80 -34.86 1.61
CA PHE D 75 -24.94 -34.50 2.44
C PHE D 75 -25.76 -35.74 2.80
N HIS D 76 -26.53 -35.64 3.88
CA HIS D 76 -27.41 -36.72 4.27
C HIS D 76 -28.32 -36.88 3.04
N GLY D 77 -28.51 -38.10 2.58
CA GLY D 77 -29.34 -38.30 1.40
C GLY D 77 -28.47 -38.59 0.20
N GLY D 78 -27.25 -38.05 0.19
CA GLY D 78 -26.33 -38.30 -0.91
C GLY D 78 -25.91 -37.11 -1.76
N ARG D 79 -26.53 -35.97 -1.54
CA ARG D 79 -26.22 -34.76 -2.30
C ARG D 79 -24.73 -34.45 -2.24
N PRO D 80 -24.09 -34.28 -3.41
CA PRO D 80 -22.66 -33.97 -3.55
C PRO D 80 -22.27 -32.58 -3.07
N SER D 81 -21.05 -32.44 -2.57
CA SER D 81 -20.56 -31.15 -2.07
C SER D 81 -20.85 -30.08 -3.10
N TRP D 82 -20.57 -30.42 -4.36
CA TRP D 82 -20.82 -29.56 -5.50
C TRP D 82 -21.23 -30.55 -6.58
N GLY D 83 -22.19 -30.16 -7.40
CA GLY D 83 -22.65 -31.05 -8.44
C GLY D 83 -23.33 -30.33 -9.58
N ASN D 84 -23.43 -31.02 -10.70
CA ASN D 84 -24.07 -30.48 -11.89
C ASN D 84 -25.53 -30.18 -11.61
N GLU D 85 -26.11 -30.93 -10.66
CA GLU D 85 -27.51 -30.79 -10.27
C GLU D 85 -27.95 -29.47 -9.66
N THR D 86 -27.02 -28.56 -9.41
CA THR D 86 -27.40 -27.30 -8.78
C THR D 86 -27.70 -26.16 -9.77
N THR D 87 -27.69 -26.48 -11.07
CA THR D 87 -27.98 -25.46 -12.07
C THR D 87 -28.42 -26.09 -13.41
N GLU D 88 -29.33 -25.42 -14.10
CA GLU D 88 -29.82 -25.94 -15.38
C GLU D 88 -28.76 -25.78 -16.47
N LEU D 89 -27.96 -24.73 -16.35
CA LEU D 89 -26.93 -24.47 -17.33
C LEU D 89 -25.89 -25.57 -17.41
N ARG D 90 -25.34 -25.75 -18.61
CA ARG D 90 -24.35 -26.78 -18.86
C ARG D 90 -23.22 -26.16 -19.67
N THR D 91 -22.02 -26.66 -19.47
CA THR D 91 -20.86 -26.11 -20.16
C THR D 91 -19.85 -27.22 -20.40
N VAL D 92 -18.84 -26.89 -21.18
CA VAL D 92 -17.78 -27.84 -21.48
C VAL D 92 -16.70 -27.69 -20.39
N ASP D 93 -16.67 -26.52 -19.75
CA ASP D 93 -15.69 -26.25 -18.70
C ASP D 93 -16.11 -25.07 -17.82
N TRP D 94 -16.40 -25.33 -16.54
CA TRP D 94 -16.80 -24.27 -15.63
C TRP D 94 -15.67 -23.32 -15.23
N PHE D 95 -14.45 -23.61 -15.68
CA PHE D 95 -13.29 -22.78 -15.36
C PHE D 95 -12.95 -21.83 -16.50
N LYS D 96 -13.80 -21.77 -17.52
CA LYS D 96 -13.54 -20.90 -18.65
C LYS D 96 -13.70 -19.42 -18.28
N HIS D 97 -14.64 -19.12 -17.39
CA HIS D 97 -14.89 -17.74 -16.99
C HIS D 97 -13.65 -16.97 -16.55
N ARG D 98 -13.68 -15.67 -16.84
CA ARG D 98 -12.61 -14.77 -16.48
C ARG D 98 -13.21 -13.41 -16.19
N ASP D 99 -12.89 -12.86 -15.02
CA ASP D 99 -13.38 -11.54 -14.67
C ASP D 99 -12.51 -10.62 -15.52
N PRO D 100 -13.10 -9.85 -16.43
CA PRO D 100 -12.32 -8.94 -17.28
C PRO D 100 -11.43 -8.01 -16.48
N LEU D 101 -11.85 -7.68 -15.27
CA LEU D 101 -11.07 -6.79 -14.42
C LEU D 101 -10.00 -7.55 -13.66
N ARG D 102 -10.00 -8.87 -13.80
CA ARG D 102 -9.02 -9.74 -13.17
C ARG D 102 -8.89 -9.49 -11.69
N ARG D 103 -10.03 -9.42 -11.01
CA ARG D 103 -10.00 -9.15 -9.58
C ARG D 103 -9.90 -10.35 -8.66
N TRP D 104 -8.77 -10.48 -7.96
CA TRP D 104 -8.67 -11.50 -6.95
C TRP D 104 -8.82 -10.67 -5.66
N HIS D 105 -8.80 -11.29 -4.49
CA HIS D 105 -9.02 -10.52 -3.26
C HIS D 105 -8.22 -9.24 -3.06
N ALA D 106 -6.90 -9.30 -3.22
CA ALA D 106 -6.06 -8.10 -3.00
C ALA D 106 -6.48 -6.86 -3.79
N PRO D 107 -6.56 -6.96 -5.12
CA PRO D 107 -6.95 -5.82 -5.96
C PRO D 107 -8.34 -5.29 -5.58
N TYR D 108 -9.25 -6.21 -5.27
CA TYR D 108 -10.62 -5.84 -4.89
C TYR D 108 -10.68 -4.96 -3.64
N VAL D 109 -10.11 -5.42 -2.53
CA VAL D 109 -10.16 -4.60 -1.33
C VAL D 109 -9.31 -3.35 -1.48
N LYS D 110 -8.29 -3.39 -2.33
CA LYS D 110 -7.47 -2.21 -2.53
C LYS D 110 -8.30 -1.09 -3.18
N ASP D 111 -9.03 -1.41 -4.24
CA ASP D 111 -9.87 -0.44 -4.94
C ASP D 111 -10.99 0.10 -4.05
N LYS D 112 -11.68 -0.78 -3.35
CA LYS D 112 -12.76 -0.37 -2.47
C LYS D 112 -12.23 0.46 -1.31
N ALA D 113 -11.05 0.12 -0.81
CA ALA D 113 -10.46 0.85 0.30
C ALA D 113 -10.13 2.29 -0.14
N GLU D 114 -9.64 2.45 -1.36
CA GLU D 114 -9.32 3.76 -1.88
C GLU D 114 -10.62 4.56 -1.92
N GLU D 115 -11.68 3.91 -2.35
CA GLU D 115 -12.99 4.53 -2.45
C GLU D 115 -13.48 4.95 -1.07
N TRP D 116 -13.33 4.06 -0.11
CA TRP D 116 -13.74 4.33 1.26
C TRP D 116 -13.02 5.55 1.81
N ARG D 117 -11.69 5.56 1.69
CA ARG D 117 -10.92 6.68 2.21
C ARG D 117 -11.21 7.99 1.49
N TYR D 118 -11.50 7.91 0.19
CA TYR D 118 -11.81 9.12 -0.55
C TYR D 118 -13.16 9.62 -0.10
N THR D 119 -14.11 8.70 0.04
CA THR D 119 -15.45 9.06 0.48
C THR D 119 -15.38 9.87 1.77
N ASP D 120 -14.56 9.40 2.71
CA ASP D 120 -14.38 10.09 3.99
C ASP D 120 -13.89 11.52 3.76
N ARG D 121 -12.86 11.66 2.94
CA ARG D 121 -12.29 12.96 2.62
C ARG D 121 -13.34 13.86 1.96
N PHE D 122 -14.12 13.27 1.06
CA PHE D 122 -15.18 14.01 0.36
C PHE D 122 -16.17 14.59 1.37
N LEU D 123 -16.80 13.73 2.15
CA LEU D 123 -17.78 14.17 3.14
C LEU D 123 -17.23 15.27 4.06
N GLN D 124 -15.96 15.16 4.44
CA GLN D 124 -15.37 16.16 5.32
C GLN D 124 -15.21 17.50 4.63
N GLY D 125 -14.93 17.46 3.32
CA GLY D 125 -14.78 18.69 2.57
C GLY D 125 -16.15 19.28 2.31
N TYR D 126 -17.09 18.41 1.90
CA TYR D 126 -18.45 18.81 1.60
C TYR D 126 -19.08 19.59 2.75
N SER D 127 -19.05 19.00 3.93
CA SER D 127 -19.62 19.63 5.11
C SER D 127 -18.89 20.93 5.47
N ALA D 128 -17.57 20.92 5.37
CA ALA D 128 -16.78 22.10 5.70
C ALA D 128 -17.00 23.21 4.69
N ASP D 129 -17.29 22.83 3.46
CA ASP D 129 -17.54 23.79 2.38
C ASP D 129 -18.98 24.28 2.47
N GLY D 130 -19.73 23.72 3.42
CA GLY D 130 -21.12 24.10 3.62
C GLY D 130 -22.00 23.99 2.39
N GLN D 131 -21.63 23.13 1.45
CA GLN D 131 -22.42 22.96 0.23
C GLN D 131 -23.86 22.54 0.48
N ILE D 132 -24.13 21.95 1.64
CA ILE D 132 -25.48 21.50 1.99
C ILE D 132 -26.51 22.62 1.88
N ARG D 133 -26.06 23.85 2.09
CA ARG D 133 -26.95 25.01 2.05
C ARG D 133 -27.82 25.10 0.81
N ALA D 134 -27.21 24.94 -0.36
CA ALA D 134 -27.94 25.04 -1.63
C ALA D 134 -28.81 23.83 -2.00
N MET D 135 -29.08 22.94 -1.06
CA MET D 135 -29.89 21.76 -1.38
C MET D 135 -31.37 21.90 -0.99
N ASN D 136 -32.25 21.55 -1.92
CA ASN D 136 -33.69 21.62 -1.70
C ASN D 136 -34.12 20.78 -0.51
N PRO D 137 -34.83 21.39 0.45
CA PRO D 137 -35.32 20.72 1.66
C PRO D 137 -36.31 19.58 1.40
N THR D 138 -37.28 19.85 0.53
CA THR D 138 -38.29 18.84 0.20
C THR D 138 -37.62 17.58 -0.36
N TRP D 139 -36.74 17.77 -1.34
CA TRP D 139 -36.02 16.66 -1.97
C TRP D 139 -35.19 15.90 -0.94
N ARG D 140 -34.58 16.65 -0.04
CA ARG D 140 -33.75 16.08 1.01
C ARG D 140 -34.55 15.25 2.00
N ASP D 141 -35.55 15.87 2.62
CA ASP D 141 -36.37 15.19 3.61
C ASP D 141 -37.40 14.20 3.09
N GLU D 142 -37.76 14.30 1.83
CA GLU D 142 -38.76 13.38 1.30
C GLU D 142 -38.21 12.35 0.34
N PHE D 143 -37.59 12.80 -0.75
CA PHE D 143 -37.08 11.85 -1.73
C PHE D 143 -35.79 11.13 -1.37
N ILE D 144 -34.85 11.85 -0.76
CA ILE D 144 -33.59 11.22 -0.37
C ILE D 144 -33.78 10.32 0.84
N ASN D 145 -34.33 10.90 1.91
CA ASN D 145 -34.52 10.14 3.14
C ASN D 145 -35.53 8.99 3.06
N ARG D 146 -36.61 9.18 2.33
CA ARG D 146 -37.62 8.14 2.22
C ARG D 146 -37.50 7.22 1.00
N TYR D 147 -37.54 7.79 -0.20
CA TYR D 147 -37.47 6.96 -1.40
C TYR D 147 -36.10 6.42 -1.77
N TRP D 148 -35.06 7.24 -1.63
CA TRP D 148 -33.71 6.77 -1.93
C TRP D 148 -33.37 5.81 -0.78
N GLY D 149 -33.71 6.23 0.44
CA GLY D 149 -33.44 5.40 1.59
C GLY D 149 -34.07 4.01 1.46
N ALA D 150 -35.30 3.96 0.97
CA ALA D 150 -36.01 2.69 0.82
C ALA D 150 -35.30 1.77 -0.18
N PHE D 151 -34.70 2.38 -1.20
CA PHE D 151 -34.00 1.61 -2.23
C PHE D 151 -32.90 0.73 -1.64
N LEU D 152 -32.32 1.16 -0.52
CA LEU D 152 -31.25 0.38 0.10
C LEU D 152 -31.70 -1.06 0.35
N PHE D 153 -32.97 -1.23 0.70
CA PHE D 153 -33.46 -2.58 0.94
C PHE D 153 -33.56 -3.36 -0.36
N ASN D 154 -33.60 -2.65 -1.48
CA ASN D 154 -33.67 -3.32 -2.78
C ASN D 154 -32.28 -3.89 -3.05
N GLU D 155 -31.26 -3.05 -2.87
CA GLU D 155 -29.89 -3.46 -3.09
C GLU D 155 -29.51 -4.53 -2.05
N TYR D 156 -30.00 -4.36 -0.83
CA TYR D 156 -29.70 -5.32 0.22
C TYR D 156 -30.29 -6.68 -0.17
N GLY D 157 -31.49 -6.66 -0.72
CA GLY D 157 -32.12 -7.90 -1.13
C GLY D 157 -31.36 -8.55 -2.26
N LEU D 158 -30.84 -7.75 -3.19
CA LEU D 158 -30.10 -8.32 -4.32
C LEU D 158 -28.82 -8.94 -3.79
N PHE D 159 -28.23 -8.29 -2.79
CA PHE D 159 -27.01 -8.80 -2.17
C PHE D 159 -27.29 -10.21 -1.66
N ASN D 160 -28.32 -10.33 -0.83
CA ASN D 160 -28.71 -11.60 -0.25
C ASN D 160 -29.06 -12.69 -1.26
N ALA D 161 -29.40 -12.28 -2.48
CA ALA D 161 -29.72 -13.24 -3.52
C ALA D 161 -28.48 -14.01 -3.95
N HIS D 162 -27.31 -13.50 -3.57
CA HIS D 162 -26.06 -14.15 -3.94
C HIS D 162 -25.62 -15.23 -2.97
N SER D 163 -26.21 -15.27 -1.78
CA SER D 163 -25.83 -16.26 -0.77
C SER D 163 -25.71 -17.68 -1.30
N GLN D 164 -26.73 -18.18 -1.96
CA GLN D 164 -26.67 -19.55 -2.45
C GLN D 164 -25.54 -19.76 -3.45
N GLY D 165 -25.30 -18.77 -4.30
CA GLY D 165 -24.23 -18.89 -5.27
C GLY D 165 -22.86 -19.01 -4.64
N ALA D 166 -22.68 -18.35 -3.51
CA ALA D 166 -21.40 -18.40 -2.80
C ALA D 166 -21.15 -19.84 -2.37
N ARG D 167 -22.23 -20.56 -2.12
CA ARG D 167 -22.13 -21.95 -1.70
C ARG D 167 -22.11 -22.93 -2.87
N GLU D 168 -22.94 -22.67 -3.88
CA GLU D 168 -23.06 -23.59 -5.01
C GLU D 168 -22.22 -23.39 -6.27
N ALA D 169 -21.66 -22.20 -6.48
CA ALA D 169 -20.85 -21.96 -7.67
C ALA D 169 -19.93 -23.15 -7.97
N LEU D 170 -19.87 -23.54 -9.23
CA LEU D 170 -19.07 -24.70 -9.62
C LEU D 170 -17.62 -24.44 -10.02
N SER D 171 -17.10 -23.27 -9.69
CA SER D 171 -15.70 -23.00 -9.98
C SER D 171 -15.25 -21.79 -9.19
N ASP D 172 -13.94 -21.67 -9.05
CA ASP D 172 -13.32 -20.58 -8.34
C ASP D 172 -13.55 -19.23 -9.03
N VAL D 173 -13.23 -19.16 -10.33
CA VAL D 173 -13.42 -17.92 -11.07
C VAL D 173 -14.86 -17.41 -10.96
N THR D 174 -15.83 -18.31 -10.99
CA THR D 174 -17.21 -17.87 -10.87
C THR D 174 -17.56 -17.49 -9.44
N ARG D 175 -17.17 -18.33 -8.49
CA ARG D 175 -17.45 -18.06 -7.08
C ARG D 175 -16.90 -16.72 -6.66
N VAL D 176 -15.66 -16.43 -7.06
CA VAL D 176 -15.04 -15.16 -6.69
C VAL D 176 -15.80 -13.98 -7.30
N SER D 177 -16.17 -14.08 -8.58
CA SER D 177 -16.92 -13.00 -9.22
C SER D 177 -18.26 -12.82 -8.49
N LEU D 178 -18.99 -13.92 -8.32
CA LEU D 178 -20.26 -13.87 -7.63
C LEU D 178 -20.14 -13.13 -6.31
N ALA D 179 -19.13 -13.52 -5.52
CA ALA D 179 -18.90 -12.93 -4.23
C ALA D 179 -18.70 -11.43 -4.30
N PHE D 180 -17.92 -10.99 -5.27
CA PHE D 180 -17.66 -9.57 -5.43
C PHE D 180 -18.89 -8.82 -5.93
N TRP D 181 -19.72 -9.47 -6.74
CA TRP D 181 -20.94 -8.83 -7.24
C TRP D 181 -21.84 -8.54 -6.05
N GLY D 182 -22.07 -9.57 -5.23
CA GLY D 182 -22.91 -9.40 -4.08
C GLY D 182 -22.35 -8.44 -3.04
N PHE D 183 -21.04 -8.51 -2.81
CA PHE D 183 -20.40 -7.64 -1.82
C PHE D 183 -20.54 -6.17 -2.22
N ASP D 184 -20.48 -5.90 -3.52
CA ASP D 184 -20.62 -4.53 -4.00
C ASP D 184 -22.04 -4.04 -3.73
N LYS D 185 -23.02 -4.93 -3.82
CA LYS D 185 -24.41 -4.55 -3.58
C LYS D 185 -24.67 -4.22 -2.10
N ILE D 186 -24.08 -4.97 -1.18
CA ILE D 186 -24.28 -4.67 0.23
C ILE D 186 -23.57 -3.35 0.51
N ASP D 187 -22.46 -3.12 -0.19
CA ASP D 187 -21.70 -1.89 -0.03
C ASP D 187 -22.61 -0.70 -0.37
N ILE D 188 -23.25 -0.76 -1.54
CA ILE D 188 -24.15 0.31 -1.98
C ILE D 188 -25.26 0.56 -0.98
N ALA D 189 -25.90 -0.51 -0.50
CA ALA D 189 -26.96 -0.37 0.48
C ALA D 189 -26.42 0.37 1.69
N GLN D 190 -25.21 0.01 2.12
CA GLN D 190 -24.59 0.67 3.28
C GLN D 190 -24.21 2.12 2.96
N MET D 191 -23.91 2.40 1.69
CA MET D 191 -23.54 3.76 1.30
C MET D 191 -24.81 4.63 1.35
N ILE D 192 -25.94 4.03 1.00
CA ILE D 192 -27.20 4.76 1.05
C ILE D 192 -27.45 5.15 2.50
N GLN D 193 -27.18 4.23 3.41
CA GLN D 193 -27.38 4.51 4.82
C GLN D 193 -26.35 5.52 5.31
N LEU D 194 -25.15 5.46 4.74
CA LEU D 194 -24.08 6.37 5.14
C LEU D 194 -24.48 7.82 4.83
N GLU D 195 -25.16 8.01 3.70
CA GLU D 195 -25.59 9.35 3.32
C GLU D 195 -26.66 9.87 4.27
N ARG D 196 -27.58 9.00 4.67
CA ARG D 196 -28.64 9.40 5.59
C ARG D 196 -28.03 9.73 6.95
N GLY D 197 -27.01 8.96 7.34
CA GLY D 197 -26.36 9.20 8.61
C GLY D 197 -25.54 10.47 8.55
N PHE D 198 -25.09 10.81 7.34
CA PHE D 198 -24.30 12.01 7.13
C PHE D 198 -25.20 13.23 7.23
N LEU D 199 -26.35 13.17 6.56
CA LEU D 199 -27.30 14.26 6.57
C LEU D 199 -27.75 14.54 7.99
N ALA D 200 -27.94 13.47 8.77
CA ALA D 200 -28.37 13.59 10.15
C ALA D 200 -27.38 14.40 10.99
N LYS D 201 -26.13 14.41 10.58
CA LYS D 201 -25.10 15.15 11.32
C LYS D 201 -24.98 16.63 10.93
N ILE D 202 -25.24 16.94 9.67
CA ILE D 202 -25.13 18.31 9.20
C ILE D 202 -26.48 19.00 8.99
N VAL D 203 -27.57 18.27 9.25
CA VAL D 203 -28.92 18.82 9.08
C VAL D 203 -29.75 18.51 10.32
N PRO D 204 -29.83 19.47 11.26
CA PRO D 204 -30.60 19.31 12.51
C PRO D 204 -32.02 18.83 12.24
N GLY D 205 -32.46 17.83 12.99
CA GLY D 205 -33.81 17.31 12.81
C GLY D 205 -33.92 16.18 11.81
N PHE D 206 -32.82 15.86 11.14
CA PHE D 206 -32.82 14.78 10.15
C PHE D 206 -32.66 13.46 10.90
N ASP D 207 -33.64 12.56 10.76
CA ASP D 207 -33.60 11.27 11.45
C ASP D 207 -32.92 10.20 10.61
N GLU D 208 -31.80 9.67 11.12
CA GLU D 208 -31.07 8.62 10.40
C GLU D 208 -31.69 7.25 10.56
N SER D 209 -32.73 7.15 11.39
CA SER D 209 -33.43 5.89 11.63
C SER D 209 -33.90 5.36 10.29
N THR D 210 -33.87 4.05 10.13
CA THR D 210 -34.29 3.44 8.88
C THR D 210 -35.77 3.14 8.90
N ALA D 211 -36.38 3.37 10.05
CA ALA D 211 -37.82 3.11 10.24
C ALA D 211 -38.67 3.61 9.07
N VAL D 212 -38.51 4.89 8.73
CA VAL D 212 -39.28 5.48 7.65
C VAL D 212 -39.02 4.80 6.32
N PRO D 213 -37.76 4.89 5.80
CA PRO D 213 -37.46 4.24 4.51
C PRO D 213 -37.82 2.76 4.48
N LYS D 214 -37.68 2.07 5.61
CA LYS D 214 -38.02 0.67 5.66
C LYS D 214 -39.52 0.49 5.47
N ALA D 215 -40.28 1.30 6.21
CA ALA D 215 -41.74 1.27 6.15
C ALA D 215 -42.18 1.47 4.71
N GLU D 216 -41.52 2.42 4.04
CA GLU D 216 -41.84 2.73 2.65
C GLU D 216 -41.61 1.50 1.77
N TRP D 217 -40.51 0.79 2.04
CA TRP D 217 -40.17 -0.41 1.27
C TRP D 217 -41.11 -1.58 1.56
N THR D 218 -41.38 -1.83 2.83
CA THR D 218 -42.25 -2.93 3.22
C THR D 218 -43.73 -2.73 2.94
N ASN D 219 -44.23 -1.51 3.09
CA ASN D 219 -45.65 -1.24 2.86
C ASN D 219 -46.00 -0.15 1.85
N GLY D 220 -45.00 0.40 1.18
CA GLY D 220 -45.27 1.45 0.21
C GLY D 220 -45.85 0.91 -1.09
N GLU D 221 -46.20 1.81 -1.99
CA GLU D 221 -46.77 1.42 -3.28
C GLU D 221 -45.76 1.57 -4.40
N VAL D 222 -44.87 2.56 -4.26
CA VAL D 222 -43.84 2.85 -5.25
C VAL D 222 -42.89 1.67 -5.51
N TYR D 223 -42.50 0.98 -4.44
CA TYR D 223 -41.57 -0.16 -4.56
C TYR D 223 -42.21 -1.51 -4.30
N LYS D 224 -43.54 -1.55 -4.20
CA LYS D 224 -44.23 -2.80 -3.93
C LYS D 224 -43.81 -3.93 -4.88
N SER D 225 -44.04 -3.74 -6.18
CA SER D 225 -43.66 -4.76 -7.17
C SER D 225 -42.17 -5.03 -7.20
N ALA D 226 -41.38 -4.01 -6.87
CA ALA D 226 -39.92 -4.14 -6.84
C ALA D 226 -39.59 -5.14 -5.74
N ARG D 227 -40.13 -4.89 -4.55
CA ARG D 227 -39.90 -5.77 -3.41
C ARG D 227 -40.36 -7.19 -3.74
N LEU D 228 -41.50 -7.31 -4.41
CA LEU D 228 -42.01 -8.63 -4.78
C LEU D 228 -41.03 -9.38 -5.69
N ALA D 229 -40.40 -8.66 -6.62
CA ALA D 229 -39.45 -9.30 -7.53
C ALA D 229 -38.21 -9.70 -6.72
N VAL D 230 -37.71 -8.77 -5.91
CA VAL D 230 -36.54 -8.99 -5.07
C VAL D 230 -36.74 -10.23 -4.20
N GLU D 231 -37.86 -10.28 -3.50
CA GLU D 231 -38.16 -11.41 -2.63
C GLU D 231 -38.10 -12.72 -3.39
N GLY D 232 -38.54 -12.72 -4.64
CA GLY D 232 -38.53 -13.94 -5.43
C GLY D 232 -37.14 -14.32 -5.89
N LEU D 233 -36.45 -13.38 -6.53
CA LEU D 233 -35.09 -13.61 -7.02
C LEU D 233 -34.20 -14.16 -5.91
N TRP D 234 -34.41 -13.67 -4.71
CA TRP D 234 -33.63 -14.07 -3.56
C TRP D 234 -34.06 -15.40 -2.94
N GLN D 235 -35.32 -15.52 -2.57
CA GLN D 235 -35.80 -16.73 -1.92
C GLN D 235 -36.58 -17.79 -2.70
N GLU D 236 -36.93 -17.50 -3.95
CA GLU D 236 -37.68 -18.48 -4.73
C GLU D 236 -36.85 -19.14 -5.82
N VAL D 237 -35.60 -18.71 -5.95
CA VAL D 237 -34.70 -19.28 -6.95
C VAL D 237 -33.62 -20.08 -6.25
N PHE D 238 -33.55 -21.38 -6.56
CA PHE D 238 -32.55 -22.25 -5.95
C PHE D 238 -31.40 -22.55 -6.92
N ASP D 239 -31.49 -22.03 -8.15
CA ASP D 239 -30.47 -22.24 -9.16
C ASP D 239 -29.50 -21.05 -9.15
N TRP D 240 -28.29 -21.27 -8.64
CA TRP D 240 -27.30 -20.18 -8.53
C TRP D 240 -27.05 -19.38 -9.79
N ASN D 241 -27.23 -19.99 -10.96
CA ASN D 241 -27.02 -19.23 -12.21
C ASN D 241 -28.28 -18.43 -12.58
N GLU D 242 -29.46 -19.01 -12.35
CA GLU D 242 -30.67 -18.28 -12.67
C GLU D 242 -30.71 -17.03 -11.81
N SER D 243 -30.34 -17.17 -10.55
CA SER D 243 -30.33 -16.04 -9.63
C SER D 243 -29.36 -14.96 -10.13
N ALA D 244 -28.10 -15.33 -10.33
CA ALA D 244 -27.10 -14.37 -10.79
C ALA D 244 -27.46 -13.73 -12.13
N PHE D 245 -27.89 -14.55 -13.08
CA PHE D 245 -28.26 -14.05 -14.40
C PHE D 245 -29.48 -13.14 -14.35
N SER D 246 -30.55 -13.63 -13.74
CA SER D 246 -31.78 -12.84 -13.65
C SER D 246 -31.62 -11.55 -12.87
N VAL D 247 -30.76 -11.57 -11.85
CA VAL D 247 -30.53 -10.37 -11.05
C VAL D 247 -29.73 -9.32 -11.83
N HIS D 248 -28.61 -9.72 -12.41
CA HIS D 248 -27.76 -8.79 -13.12
C HIS D 248 -28.07 -8.55 -14.60
N ALA D 249 -28.61 -9.55 -15.29
CA ALA D 249 -28.90 -9.39 -16.72
C ALA D 249 -30.37 -9.08 -17.02
N VAL D 250 -31.18 -8.89 -15.98
CA VAL D 250 -32.59 -8.60 -16.18
C VAL D 250 -33.14 -7.53 -15.22
N TYR D 251 -33.36 -7.91 -13.98
CA TYR D 251 -33.91 -7.01 -12.98
C TYR D 251 -33.10 -5.75 -12.67
N ASP D 252 -31.83 -5.91 -12.30
CA ASP D 252 -31.01 -4.77 -11.97
C ASP D 252 -30.57 -3.99 -13.22
N ALA D 253 -30.57 -4.66 -14.37
CA ALA D 253 -30.18 -3.98 -15.62
C ALA D 253 -31.32 -3.07 -16.07
N LEU D 254 -32.53 -3.40 -15.64
CA LEU D 254 -33.70 -2.61 -16.00
C LEU D 254 -34.15 -1.72 -14.85
N PHE D 255 -34.80 -2.31 -13.85
CA PHE D 255 -35.27 -1.54 -12.70
C PHE D 255 -34.15 -0.75 -12.03
N GLY D 256 -33.11 -1.46 -11.62
CA GLY D 256 -31.99 -0.82 -10.94
C GLY D 256 -31.37 0.33 -11.71
N GLN D 257 -31.05 0.08 -12.97
CA GLN D 257 -30.43 1.11 -13.79
C GLN D 257 -31.35 2.31 -13.92
N PHE D 258 -32.66 2.06 -13.99
CA PHE D 258 -33.60 3.18 -14.12
C PHE D 258 -33.64 4.03 -12.85
N VAL D 259 -33.90 3.37 -11.72
CA VAL D 259 -33.98 4.08 -10.45
C VAL D 259 -32.69 4.83 -10.16
N ARG D 260 -31.57 4.13 -10.19
CA ARG D 260 -30.30 4.76 -9.90
C ARG D 260 -29.89 5.87 -10.85
N ARG D 261 -29.87 5.56 -12.14
CA ARG D 261 -29.42 6.52 -13.14
C ARG D 261 -30.47 7.47 -13.72
N GLU D 262 -31.63 6.94 -14.08
CA GLU D 262 -32.67 7.76 -14.69
C GLU D 262 -33.59 8.53 -13.74
N PHE D 263 -33.47 8.30 -12.44
CA PHE D 263 -34.30 9.04 -11.51
C PHE D 263 -33.47 9.88 -10.59
N PHE D 264 -32.82 9.25 -9.60
CA PHE D 264 -32.02 10.00 -8.65
C PHE D 264 -30.75 10.66 -9.22
N GLN D 265 -30.03 9.94 -10.07
CA GLN D 265 -28.82 10.52 -10.66
C GLN D 265 -29.22 11.69 -11.54
N ARG D 266 -30.31 11.51 -12.29
CA ARG D 266 -30.80 12.54 -13.21
C ARG D 266 -31.47 13.75 -12.57
N LEU D 267 -32.19 13.53 -11.47
CA LEU D 267 -32.91 14.61 -10.82
C LEU D 267 -32.25 15.27 -9.62
N ALA D 268 -31.46 14.51 -8.86
CA ALA D 268 -30.79 15.06 -7.68
C ALA D 268 -30.14 16.42 -7.95
N PRO D 269 -29.36 16.51 -9.04
CA PRO D 269 -28.70 17.78 -9.40
C PRO D 269 -29.69 18.94 -9.51
N ARG D 270 -30.86 18.67 -10.09
CA ARG D 270 -31.88 19.70 -10.26
C ARG D 270 -32.36 20.28 -8.94
N PHE D 271 -32.09 19.58 -7.84
CA PHE D 271 -32.50 20.06 -6.52
C PHE D 271 -31.30 20.47 -5.68
N GLY D 272 -30.21 20.81 -6.35
CA GLY D 272 -29.01 21.22 -5.64
C GLY D 272 -28.43 20.13 -4.78
N ASP D 273 -28.59 18.88 -5.22
CA ASP D 273 -28.07 17.74 -4.49
C ASP D 273 -26.95 17.08 -5.28
N ASN D 274 -25.73 17.28 -4.81
CA ASN D 274 -24.55 16.69 -5.43
C ASN D 274 -23.98 15.64 -4.49
N LEU D 275 -24.61 15.50 -3.33
CA LEU D 275 -24.20 14.52 -2.34
C LEU D 275 -24.55 13.12 -2.83
N THR D 276 -25.83 12.91 -3.09
CA THR D 276 -26.31 11.61 -3.57
C THR D 276 -25.60 11.13 -4.83
N PRO D 277 -25.39 12.03 -5.81
CA PRO D 277 -24.71 11.63 -7.05
C PRO D 277 -23.30 11.11 -6.80
N PHE D 278 -22.71 11.50 -5.67
CA PHE D 278 -21.37 11.05 -5.34
C PHE D 278 -21.41 9.55 -5.07
N PHE D 279 -22.45 9.09 -4.38
CA PHE D 279 -22.57 7.68 -4.07
C PHE D 279 -23.08 6.86 -5.23
N ILE D 280 -23.94 7.46 -6.05
CA ILE D 280 -24.47 6.75 -7.21
C ILE D 280 -23.31 6.54 -8.19
N ASN D 281 -22.32 7.44 -8.14
CA ASN D 281 -21.15 7.32 -9.03
C ASN D 281 -20.49 5.97 -8.73
N GLN D 282 -20.54 5.58 -7.47
CA GLN D 282 -19.97 4.31 -7.03
C GLN D 282 -20.82 3.15 -7.51
N ALA D 283 -22.10 3.21 -7.17
CA ALA D 283 -23.03 2.15 -7.57
C ALA D 283 -22.96 1.93 -9.08
N GLN D 284 -22.82 3.01 -9.82
CA GLN D 284 -22.75 2.88 -11.27
C GLN D 284 -21.43 2.30 -11.71
N THR D 285 -20.35 2.66 -11.03
CA THR D 285 -19.04 2.11 -11.35
C THR D 285 -19.11 0.61 -11.06
N TYR D 286 -19.67 0.26 -9.91
CA TYR D 286 -19.82 -1.13 -9.51
C TYR D 286 -20.69 -1.91 -10.48
N PHE D 287 -21.79 -1.31 -10.92
CA PHE D 287 -22.68 -1.96 -11.87
C PHE D 287 -21.95 -2.27 -13.17
N GLN D 288 -21.20 -1.30 -13.66
CA GLN D 288 -20.45 -1.46 -14.90
C GLN D 288 -19.32 -2.47 -14.77
N ILE D 289 -18.80 -2.61 -13.56
CA ILE D 289 -17.71 -3.55 -13.31
C ILE D 289 -18.28 -4.96 -13.28
N ALA D 290 -19.43 -5.12 -12.66
CA ALA D 290 -20.05 -6.43 -12.57
C ALA D 290 -20.60 -6.86 -13.94
N LYS D 291 -21.05 -5.89 -14.72
CA LYS D 291 -21.59 -6.17 -16.04
C LYS D 291 -20.58 -6.91 -16.91
N GLN D 292 -19.32 -6.47 -16.87
CA GLN D 292 -18.28 -7.10 -17.67
C GLN D 292 -18.09 -8.56 -17.27
N GLY D 293 -18.19 -8.84 -15.97
CA GLY D 293 -18.04 -10.20 -15.51
C GLY D 293 -19.28 -11.01 -15.87
N VAL D 294 -20.44 -10.40 -15.68
CA VAL D 294 -21.70 -11.06 -15.99
C VAL D 294 -21.73 -11.44 -17.47
N GLN D 295 -21.32 -10.53 -18.33
CA GLN D 295 -21.32 -10.79 -19.76
C GLN D 295 -20.37 -11.92 -20.11
N ASP D 296 -19.18 -11.92 -19.53
CA ASP D 296 -18.21 -12.96 -19.84
C ASP D 296 -18.69 -14.34 -19.45
N LEU D 297 -19.34 -14.46 -18.29
CA LEU D 297 -19.82 -15.76 -17.85
C LEU D 297 -21.02 -16.25 -18.61
N TYR D 298 -22.08 -15.46 -18.65
CA TYR D 298 -23.29 -15.90 -19.34
C TYR D 298 -23.33 -15.81 -20.86
N TYR D 299 -22.51 -14.95 -21.46
CA TYR D 299 -22.52 -14.83 -22.90
C TYR D 299 -21.28 -15.46 -23.51
N ASN D 300 -20.11 -14.89 -23.20
CA ASN D 300 -18.87 -15.42 -23.76
C ASN D 300 -18.64 -16.88 -23.45
N CYS D 301 -18.89 -17.27 -22.20
CA CYS D 301 -18.65 -18.65 -21.76
C CYS D 301 -19.80 -19.63 -21.91
N LEU D 302 -20.96 -19.29 -21.34
CA LEU D 302 -22.09 -20.19 -21.42
C LEU D 302 -22.91 -19.98 -22.69
N GLY D 303 -23.30 -18.74 -22.95
CA GLY D 303 -24.09 -18.44 -24.13
C GLY D 303 -23.42 -18.81 -25.44
N ASP D 304 -22.10 -18.84 -25.46
CA ASP D 304 -21.36 -19.17 -26.68
C ASP D 304 -20.59 -20.48 -26.50
N ASP D 305 -20.99 -21.29 -25.52
CA ASP D 305 -20.32 -22.55 -25.28
C ASP D 305 -20.34 -23.39 -26.56
N PRO D 306 -19.17 -23.92 -26.96
CA PRO D 306 -19.01 -24.73 -28.17
C PRO D 306 -19.99 -25.89 -28.32
N GLU D 307 -20.41 -26.46 -27.20
CA GLU D 307 -21.32 -27.60 -27.27
C GLU D 307 -22.71 -27.33 -26.69
N PHE D 308 -22.84 -26.32 -25.83
CA PHE D 308 -24.14 -26.05 -25.21
C PHE D 308 -24.68 -24.64 -25.46
N SER D 309 -24.11 -23.98 -26.47
CA SER D 309 -24.50 -22.62 -26.84
C SER D 309 -26.01 -22.49 -27.04
N ASP D 310 -26.55 -23.35 -27.90
CA ASP D 310 -27.96 -23.33 -28.21
C ASP D 310 -28.81 -23.64 -26.97
N TYR D 311 -28.42 -24.68 -26.25
CA TYR D 311 -29.12 -25.08 -25.04
C TYR D 311 -29.18 -23.94 -24.00
N ASN D 312 -28.01 -23.40 -23.66
CA ASN D 312 -27.96 -22.32 -22.67
C ASN D 312 -28.73 -21.07 -23.05
N ARG D 313 -28.72 -20.72 -24.33
CA ARG D 313 -29.44 -19.53 -24.78
C ARG D 313 -30.93 -19.77 -24.54
N THR D 314 -31.37 -21.00 -24.80
CA THR D 314 -32.77 -21.33 -24.58
C THR D 314 -33.11 -21.08 -23.11
N VAL D 315 -32.26 -21.57 -22.22
CA VAL D 315 -32.51 -21.40 -20.79
C VAL D 315 -32.50 -19.95 -20.33
N MET D 316 -31.49 -19.19 -20.73
CA MET D 316 -31.42 -17.79 -20.33
C MET D 316 -32.57 -17.02 -20.98
N ARG D 317 -32.90 -17.40 -22.21
CA ARG D 317 -34.00 -16.78 -22.93
C ARG D 317 -35.25 -17.03 -22.09
N ASN D 318 -35.35 -18.27 -21.59
CA ASN D 318 -36.47 -18.66 -20.74
C ASN D 318 -36.47 -17.81 -19.47
N TRP D 319 -35.31 -17.73 -18.82
CA TRP D 319 -35.17 -16.96 -17.60
C TRP D 319 -35.50 -15.48 -17.82
N THR D 320 -35.04 -14.93 -18.94
CA THR D 320 -35.32 -13.53 -19.26
C THR D 320 -36.84 -13.31 -19.33
N GLY D 321 -37.54 -14.24 -19.98
CA GLY D 321 -38.98 -14.09 -20.07
C GLY D 321 -39.63 -14.22 -18.70
N LYS D 322 -39.10 -15.14 -17.89
CA LYS D 322 -39.63 -15.38 -16.56
C LYS D 322 -39.53 -14.15 -15.66
N TRP D 323 -38.40 -13.46 -15.70
CA TRP D 323 -38.21 -12.32 -14.83
C TRP D 323 -38.46 -10.93 -15.42
N LEU D 324 -38.60 -10.87 -16.74
CA LEU D 324 -38.87 -9.60 -17.40
C LEU D 324 -40.21 -9.03 -16.92
N GLU D 325 -41.16 -9.93 -16.64
CA GLU D 325 -42.49 -9.52 -16.16
C GLU D 325 -42.50 -8.82 -14.80
N PRO D 326 -42.00 -9.50 -13.74
CA PRO D 326 -41.97 -8.91 -12.39
C PRO D 326 -41.17 -7.61 -12.38
N THR D 327 -40.19 -7.52 -13.26
CA THR D 327 -39.35 -6.32 -13.35
C THR D 327 -40.18 -5.17 -13.90
N ILE D 328 -40.95 -5.44 -14.97
CA ILE D 328 -41.80 -4.41 -15.56
C ILE D 328 -42.75 -3.89 -14.48
N ALA D 329 -43.32 -4.81 -13.70
CA ALA D 329 -44.22 -4.44 -12.62
C ALA D 329 -43.50 -3.53 -11.64
N ALA D 330 -42.26 -3.88 -11.29
CA ALA D 330 -41.47 -3.10 -10.35
C ALA D 330 -41.31 -1.67 -10.89
N LEU D 331 -41.04 -1.56 -12.19
CA LEU D 331 -40.86 -0.26 -12.83
C LEU D 331 -42.17 0.51 -12.80
N ARG D 332 -43.25 -0.19 -13.16
CA ARG D 332 -44.58 0.40 -13.19
C ARG D 332 -44.91 1.05 -11.85
N ASP D 333 -44.84 0.27 -10.78
CA ASP D 333 -45.12 0.79 -9.46
C ASP D 333 -44.23 1.99 -9.16
N PHE D 334 -43.00 1.95 -9.65
CA PHE D 334 -42.05 3.03 -9.40
C PHE D 334 -42.46 4.33 -10.08
N MET D 335 -43.22 4.22 -11.17
CA MET D 335 -43.65 5.41 -11.90
C MET D 335 -44.41 6.35 -10.97
N GLY D 336 -45.06 5.77 -9.96
CA GLY D 336 -45.84 6.57 -9.02
C GLY D 336 -45.05 7.61 -8.27
N LEU D 337 -43.74 7.41 -8.15
CA LEU D 337 -42.92 8.37 -7.41
C LEU D 337 -42.84 9.74 -8.10
N PHE D 338 -43.05 9.77 -9.41
CA PHE D 338 -43.00 11.03 -10.14
C PHE D 338 -44.11 12.00 -9.73
N ALA D 339 -45.27 11.45 -9.38
CA ALA D 339 -46.40 12.27 -8.96
C ALA D 339 -46.08 13.00 -7.65
N LYS D 340 -45.29 12.37 -6.79
CA LYS D 340 -44.94 12.97 -5.51
C LYS D 340 -43.98 14.15 -5.67
N LEU D 341 -43.44 14.32 -6.88
CA LEU D 341 -42.50 15.42 -7.14
C LEU D 341 -43.18 16.78 -7.26
N PRO D 342 -42.43 17.86 -6.99
CA PRO D 342 -43.00 19.20 -7.10
C PRO D 342 -43.28 19.45 -8.58
N ALA D 343 -44.35 20.19 -8.87
CA ALA D 343 -44.71 20.49 -10.26
C ALA D 343 -43.52 21.10 -11.02
N GLY D 344 -43.38 20.71 -12.29
CA GLY D 344 -42.32 21.24 -13.12
C GLY D 344 -40.96 20.56 -13.01
N THR D 345 -40.79 19.68 -12.02
CA THR D 345 -39.52 18.98 -11.84
C THR D 345 -39.09 18.27 -13.11
N THR D 346 -40.02 17.55 -13.72
CA THR D 346 -39.77 16.83 -14.96
C THR D 346 -41.11 16.51 -15.59
N ASP D 347 -41.12 16.24 -16.90
CA ASP D 347 -42.37 15.96 -17.60
C ASP D 347 -42.41 14.54 -18.18
N LYS D 348 -43.56 14.14 -18.70
CA LYS D 348 -43.73 12.80 -19.26
C LYS D 348 -42.77 12.49 -20.40
N GLU D 349 -42.30 13.52 -21.10
CA GLU D 349 -41.39 13.31 -22.22
C GLU D 349 -40.02 12.85 -21.73
N GLU D 350 -39.49 13.52 -20.70
CA GLU D 350 -38.19 13.16 -20.14
C GLU D 350 -38.27 11.76 -19.57
N ILE D 351 -39.35 11.49 -18.84
CA ILE D 351 -39.55 10.18 -18.25
C ILE D 351 -39.41 9.13 -19.36
N THR D 352 -40.19 9.30 -20.42
CA THR D 352 -40.16 8.36 -21.54
C THR D 352 -38.77 8.21 -22.14
N ALA D 353 -38.05 9.32 -22.28
CA ALA D 353 -36.70 9.30 -22.84
C ALA D 353 -35.75 8.49 -21.94
N SER D 354 -35.83 8.73 -20.63
CA SER D 354 -35.00 8.03 -19.69
C SER D 354 -35.34 6.54 -19.72
N LEU D 355 -36.63 6.22 -19.87
CA LEU D 355 -37.04 4.82 -19.94
C LEU D 355 -36.38 4.19 -21.15
N TYR D 356 -36.55 4.82 -22.31
CA TYR D 356 -35.96 4.29 -23.54
C TYR D 356 -34.46 4.08 -23.43
N ARG D 357 -33.79 4.93 -22.66
CA ARG D 357 -32.34 4.81 -22.48
C ARG D 357 -32.01 3.50 -21.76
N VAL D 358 -32.68 3.27 -20.63
CA VAL D 358 -32.45 2.06 -19.85
C VAL D 358 -32.74 0.82 -20.69
N VAL D 359 -33.89 0.79 -21.36
CA VAL D 359 -34.28 -0.35 -22.19
C VAL D 359 -33.32 -0.56 -23.36
N ASP D 360 -32.98 0.52 -24.07
CA ASP D 360 -32.08 0.41 -25.22
C ASP D 360 -30.72 -0.12 -24.79
N ASP D 361 -30.22 0.34 -23.64
CA ASP D 361 -28.94 -0.12 -23.12
C ASP D 361 -29.07 -1.60 -22.80
N TRP D 362 -30.18 -1.95 -22.15
CA TRP D 362 -30.45 -3.35 -21.77
C TRP D 362 -30.47 -4.27 -22.98
N ILE D 363 -31.14 -3.83 -24.05
CA ILE D 363 -31.23 -4.63 -25.26
C ILE D 363 -29.89 -4.84 -25.95
N GLU D 364 -29.08 -3.79 -25.97
CA GLU D 364 -27.76 -3.82 -26.60
C GLU D 364 -26.74 -4.68 -25.81
N ASP D 365 -26.78 -4.56 -24.49
CA ASP D 365 -25.85 -5.26 -23.61
C ASP D 365 -26.23 -6.66 -23.15
N TYR D 366 -27.52 -6.97 -23.07
CA TYR D 366 -27.92 -8.30 -22.60
C TYR D 366 -28.85 -9.09 -23.51
N ALA D 367 -30.07 -8.59 -23.69
CA ALA D 367 -31.09 -9.25 -24.51
C ALA D 367 -30.61 -9.77 -25.87
N SER D 368 -29.82 -8.98 -26.59
CA SER D 368 -29.35 -9.39 -27.90
C SER D 368 -28.31 -10.48 -27.85
N ARG D 369 -27.66 -10.64 -26.70
CA ARG D 369 -26.61 -11.66 -26.55
C ARG D 369 -27.16 -13.09 -26.58
N ILE D 370 -28.41 -13.25 -26.18
CA ILE D 370 -29.04 -14.57 -26.20
C ILE D 370 -30.17 -14.62 -27.22
N ASP D 371 -30.22 -13.62 -28.09
CA ASP D 371 -31.24 -13.51 -29.15
C ASP D 371 -32.65 -13.36 -28.60
N PHE D 372 -32.78 -12.78 -27.41
CA PHE D 372 -34.10 -12.56 -26.85
C PHE D 372 -34.74 -11.43 -27.64
N LYS D 373 -35.85 -11.72 -28.30
CA LYS D 373 -36.52 -10.69 -29.11
C LYS D 373 -37.28 -9.71 -28.24
N ALA D 374 -36.65 -8.58 -27.95
CA ALA D 374 -37.28 -7.55 -27.12
C ALA D 374 -37.89 -6.43 -27.96
N ASP D 375 -39.04 -5.94 -27.51
CA ASP D 375 -39.74 -4.85 -28.19
C ASP D 375 -39.66 -3.62 -27.30
N ARG D 376 -38.73 -2.72 -27.63
CA ARG D 376 -38.53 -1.50 -26.85
C ARG D 376 -39.80 -0.69 -26.61
N ASP D 377 -40.59 -0.50 -27.67
CA ASP D 377 -41.84 0.26 -27.58
C ASP D 377 -42.82 -0.36 -26.61
N GLN D 378 -43.06 -1.66 -26.77
CA GLN D 378 -44.00 -2.38 -25.91
C GLN D 378 -43.59 -2.35 -24.44
N ILE D 379 -42.30 -2.54 -24.19
CA ILE D 379 -41.81 -2.52 -22.81
C ILE D 379 -42.03 -1.13 -22.20
N VAL D 380 -41.54 -0.10 -22.91
CA VAL D 380 -41.67 1.28 -22.45
C VAL D 380 -43.15 1.62 -22.22
N LYS D 381 -43.98 1.18 -23.15
CA LYS D 381 -45.41 1.43 -23.07
C LYS D 381 -45.97 0.85 -21.77
N ALA D 382 -45.62 -0.41 -21.48
CA ALA D 382 -46.09 -1.09 -20.28
C ALA D 382 -45.70 -0.41 -18.96
N VAL D 383 -44.44 0.02 -18.86
CA VAL D 383 -43.97 0.68 -17.66
C VAL D 383 -44.64 2.05 -17.54
N LEU D 384 -44.83 2.69 -18.69
CA LEU D 384 -45.43 4.01 -18.76
C LEU D 384 -46.91 3.95 -18.38
N ALA D 385 -47.53 2.78 -18.59
CA ALA D 385 -48.94 2.57 -18.28
C ALA D 385 -49.34 3.07 -16.90
N GLY D 386 -48.73 2.51 -15.86
CA GLY D 386 -49.06 2.93 -14.51
C GLY D 386 -48.40 4.24 -14.10
N LEU D 387 -48.05 5.06 -15.09
CA LEU D 387 -47.41 6.34 -14.81
C LEU D 387 -48.30 7.22 -13.92
N LYS D 388 -47.68 7.84 -12.93
CA LYS D 388 -48.36 8.71 -11.96
C LYS D 388 -49.52 9.53 -12.55
N LYS E 2 28.05 34.17 32.53
CA LYS E 2 27.30 33.65 31.35
C LYS E 2 28.20 33.79 30.13
N LEU E 3 28.39 32.71 29.38
CA LEU E 3 29.27 32.77 28.22
C LEU E 3 29.01 31.79 27.06
N GLY E 4 27.89 31.07 27.06
CA GLY E 4 27.68 30.12 25.98
C GLY E 4 27.45 30.61 24.56
N ILE E 5 27.08 29.66 23.71
CA ILE E 5 26.82 29.88 22.30
C ILE E 5 25.49 30.61 22.01
N HIS E 6 24.41 30.14 22.62
CA HIS E 6 23.10 30.74 22.40
C HIS E 6 22.65 31.74 23.46
N SER E 7 23.33 31.73 24.61
CA SER E 7 22.98 32.64 25.69
C SER E 7 24.23 33.13 26.39
N ASN E 8 24.53 34.43 26.24
CA ASN E 8 25.72 35.02 26.84
C ASN E 8 25.54 36.50 27.19
N ASP E 9 26.49 37.05 27.95
CA ASP E 9 26.43 38.45 28.36
C ASP E 9 26.29 39.45 27.24
N THR E 10 27.03 39.23 26.15
CA THR E 10 26.96 40.14 25.02
C THR E 10 25.53 40.24 24.49
N ARG E 11 24.89 39.09 24.27
CA ARG E 11 23.52 39.06 23.76
C ARG E 11 22.55 39.70 24.75
N ASP E 12 22.73 39.42 26.03
CA ASP E 12 21.85 40.00 27.04
C ASP E 12 21.97 41.52 26.97
N ALA E 13 23.20 42.00 26.88
CA ALA E 13 23.49 43.42 26.81
C ALA E 13 22.73 44.08 25.66
N TRP E 14 22.84 43.52 24.45
CA TRP E 14 22.15 44.09 23.32
C TRP E 14 20.64 44.01 23.44
N VAL E 15 20.15 42.97 24.12
CA VAL E 15 18.72 42.84 24.30
C VAL E 15 18.24 44.04 25.11
N ASN E 16 18.90 44.33 26.23
CA ASN E 16 18.51 45.46 27.07
C ASN E 16 18.62 46.74 26.26
N LYS E 17 19.73 46.85 25.54
CA LYS E 17 19.96 48.03 24.73
C LYS E 17 18.81 48.25 23.76
N ILE E 18 18.42 47.17 23.08
CA ILE E 18 17.34 47.22 22.10
C ILE E 18 15.99 47.55 22.71
N ALA E 19 15.78 47.15 23.96
CA ALA E 19 14.53 47.42 24.65
C ALA E 19 14.27 48.90 24.89
N GLN E 20 15.31 49.72 24.79
CA GLN E 20 15.18 51.15 25.00
C GLN E 20 15.13 51.95 23.70
N LEU E 21 14.54 51.35 22.67
CA LEU E 21 14.41 52.02 21.38
C LEU E 21 12.91 52.24 21.15
N ASN E 22 12.40 53.34 21.69
CA ASN E 22 10.99 53.67 21.60
C ASN E 22 10.53 54.39 20.34
N THR E 23 11.45 54.76 19.46
CA THR E 23 11.05 55.44 18.23
C THR E 23 11.62 54.77 17.00
N LEU E 24 10.87 54.83 15.91
CA LEU E 24 11.29 54.22 14.66
C LEU E 24 12.60 54.80 14.13
N GLU E 25 12.69 56.12 14.07
CA GLU E 25 13.91 56.75 13.56
C GLU E 25 15.16 56.31 14.29
N LYS E 26 15.12 56.38 15.62
CA LYS E 26 16.26 56.01 16.45
C LYS E 26 16.65 54.54 16.23
N ALA E 27 15.69 53.63 16.39
CA ALA E 27 15.91 52.20 16.19
C ALA E 27 16.42 51.89 14.80
N ALA E 28 15.80 52.50 13.78
CA ALA E 28 16.21 52.29 12.40
C ALA E 28 17.66 52.70 12.19
N GLU E 29 18.01 53.88 12.71
CA GLU E 29 19.38 54.38 12.58
C GLU E 29 20.38 53.47 13.28
N MET E 30 19.99 52.93 14.43
CA MET E 30 20.88 52.03 15.16
C MET E 30 21.09 50.74 14.38
N LEU E 31 20.05 50.30 13.67
CA LEU E 31 20.13 49.07 12.89
C LEU E 31 21.12 49.23 11.74
N LYS E 32 20.99 50.34 11.02
CA LYS E 32 21.89 50.62 9.91
C LYS E 32 23.32 50.78 10.42
N GLN E 33 23.47 51.43 11.56
CA GLN E 33 24.79 51.62 12.16
C GLN E 33 25.37 50.26 12.56
N PHE E 34 24.50 49.39 13.05
CA PHE E 34 24.91 48.05 13.46
C PHE E 34 25.41 47.26 12.24
N ARG E 35 24.72 47.40 11.13
CA ARG E 35 25.11 46.69 9.93
C ARG E 35 26.44 47.17 9.37
N MET E 36 26.71 48.47 9.53
CA MET E 36 27.95 49.02 9.04
C MET E 36 29.11 48.56 9.93
N ASP E 37 28.81 48.44 11.22
CA ASP E 37 29.80 48.04 12.21
C ASP E 37 30.14 46.56 12.30
N HIS E 38 29.13 45.70 12.14
CA HIS E 38 29.32 44.26 12.30
C HIS E 38 28.98 43.27 11.19
N THR E 39 28.51 43.73 10.04
CA THR E 39 28.19 42.78 8.98
C THR E 39 29.04 42.94 7.73
N THR E 40 29.10 41.87 6.94
CA THR E 40 29.85 41.82 5.68
C THR E 40 31.36 41.87 5.89
N PRO E 41 32.13 41.46 4.87
CA PRO E 41 33.59 41.50 5.00
C PRO E 41 34.11 42.92 5.22
N PHE E 42 33.27 43.91 4.99
CA PHE E 42 33.68 45.31 5.16
C PHE E 42 33.26 45.87 6.53
N ARG E 43 32.80 45.02 7.44
CA ARG E 43 32.39 45.50 8.76
C ARG E 43 33.52 46.32 9.38
N ASN E 44 33.17 47.34 10.15
CA ASN E 44 34.18 48.17 10.79
C ASN E 44 34.94 47.42 11.88
N SER E 45 34.40 46.28 12.29
CA SER E 45 35.04 45.49 13.34
C SER E 45 34.53 44.04 13.36
N TYR E 46 35.36 43.13 13.86
CA TYR E 46 34.96 41.74 13.95
C TYR E 46 34.71 41.34 15.40
N GLU E 47 34.58 42.33 16.29
CA GLU E 47 34.38 42.04 17.70
C GLU E 47 33.13 41.24 18.07
N LEU E 48 32.07 41.38 17.29
CA LEU E 48 30.84 40.65 17.58
C LEU E 48 30.57 39.50 16.61
N ASP E 49 31.63 38.99 15.99
CA ASP E 49 31.50 37.90 15.01
C ASP E 49 30.60 36.74 15.46
N ASN E 50 30.72 36.31 16.71
CA ASN E 50 29.89 35.20 17.19
C ASN E 50 28.46 35.54 17.61
N ASP E 51 28.10 36.81 17.67
CA ASP E 51 26.76 37.16 18.10
C ASP E 51 26.01 38.16 17.23
N TYR E 52 26.71 38.79 16.28
CA TYR E 52 26.07 39.80 15.46
C TYR E 52 24.86 39.32 14.69
N LEU E 53 24.95 38.13 14.08
CA LEU E 53 23.83 37.60 13.31
C LEU E 53 22.55 37.56 14.14
N TRP E 54 22.66 37.05 15.36
CA TRP E 54 21.52 36.94 16.25
C TRP E 54 21.08 38.33 16.72
N ILE E 55 22.05 39.15 17.14
CA ILE E 55 21.76 40.48 17.62
C ILE E 55 21.04 41.30 16.55
N GLU E 56 21.57 41.28 15.33
CA GLU E 56 20.96 42.02 14.23
C GLU E 56 19.48 41.66 14.10
N ALA E 57 19.18 40.36 14.07
CA ALA E 57 17.81 39.89 13.95
C ALA E 57 16.90 40.48 15.05
N LYS E 58 17.41 40.52 16.29
CA LYS E 58 16.65 41.07 17.41
C LYS E 58 16.42 42.56 17.20
N LEU E 59 17.39 43.21 16.57
CA LEU E 59 17.30 44.64 16.31
C LEU E 59 16.28 44.87 15.19
N GLU E 60 16.28 43.99 14.19
CA GLU E 60 15.34 44.10 13.07
C GLU E 60 13.92 44.00 13.64
N GLU E 61 13.76 43.10 14.60
CA GLU E 61 12.48 42.88 15.24
C GLU E 61 11.90 44.17 15.76
N LYS E 62 12.69 44.93 16.50
CA LYS E 62 12.21 46.19 17.05
C LYS E 62 11.83 47.18 15.93
N VAL E 63 12.70 47.32 14.94
CA VAL E 63 12.44 48.23 13.82
C VAL E 63 11.15 47.88 13.08
N ALA E 64 10.91 46.59 12.84
CA ALA E 64 9.72 46.16 12.13
C ALA E 64 8.47 46.56 12.91
N VAL E 65 8.45 46.22 14.20
CA VAL E 65 7.33 46.53 15.09
C VAL E 65 7.03 48.03 15.14
N LEU E 66 8.07 48.84 15.29
CA LEU E 66 7.92 50.28 15.35
C LEU E 66 7.42 50.81 14.00
N LYS E 67 8.01 50.32 12.91
CA LYS E 67 7.62 50.78 11.59
C LYS E 67 6.16 50.49 11.28
N ALA E 68 5.67 49.36 11.77
CA ALA E 68 4.29 48.99 11.53
C ALA E 68 3.31 49.90 12.27
N ARG E 69 3.71 50.36 13.45
CA ARG E 69 2.86 51.24 14.24
C ARG E 69 2.92 52.68 13.78
N ALA E 70 4.06 53.06 13.21
CA ALA E 70 4.26 54.43 12.76
C ALA E 70 3.75 54.70 11.34
N PHE E 71 4.01 53.78 10.43
CA PHE E 71 3.60 53.93 9.05
C PHE E 71 2.15 53.60 8.73
N ASN E 72 1.61 54.28 7.72
CA ASN E 72 0.26 54.01 7.27
C ASN E 72 0.46 52.88 6.25
N GLU E 73 -0.62 52.20 5.88
CA GLU E 73 -0.50 51.08 4.96
C GLU E 73 0.32 51.33 3.69
N VAL E 74 -0.02 52.35 2.93
CA VAL E 74 0.73 52.63 1.70
C VAL E 74 2.23 52.81 1.95
N ASP E 75 2.56 53.57 3.00
CA ASP E 75 3.96 53.81 3.33
C ASP E 75 4.68 52.53 3.75
N PHE E 76 4.01 51.68 4.52
CA PHE E 76 4.60 50.42 4.95
C PHE E 76 4.95 49.55 3.76
N ARG E 77 4.19 49.71 2.68
CA ARG E 77 4.42 48.94 1.48
C ARG E 77 5.43 49.58 0.56
N HIS E 78 5.46 50.91 0.50
CA HIS E 78 6.35 51.59 -0.43
C HIS E 78 7.45 52.50 0.09
N LYS E 79 7.49 52.76 1.39
CA LYS E 79 8.54 53.62 1.93
C LYS E 79 9.51 52.86 2.81
N THR E 80 10.76 53.31 2.84
CA THR E 80 11.77 52.69 3.67
C THR E 80 11.55 53.20 5.09
N ALA E 81 12.24 52.58 6.04
CA ALA E 81 12.15 52.97 7.43
C ALA E 81 12.61 54.41 7.60
N PHE E 82 13.39 54.90 6.65
CA PHE E 82 13.90 56.27 6.70
C PHE E 82 13.04 57.26 5.92
N GLY E 83 11.84 56.81 5.53
CA GLY E 83 10.96 57.69 4.78
C GLY E 83 11.28 57.84 3.31
N GLU E 84 12.30 57.13 2.82
CA GLU E 84 12.67 57.20 1.41
C GLU E 84 11.70 56.40 0.57
N ASP E 85 11.53 56.78 -0.68
CA ASP E 85 10.65 56.05 -1.58
C ASP E 85 11.42 54.81 -2.01
N ALA E 86 10.92 53.65 -1.64
CA ALA E 86 11.59 52.39 -1.97
C ALA E 86 11.90 52.18 -3.45
N LYS E 87 10.92 52.40 -4.31
CA LYS E 87 11.14 52.20 -5.73
C LYS E 87 12.28 53.09 -6.25
N SER E 88 12.38 54.31 -5.74
CA SER E 88 13.43 55.22 -6.17
C SER E 88 14.77 54.61 -5.84
N VAL E 89 14.97 54.30 -4.56
CA VAL E 89 16.21 53.70 -4.10
C VAL E 89 16.58 52.49 -4.96
N LEU E 90 15.61 51.61 -5.20
CA LEU E 90 15.85 50.42 -6.00
C LEU E 90 16.33 50.76 -7.40
N ASP E 91 15.55 51.56 -8.11
CA ASP E 91 15.90 51.96 -9.47
C ASP E 91 17.21 52.73 -9.51
N GLY E 92 17.43 53.54 -8.47
CA GLY E 92 18.66 54.29 -8.41
C GLY E 92 19.86 53.37 -8.27
N THR E 93 19.81 52.48 -7.28
CA THR E 93 20.89 51.55 -7.06
C THR E 93 21.12 50.65 -8.28
N VAL E 94 20.05 50.19 -8.91
CA VAL E 94 20.18 49.34 -10.09
C VAL E 94 20.89 50.12 -11.19
N ALA E 95 20.57 51.40 -11.29
CA ALA E 95 21.18 52.27 -12.29
C ALA E 95 22.68 52.31 -12.09
N LYS E 96 23.11 52.59 -10.86
CA LYS E 96 24.53 52.62 -10.54
C LYS E 96 25.21 51.29 -10.84
N MET E 97 24.51 50.20 -10.53
CA MET E 97 25.03 48.87 -10.78
C MET E 97 25.30 48.64 -12.26
N ASN E 98 24.36 49.04 -13.11
CA ASN E 98 24.56 48.85 -14.54
C ASN E 98 25.66 49.77 -15.07
N ALA E 99 25.87 50.88 -14.40
CA ALA E 99 26.90 51.83 -14.78
C ALA E 99 28.24 51.46 -14.15
N ALA E 100 28.28 50.33 -13.45
CA ALA E 100 29.50 49.86 -12.81
C ALA E 100 30.54 49.54 -13.88
N LYS E 101 31.78 49.97 -13.67
CA LYS E 101 32.84 49.72 -14.63
C LYS E 101 33.38 48.30 -14.57
N ASP E 102 33.61 47.80 -13.35
CA ASP E 102 34.16 46.47 -13.14
C ASP E 102 33.49 45.72 -12.00
N LYS E 103 34.00 44.53 -11.70
CA LYS E 103 33.48 43.69 -10.64
C LYS E 103 33.76 44.26 -9.24
N TRP E 104 34.74 45.15 -9.14
CA TRP E 104 35.10 45.73 -7.86
C TRP E 104 34.10 46.81 -7.44
N GLU E 105 33.71 47.65 -8.40
CA GLU E 105 32.76 48.71 -8.13
C GLU E 105 31.39 48.06 -7.87
N ALA E 106 31.13 46.97 -8.59
CA ALA E 106 29.88 46.24 -8.48
C ALA E 106 29.66 45.65 -7.10
N GLU E 107 30.66 44.98 -6.57
CA GLU E 107 30.51 44.37 -5.26
C GLU E 107 30.30 45.42 -4.18
N LYS E 108 30.94 46.58 -4.34
CA LYS E 108 30.77 47.65 -3.37
C LYS E 108 29.31 48.09 -3.37
N ILE E 109 28.75 48.26 -4.56
CA ILE E 109 27.36 48.68 -4.71
C ILE E 109 26.41 47.68 -4.06
N HIS E 110 26.53 46.41 -4.44
CA HIS E 110 25.66 45.37 -3.90
C HIS E 110 25.77 45.24 -2.38
N ILE E 111 27.00 45.08 -1.87
CA ILE E 111 27.19 44.94 -0.44
C ILE E 111 26.65 46.11 0.36
N GLY E 112 26.95 47.33 -0.06
CA GLY E 112 26.45 48.49 0.64
C GLY E 112 24.94 48.55 0.62
N PHE E 113 24.35 48.12 -0.50
CA PHE E 113 22.90 48.12 -0.64
C PHE E 113 22.28 47.25 0.45
N ARG E 114 22.89 46.10 0.68
CA ARG E 114 22.41 45.20 1.70
C ARG E 114 22.58 45.80 3.08
N GLN E 115 23.72 46.43 3.32
CA GLN E 115 23.98 47.04 4.61
C GLN E 115 23.02 48.17 4.97
N ALA E 116 22.63 48.94 3.98
CA ALA E 116 21.75 50.07 4.24
C ALA E 116 20.25 49.82 4.12
N TYR E 117 19.83 48.92 3.25
CA TYR E 117 18.40 48.72 3.08
C TYR E 117 17.77 47.38 3.44
N LYS E 118 18.57 46.45 3.93
CA LYS E 118 18.05 45.14 4.30
C LYS E 118 16.82 45.30 5.19
N PRO E 119 15.71 44.61 4.86
CA PRO E 119 14.49 44.72 5.69
C PRO E 119 14.89 44.55 7.15
N PRO E 120 14.14 45.17 8.09
CA PRO E 120 12.94 45.99 7.91
C PRO E 120 13.14 47.45 7.48
N ILE E 121 14.26 47.77 6.85
CA ILE E 121 14.45 49.14 6.40
C ILE E 121 13.61 49.26 5.14
N MET E 122 14.07 48.62 4.07
CA MET E 122 13.34 48.66 2.81
C MET E 122 12.33 47.54 2.84
N PRO E 123 11.17 47.73 2.17
CA PRO E 123 10.15 46.67 2.15
C PRO E 123 10.75 45.44 1.46
N VAL E 124 10.44 44.26 1.95
CA VAL E 124 10.98 43.03 1.36
C VAL E 124 10.79 42.92 -0.15
N ASN E 125 9.59 43.25 -0.65
CA ASN E 125 9.34 43.14 -2.09
C ASN E 125 10.34 43.90 -2.93
N TYR E 126 10.64 45.15 -2.56
CA TYR E 126 11.60 45.93 -3.32
C TYR E 126 12.99 45.38 -3.10
N PHE E 127 13.30 45.05 -1.86
CA PHE E 127 14.63 44.53 -1.53
C PHE E 127 15.01 43.29 -2.33
N LEU E 128 14.11 42.29 -2.37
CA LEU E 128 14.41 41.07 -3.09
C LEU E 128 14.39 41.30 -4.58
N ASP E 129 13.62 42.30 -5.01
CA ASP E 129 13.59 42.65 -6.42
C ASP E 129 14.99 43.15 -6.71
N GLY E 130 15.53 43.91 -5.76
CA GLY E 130 16.87 44.44 -5.88
C GLY E 130 17.94 43.35 -5.90
N GLU E 131 17.82 42.42 -4.96
CA GLU E 131 18.74 41.28 -4.88
C GLU E 131 18.85 40.60 -6.23
N ARG E 132 17.70 40.49 -6.88
CA ARG E 132 17.57 39.85 -8.18
C ARG E 132 18.38 40.53 -9.27
N GLN E 133 18.28 41.84 -9.35
CA GLN E 133 18.98 42.60 -10.37
C GLN E 133 20.44 42.85 -10.05
N LEU E 134 20.71 43.29 -8.82
CA LEU E 134 22.07 43.55 -8.43
C LEU E 134 22.90 42.27 -8.51
N GLY E 135 22.33 41.17 -8.02
CA GLY E 135 23.05 39.91 -8.07
C GLY E 135 23.42 39.46 -9.47
N THR E 136 22.51 39.61 -10.42
CA THR E 136 22.78 39.21 -11.79
C THR E 136 23.97 39.94 -12.39
N ARG E 137 23.98 41.26 -12.22
CA ARG E 137 25.06 42.08 -12.74
C ARG E 137 26.39 41.73 -12.09
N LEU E 138 26.40 41.62 -10.76
CA LEU E 138 27.61 41.31 -10.03
C LEU E 138 28.28 40.02 -10.50
N MET E 139 27.49 38.97 -10.67
CA MET E 139 28.04 37.69 -11.12
C MET E 139 28.62 37.82 -12.53
N GLU E 140 27.87 38.44 -13.43
CA GLU E 140 28.33 38.62 -14.81
C GLU E 140 29.74 39.19 -14.82
N LEU E 141 29.94 40.29 -14.09
CA LEU E 141 31.25 40.93 -14.04
C LEU E 141 32.31 40.06 -13.36
N ARG E 142 31.95 39.43 -12.25
CA ARG E 142 32.88 38.59 -11.49
C ARG E 142 33.32 37.30 -12.16
N ASN E 143 32.39 36.65 -12.84
CA ASN E 143 32.69 35.38 -13.46
C ASN E 143 33.23 35.45 -14.87
N LEU E 144 33.70 36.64 -15.27
CA LEU E 144 34.26 36.80 -16.61
C LEU E 144 35.79 36.69 -16.49
N ASN E 145 36.34 35.63 -17.06
CA ASN E 145 37.79 35.39 -17.00
C ASN E 145 38.20 35.26 -15.53
N TYR E 146 37.38 34.49 -14.81
CA TYR E 146 37.53 34.21 -13.39
C TYR E 146 38.90 33.65 -13.01
N TYR E 147 39.54 32.95 -13.93
CA TYR E 147 40.84 32.34 -13.64
C TYR E 147 42.07 33.01 -14.25
N ASP E 148 41.87 33.98 -15.13
CA ASP E 148 43.00 34.65 -15.77
C ASP E 148 43.97 35.29 -14.77
N THR E 149 43.45 36.09 -13.85
CA THR E 149 44.30 36.73 -12.85
C THR E 149 44.89 35.67 -11.93
N PRO E 150 46.22 35.59 -11.83
CA PRO E 150 46.86 34.60 -10.95
C PRO E 150 46.75 34.97 -9.47
N LEU E 151 46.73 33.97 -8.61
CA LEU E 151 46.60 34.18 -7.17
C LEU E 151 47.49 35.28 -6.60
N GLU E 152 48.74 35.30 -7.04
CA GLU E 152 49.71 36.29 -6.56
C GLU E 152 49.17 37.70 -6.73
N GLU E 153 48.61 37.99 -7.90
CA GLU E 153 48.08 39.32 -8.15
C GLU E 153 46.69 39.52 -7.54
N LEU E 154 45.84 38.49 -7.64
CA LEU E 154 44.49 38.59 -7.09
C LEU E 154 44.55 38.96 -5.60
N ARG E 155 45.51 38.40 -4.88
CA ARG E 155 45.67 38.70 -3.46
C ARG E 155 45.86 40.19 -3.28
N LYS E 156 46.67 40.78 -4.17
CA LYS E 156 46.96 42.20 -4.14
C LYS E 156 45.74 43.03 -4.54
N GLN E 157 44.99 42.56 -5.53
CA GLN E 157 43.81 43.28 -5.97
C GLN E 157 42.79 43.33 -4.84
N ARG E 158 42.64 42.21 -4.14
CA ARG E 158 41.71 42.14 -3.01
C ARG E 158 42.27 43.04 -1.92
N GLY E 159 43.59 43.15 -1.87
CA GLY E 159 44.24 43.99 -0.88
C GLY E 159 44.39 43.29 0.44
N VAL E 160 44.60 41.98 0.39
CA VAL E 160 44.77 41.19 1.59
C VAL E 160 46.22 41.26 2.06
N ARG E 161 46.45 40.97 3.34
CA ARG E 161 47.81 40.96 3.86
C ARG E 161 48.19 39.49 3.99
N VAL E 162 49.06 39.02 3.10
CA VAL E 162 49.48 37.63 3.15
C VAL E 162 50.25 37.38 4.44
N VAL E 163 49.75 36.49 5.27
CA VAL E 163 50.41 36.22 6.54
C VAL E 163 51.36 35.03 6.44
N HIS E 164 50.93 33.98 5.76
CA HIS E 164 51.76 32.79 5.61
C HIS E 164 51.41 31.95 4.39
N LEU E 165 52.42 31.34 3.79
CA LEU E 165 52.23 30.50 2.60
C LEU E 165 53.07 29.23 2.68
N GLN E 166 52.49 28.13 2.20
CA GLN E 166 53.15 26.84 2.17
C GLN E 166 52.85 26.10 0.88
N SER E 167 53.90 25.52 0.29
CA SER E 167 53.81 24.76 -0.96
C SER E 167 54.32 23.34 -0.73
N LEU F 3 -6.20 -45.91 -21.38
CA LEU F 3 -7.12 -46.76 -20.58
C LEU F 3 -6.91 -46.48 -19.10
N GLY F 4 -6.77 -45.18 -18.85
CA GLY F 4 -6.54 -44.65 -17.52
C GLY F 4 -7.72 -44.12 -16.74
N ILE F 5 -7.43 -43.12 -15.92
CA ILE F 5 -8.39 -42.49 -15.03
C ILE F 5 -9.44 -41.59 -15.69
N HIS F 6 -8.99 -40.67 -16.54
CA HIS F 6 -9.91 -39.74 -17.19
C HIS F 6 -10.33 -40.15 -18.60
N SER F 7 -9.57 -41.07 -19.21
CA SER F 7 -9.87 -41.51 -20.56
C SER F 7 -9.65 -43.02 -20.68
N ASN F 8 -10.73 -43.77 -20.88
CA ASN F 8 -10.66 -45.22 -21.00
C ASN F 8 -11.75 -45.81 -21.89
N ASP F 9 -11.60 -47.09 -22.25
CA ASP F 9 -12.57 -47.76 -23.10
C ASP F 9 -14.01 -47.71 -22.60
N THR F 10 -14.20 -47.90 -21.29
CA THR F 10 -15.54 -47.87 -20.74
C THR F 10 -16.21 -46.54 -21.04
N ARG F 11 -15.50 -45.44 -20.77
CA ARG F 11 -16.06 -44.12 -21.00
C ARG F 11 -16.34 -43.89 -22.48
N ASP F 12 -15.40 -44.30 -23.33
CA ASP F 12 -15.59 -44.15 -24.77
C ASP F 12 -16.85 -44.88 -25.18
N ALA F 13 -17.02 -46.09 -24.66
CA ALA F 13 -18.18 -46.91 -24.96
C ALA F 13 -19.47 -46.18 -24.65
N TRP F 14 -19.61 -45.67 -23.43
CA TRP F 14 -20.82 -44.96 -23.06
C TRP F 14 -21.03 -43.70 -23.87
N VAL F 15 -19.94 -43.07 -24.28
CA VAL F 15 -20.06 -41.85 -25.07
C VAL F 15 -20.78 -42.21 -26.37
N ASN F 16 -20.29 -43.24 -27.06
CA ASN F 16 -20.92 -43.66 -28.32
C ASN F 16 -22.36 -44.07 -28.05
N LYS F 17 -22.56 -44.81 -26.97
CA LYS F 17 -23.88 -45.26 -26.61
C LYS F 17 -24.82 -44.07 -26.46
N ILE F 18 -24.38 -43.07 -25.72
CA ILE F 18 -25.16 -41.86 -25.47
C ILE F 18 -25.46 -41.07 -26.75
N ALA F 19 -24.53 -41.11 -27.70
CA ALA F 19 -24.68 -40.39 -28.96
C ALA F 19 -25.88 -40.88 -29.79
N GLN F 20 -26.35 -42.09 -29.50
CA GLN F 20 -27.46 -42.64 -30.23
C GLN F 20 -28.79 -42.52 -29.49
N LEU F 21 -28.95 -41.43 -28.74
CA LEU F 21 -30.18 -41.19 -28.00
C LEU F 21 -30.84 -39.97 -28.61
N ASN F 22 -31.61 -40.20 -29.66
CA ASN F 22 -32.27 -39.13 -30.40
C ASN F 22 -33.60 -38.63 -29.86
N THR F 23 -34.12 -39.29 -28.83
CA THR F 23 -35.40 -38.84 -28.27
C THR F 23 -35.33 -38.63 -26.77
N LEU F 24 -36.10 -37.67 -26.27
CA LEU F 24 -36.11 -37.36 -24.86
C LEU F 24 -36.57 -38.53 -23.99
N GLU F 25 -37.67 -39.16 -24.36
CA GLU F 25 -38.17 -40.28 -23.57
C GLU F 25 -37.12 -41.36 -23.40
N LYS F 26 -36.46 -41.74 -24.50
CA LYS F 26 -35.44 -42.77 -24.44
C LYS F 26 -34.32 -42.33 -23.51
N ALA F 27 -33.71 -41.20 -23.82
CA ALA F 27 -32.60 -40.67 -23.02
C ALA F 27 -32.96 -40.50 -21.55
N ALA F 28 -34.11 -39.90 -21.26
CA ALA F 28 -34.51 -39.70 -19.88
C ALA F 28 -34.63 -41.02 -19.14
N GLU F 29 -35.29 -41.98 -19.78
CA GLU F 29 -35.48 -43.30 -19.19
C GLU F 29 -34.14 -44.00 -18.95
N MET F 30 -33.20 -43.80 -19.87
CA MET F 30 -31.89 -44.44 -19.74
C MET F 30 -31.14 -43.81 -18.55
N LEU F 31 -31.35 -42.52 -18.34
CA LEU F 31 -30.69 -41.81 -17.25
C LEU F 31 -31.16 -42.36 -15.92
N LYS F 32 -32.48 -42.45 -15.76
CA LYS F 32 -33.07 -42.97 -14.53
C LYS F 32 -32.62 -44.40 -14.30
N GLN F 33 -32.56 -45.19 -15.37
CA GLN F 33 -32.14 -46.58 -15.28
C GLN F 33 -30.67 -46.63 -14.86
N PHE F 34 -29.89 -45.68 -15.38
CA PHE F 34 -28.48 -45.61 -15.05
C PHE F 34 -28.29 -45.30 -13.57
N ARG F 35 -29.12 -44.41 -13.05
CA ARG F 35 -29.03 -44.04 -11.65
C ARG F 35 -29.41 -45.19 -10.72
N MET F 36 -30.36 -46.00 -11.16
CA MET F 36 -30.79 -47.15 -10.36
C MET F 36 -29.72 -48.23 -10.35
N ASP F 37 -29.03 -48.35 -11.49
CA ASP F 37 -27.99 -49.34 -11.68
C ASP F 37 -26.61 -49.01 -11.09
N HIS F 38 -26.21 -47.75 -11.13
CA HIS F 38 -24.88 -47.38 -10.68
C HIS F 38 -24.67 -46.30 -9.61
N THR F 39 -25.73 -45.72 -9.07
CA THR F 39 -25.50 -44.70 -8.05
C THR F 39 -26.07 -45.06 -6.68
N THR F 40 -25.53 -44.41 -5.65
CA THR F 40 -25.95 -44.61 -4.26
C THR F 40 -25.55 -45.97 -3.71
N PRO F 41 -25.55 -46.12 -2.39
CA PRO F 41 -25.18 -47.41 -1.79
C PRO F 41 -26.16 -48.53 -2.20
N PHE F 42 -27.30 -48.15 -2.76
CA PHE F 42 -28.28 -49.14 -3.18
C PHE F 42 -28.19 -49.49 -4.67
N ARG F 43 -27.13 -49.03 -5.35
CA ARG F 43 -26.98 -49.33 -6.77
C ARG F 43 -27.10 -50.84 -7.00
N ASN F 44 -27.65 -51.21 -8.14
CA ASN F 44 -27.81 -52.63 -8.45
C ASN F 44 -26.48 -53.32 -8.69
N SER F 45 -25.44 -52.53 -8.91
CA SER F 45 -24.10 -53.07 -9.16
C SER F 45 -23.00 -52.03 -8.93
N TYR F 46 -21.80 -52.50 -8.64
CA TYR F 46 -20.68 -51.61 -8.42
C TYR F 46 -19.69 -51.72 -9.58
N GLU F 47 -20.11 -52.33 -10.68
CA GLU F 47 -19.20 -52.52 -11.82
C GLU F 47 -18.63 -51.25 -12.46
N LEU F 48 -19.36 -50.14 -12.38
CA LEU F 48 -18.88 -48.89 -12.97
C LEU F 48 -18.44 -47.86 -11.93
N ASP F 49 -18.12 -48.33 -10.73
CA ASP F 49 -17.70 -47.44 -9.63
C ASP F 49 -16.71 -46.35 -10.04
N ASN F 50 -15.71 -46.68 -10.83
CA ASN F 50 -14.71 -45.70 -11.25
C ASN F 50 -15.10 -44.77 -12.41
N ASP F 51 -16.25 -45.00 -13.04
CA ASP F 51 -16.63 -44.14 -14.17
C ASP F 51 -18.05 -43.65 -14.17
N TYR F 52 -18.89 -44.20 -13.30
CA TYR F 52 -20.29 -43.80 -13.29
C TYR F 52 -20.56 -42.32 -13.08
N LEU F 53 -19.83 -41.70 -12.14
CA LEU F 53 -20.02 -40.27 -11.89
C LEU F 53 -19.86 -39.45 -13.17
N TRP F 54 -18.79 -39.73 -13.91
CA TRP F 54 -18.52 -39.03 -15.15
C TRP F 54 -19.54 -39.39 -16.21
N ILE F 55 -19.82 -40.68 -16.35
CA ILE F 55 -20.78 -41.15 -17.33
C ILE F 55 -22.14 -40.53 -17.11
N GLU F 56 -22.63 -40.58 -15.88
CA GLU F 56 -23.91 -40.01 -15.54
C GLU F 56 -24.01 -38.56 -16.02
N ALA F 57 -23.00 -37.77 -15.71
CA ALA F 57 -22.96 -36.36 -16.12
C ALA F 57 -23.14 -36.22 -17.62
N LYS F 58 -22.44 -37.06 -18.39
CA LYS F 58 -22.52 -37.03 -19.85
C LYS F 58 -23.92 -37.39 -20.31
N LEU F 59 -24.57 -38.27 -19.55
CA LEU F 59 -25.92 -38.70 -19.87
C LEU F 59 -26.89 -37.56 -19.56
N GLU F 60 -26.64 -36.87 -18.44
CA GLU F 60 -27.50 -35.75 -18.04
C GLU F 60 -27.46 -34.70 -19.13
N GLU F 61 -26.26 -34.51 -19.69
CA GLU F 61 -26.05 -33.54 -20.75
C GLU F 61 -27.03 -33.76 -21.89
N LYS F 62 -27.11 -34.99 -22.37
CA LYS F 62 -28.02 -35.30 -23.47
C LYS F 62 -29.46 -35.01 -23.08
N VAL F 63 -29.88 -35.48 -21.91
CA VAL F 63 -31.24 -35.26 -21.45
C VAL F 63 -31.59 -33.78 -21.37
N ALA F 64 -30.68 -32.97 -20.83
CA ALA F 64 -30.95 -31.54 -20.70
C ALA F 64 -31.16 -30.91 -22.07
N VAL F 65 -30.26 -31.18 -23.01
CA VAL F 65 -30.35 -30.65 -24.37
C VAL F 65 -31.66 -31.05 -25.05
N LEU F 66 -32.02 -32.33 -24.95
CA LEU F 66 -33.24 -32.81 -25.57
C LEU F 66 -34.46 -32.17 -24.91
N LYS F 67 -34.46 -32.11 -23.57
CA LYS F 67 -35.59 -31.53 -22.86
C LYS F 67 -35.82 -30.07 -23.22
N ALA F 68 -34.74 -29.34 -23.47
CA ALA F 68 -34.84 -27.92 -23.81
C ALA F 68 -35.46 -27.73 -25.20
N ARG F 69 -35.17 -28.65 -26.12
CA ARG F 69 -35.71 -28.55 -27.46
C ARG F 69 -37.14 -29.08 -27.55
N ALA F 70 -37.48 -30.01 -26.67
CA ALA F 70 -38.81 -30.60 -26.68
C ALA F 70 -39.86 -29.81 -25.89
N PHE F 71 -39.47 -29.34 -24.71
CA PHE F 71 -40.38 -28.60 -23.83
C PHE F 71 -40.59 -27.13 -24.17
N ASN F 72 -41.78 -26.63 -23.83
CA ASN F 72 -42.07 -25.22 -24.03
C ASN F 72 -41.59 -24.58 -22.74
N GLU F 73 -41.41 -23.27 -22.73
CA GLU F 73 -40.90 -22.57 -21.55
C GLU F 73 -41.55 -22.96 -20.22
N VAL F 74 -42.87 -22.83 -20.10
CA VAL F 74 -43.55 -23.18 -18.86
C VAL F 74 -43.25 -24.62 -18.40
N ASP F 75 -43.29 -25.57 -19.33
CA ASP F 75 -43.01 -26.95 -19.01
C ASP F 75 -41.57 -27.19 -18.55
N PHE F 76 -40.62 -26.51 -19.21
CA PHE F 76 -39.22 -26.64 -18.84
C PHE F 76 -39.00 -26.17 -17.42
N ARG F 77 -39.83 -25.24 -16.98
CA ARG F 77 -39.72 -24.69 -15.64
C ARG F 77 -40.48 -25.52 -14.61
N HIS F 78 -41.63 -26.08 -15.00
CA HIS F 78 -42.46 -26.80 -14.05
C HIS F 78 -42.73 -28.30 -14.26
N LYS F 79 -42.29 -28.85 -15.38
CA LYS F 79 -42.51 -30.28 -15.63
C LYS F 79 -41.22 -31.08 -15.60
N THR F 80 -41.31 -32.33 -15.16
CA THR F 80 -40.14 -33.19 -15.12
C THR F 80 -39.91 -33.68 -16.53
N ALA F 81 -38.78 -34.36 -16.74
CA ALA F 81 -38.44 -34.89 -18.05
C ALA F 81 -39.47 -35.95 -18.46
N PHE F 82 -40.19 -36.48 -17.48
CA PHE F 82 -41.19 -37.51 -17.74
C PHE F 82 -42.60 -36.93 -17.87
N GLY F 83 -42.69 -35.61 -17.98
CA GLY F 83 -43.99 -34.97 -18.12
C GLY F 83 -44.76 -34.81 -16.82
N GLU F 84 -44.17 -35.24 -15.71
CA GLU F 84 -44.83 -35.11 -14.41
C GLU F 84 -44.79 -33.68 -13.93
N ASP F 85 -45.79 -33.29 -13.14
CA ASP F 85 -45.82 -31.94 -12.58
C ASP F 85 -44.81 -31.93 -11.44
N ALA F 86 -43.76 -31.15 -11.58
CA ALA F 86 -42.71 -31.07 -10.57
C ALA F 86 -43.21 -30.76 -9.16
N LYS F 87 -44.04 -29.74 -9.02
CA LYS F 87 -44.52 -29.36 -7.69
C LYS F 87 -45.25 -30.51 -7.03
N SER F 88 -45.99 -31.29 -7.82
CA SER F 88 -46.73 -32.41 -7.27
C SER F 88 -45.75 -33.40 -6.66
N VAL F 89 -44.83 -33.88 -7.48
CA VAL F 89 -43.81 -34.82 -7.04
C VAL F 89 -43.14 -34.34 -5.77
N LEU F 90 -42.72 -33.08 -5.75
CA LEU F 90 -42.06 -32.51 -4.60
C LEU F 90 -42.94 -32.59 -3.35
N ASP F 91 -44.14 -32.04 -3.43
CA ASP F 91 -45.07 -32.04 -2.30
C ASP F 91 -45.43 -33.46 -1.89
N GLY F 92 -45.55 -34.34 -2.89
CA GLY F 92 -45.88 -35.73 -2.61
C GLY F 92 -44.78 -36.39 -1.82
N THR F 93 -43.55 -36.29 -2.31
CA THR F 93 -42.41 -36.89 -1.66
C THR F 93 -42.19 -36.30 -0.26
N VAL F 94 -42.37 -34.99 -0.12
CA VAL F 94 -42.20 -34.36 1.19
C VAL F 94 -43.23 -34.92 2.15
N ALA F 95 -44.43 -35.17 1.63
CA ALA F 95 -45.52 -35.71 2.44
C ALA F 95 -45.12 -37.06 3.00
N LYS F 96 -44.66 -37.94 2.13
CA LYS F 96 -44.23 -39.27 2.54
C LYS F 96 -43.10 -39.18 3.56
N MET F 97 -42.19 -38.25 3.35
CA MET F 97 -41.06 -38.06 4.25
C MET F 97 -41.54 -37.71 5.65
N ASN F 98 -42.49 -36.79 5.75
CA ASN F 98 -43.00 -36.39 7.06
C ASN F 98 -43.79 -37.53 7.70
N ALA F 99 -44.33 -38.40 6.87
CA ALA F 99 -45.10 -39.55 7.34
C ALA F 99 -44.19 -40.74 7.60
N ALA F 100 -42.88 -40.51 7.45
CA ALA F 100 -41.89 -41.56 7.68
C ALA F 100 -41.95 -41.99 9.14
N LYS F 101 -42.05 -43.29 9.35
CA LYS F 101 -42.12 -43.87 10.69
C LYS F 101 -40.77 -43.78 11.40
N ASP F 102 -39.71 -44.13 10.67
CA ASP F 102 -38.36 -44.11 11.24
C ASP F 102 -37.30 -43.59 10.27
N LYS F 103 -36.06 -43.56 10.74
CA LYS F 103 -34.93 -43.10 9.94
C LYS F 103 -34.59 -44.04 8.79
N TRP F 104 -35.03 -45.29 8.87
CA TRP F 104 -34.75 -46.25 7.81
C TRP F 104 -35.64 -46.04 6.59
N GLU F 105 -36.92 -45.78 6.83
CA GLU F 105 -37.87 -45.53 5.75
C GLU F 105 -37.50 -44.19 5.12
N ALA F 106 -37.07 -43.26 5.97
CA ALA F 106 -36.71 -41.91 5.54
C ALA F 106 -35.55 -41.90 4.55
N GLU F 107 -34.47 -42.61 4.88
CA GLU F 107 -33.32 -42.63 4.01
C GLU F 107 -33.68 -43.26 2.66
N LYS F 108 -34.63 -44.18 2.67
CA LYS F 108 -35.06 -44.82 1.42
C LYS F 108 -35.82 -43.81 0.56
N ILE F 109 -36.62 -42.96 1.21
CA ILE F 109 -37.39 -41.93 0.51
C ILE F 109 -36.44 -40.92 -0.14
N HIS F 110 -35.54 -40.36 0.67
CA HIS F 110 -34.59 -39.36 0.18
C HIS F 110 -33.71 -39.92 -0.95
N ILE F 111 -33.05 -41.05 -0.71
CA ILE F 111 -32.18 -41.63 -1.71
C ILE F 111 -32.89 -41.91 -3.03
N GLY F 112 -34.05 -42.55 -2.97
CA GLY F 112 -34.80 -42.84 -4.18
C GLY F 112 -35.19 -41.57 -4.90
N PHE F 113 -35.53 -40.54 -4.13
CA PHE F 113 -35.92 -39.26 -4.71
C PHE F 113 -34.80 -38.75 -5.60
N ARG F 114 -33.57 -38.87 -5.09
CA ARG F 114 -32.41 -38.40 -5.83
C ARG F 114 -32.21 -39.25 -7.08
N GLN F 115 -32.36 -40.56 -6.93
CA GLN F 115 -32.17 -41.47 -8.05
C GLN F 115 -33.15 -41.27 -9.20
N ALA F 116 -34.38 -40.90 -8.86
CA ALA F 116 -35.40 -40.73 -9.87
C ALA F 116 -35.57 -39.32 -10.44
N TYR F 117 -35.36 -38.29 -9.61
CA TYR F 117 -35.59 -36.93 -10.11
C TYR F 117 -34.41 -35.97 -10.24
N LYS F 118 -33.21 -36.42 -9.92
CA LYS F 118 -32.03 -35.57 -10.03
C LYS F 118 -32.02 -34.89 -11.41
N PRO F 119 -31.86 -33.55 -11.45
CA PRO F 119 -31.82 -32.86 -12.74
C PRO F 119 -30.86 -33.59 -13.66
N PRO F 120 -31.07 -33.52 -14.99
CA PRO F 120 -32.12 -32.80 -15.72
C PRO F 120 -33.52 -33.42 -15.78
N ILE F 121 -33.85 -34.30 -14.84
CA ILE F 121 -35.19 -34.88 -14.85
C ILE F 121 -36.08 -33.80 -14.28
N MET F 122 -36.01 -33.60 -12.97
CA MET F 122 -36.81 -32.56 -12.34
C MET F 122 -36.07 -31.23 -12.46
N PRO F 123 -36.81 -30.11 -12.55
CA PRO F 123 -36.15 -28.81 -12.66
C PRO F 123 -35.33 -28.57 -11.38
N VAL F 124 -34.16 -27.97 -11.53
CA VAL F 124 -33.30 -27.72 -10.38
C VAL F 124 -33.98 -27.01 -9.23
N ASN F 125 -34.77 -25.97 -9.52
CA ASN F 125 -35.44 -25.24 -8.46
C ASN F 125 -36.27 -26.12 -7.55
N TYR F 126 -37.06 -27.02 -8.14
CA TYR F 126 -37.89 -27.90 -7.31
C TYR F 126 -37.00 -28.92 -6.61
N PHE F 127 -36.06 -29.48 -7.36
CA PHE F 127 -35.17 -30.48 -6.81
C PHE F 127 -34.43 -30.01 -5.56
N LEU F 128 -33.80 -28.84 -5.62
CA LEU F 128 -33.05 -28.34 -4.46
C LEU F 128 -34.00 -27.91 -3.36
N ASP F 129 -35.23 -27.56 -3.75
CA ASP F 129 -36.21 -27.18 -2.73
C ASP F 129 -36.46 -28.48 -1.98
N GLY F 130 -36.52 -29.57 -2.75
CA GLY F 130 -36.74 -30.88 -2.17
C GLY F 130 -35.58 -31.30 -1.28
N GLU F 131 -34.36 -31.11 -1.78
CA GLU F 131 -33.16 -31.46 -1.01
C GLU F 131 -33.23 -30.81 0.36
N ARG F 132 -33.71 -29.57 0.37
CA ARG F 132 -33.83 -28.78 1.57
C ARG F 132 -34.77 -29.38 2.63
N GLN F 133 -35.93 -29.83 2.19
CA GLN F 133 -36.92 -30.39 3.10
C GLN F 133 -36.65 -31.84 3.46
N LEU F 134 -36.36 -32.66 2.45
CA LEU F 134 -36.09 -34.06 2.70
C LEU F 134 -34.86 -34.20 3.61
N GLY F 135 -33.82 -33.44 3.31
CA GLY F 135 -32.62 -33.50 4.12
C GLY F 135 -32.84 -33.16 5.59
N THR F 136 -33.63 -32.13 5.86
CA THR F 136 -33.91 -31.72 7.23
C THR F 136 -34.57 -32.84 8.05
N ARG F 137 -35.59 -33.45 7.46
CA ARG F 137 -36.30 -34.54 8.12
C ARG F 137 -35.37 -35.72 8.37
N LEU F 138 -34.65 -36.14 7.33
CA LEU F 138 -33.75 -37.28 7.45
C LEU F 138 -32.74 -37.14 8.59
N MET F 139 -32.12 -35.98 8.71
CA MET F 139 -31.14 -35.77 9.77
C MET F 139 -31.80 -35.84 11.14
N GLU F 140 -32.94 -35.16 11.29
CA GLU F 140 -33.66 -35.16 12.56
C GLU F 140 -33.85 -36.58 13.07
N LEU F 141 -34.35 -37.46 12.21
CA LEU F 141 -34.58 -38.85 12.59
C LEU F 141 -33.29 -39.61 12.85
N ARG F 142 -32.29 -39.43 11.98
CA ARG F 142 -31.00 -40.11 12.12
C ARG F 142 -30.16 -39.71 13.31
N ASN F 143 -30.13 -38.42 13.62
CA ASN F 143 -29.31 -37.94 14.71
C ASN F 143 -29.96 -37.96 16.08
N LEU F 144 -31.04 -38.72 16.21
CA LEU F 144 -31.70 -38.82 17.50
C LEU F 144 -31.20 -40.09 18.18
N ASN F 145 -30.49 -39.93 19.29
CA ASN F 145 -29.93 -41.07 20.02
C ASN F 145 -29.01 -41.85 19.08
N TYR F 146 -28.19 -41.07 18.38
CA TYR F 146 -27.21 -41.56 17.40
C TYR F 146 -26.25 -42.61 17.94
N TYR F 147 -25.97 -42.55 19.24
CA TYR F 147 -25.03 -43.48 19.84
C TYR F 147 -25.61 -44.60 20.70
N ASP F 148 -26.91 -44.56 20.99
CA ASP F 148 -27.54 -45.58 21.82
C ASP F 148 -27.37 -47.00 21.27
N THR F 149 -27.71 -47.20 20.00
CA THR F 149 -27.58 -48.51 19.39
C THR F 149 -26.09 -48.88 19.28
N PRO F 150 -25.67 -50.00 19.90
CA PRO F 150 -24.26 -50.42 19.85
C PRO F 150 -23.88 -50.98 18.47
N LEU F 151 -22.61 -50.84 18.11
CA LEU F 151 -22.12 -51.30 16.81
C LEU F 151 -22.57 -52.70 16.42
N GLU F 152 -22.51 -53.63 17.36
CA GLU F 152 -22.89 -55.01 17.12
C GLU F 152 -24.29 -55.10 16.50
N GLU F 153 -25.24 -54.36 17.06
CA GLU F 153 -26.59 -54.37 16.55
C GLU F 153 -26.76 -53.49 15.32
N LEU F 154 -26.15 -52.30 15.34
CA LEU F 154 -26.26 -51.38 14.22
C LEU F 154 -25.84 -52.07 12.92
N ARG F 155 -24.79 -52.91 13.00
CA ARG F 155 -24.30 -53.63 11.83
C ARG F 155 -25.43 -54.49 11.28
N LYS F 156 -26.17 -55.11 12.19
CA LYS F 156 -27.30 -55.96 11.81
C LYS F 156 -28.47 -55.14 11.26
N GLN F 157 -28.74 -53.99 11.86
CA GLN F 157 -29.82 -53.14 11.38
C GLN F 157 -29.51 -52.68 9.96
N ARG F 158 -28.27 -52.31 9.70
CA ARG F 158 -27.85 -51.87 8.37
C ARG F 158 -27.95 -53.09 7.45
N GLY F 159 -27.72 -54.26 8.02
CA GLY F 159 -27.81 -55.48 7.24
C GLY F 159 -26.53 -55.76 6.49
N VAL F 160 -25.42 -55.38 7.09
CA VAL F 160 -24.12 -55.59 6.47
C VAL F 160 -23.62 -56.99 6.77
N ARG F 161 -22.70 -57.49 5.95
CA ARG F 161 -22.12 -58.80 6.19
C ARG F 161 -20.73 -58.56 6.79
N VAL F 162 -20.59 -58.79 8.08
CA VAL F 162 -19.30 -58.59 8.73
C VAL F 162 -18.30 -59.58 8.15
N VAL F 163 -17.23 -59.05 7.55
CA VAL F 163 -16.22 -59.90 6.94
C VAL F 163 -15.06 -60.18 7.88
N HIS F 164 -14.63 -59.15 8.60
CA HIS F 164 -13.52 -59.32 9.52
C HIS F 164 -13.49 -58.27 10.62
N LEU F 165 -13.06 -58.67 11.82
CA LEU F 165 -12.96 -57.78 12.96
C LEU F 165 -11.67 -57.97 13.74
N GLN F 166 -11.13 -56.87 14.24
CA GLN F 166 -9.89 -56.86 15.03
C GLN F 166 -9.98 -55.81 16.12
N SER F 167 -9.57 -56.13 17.34
CA SER F 167 -9.63 -55.12 18.39
C SER F 167 -8.86 -55.60 19.61
N PRO F 168 -7.65 -55.08 19.81
CA PRO F 168 -6.82 -55.47 20.95
C PRO F 168 -7.24 -54.81 22.26
MN MN G . 17.20 13.35 -3.69
MN MN H . 17.65 14.88 -6.75
CA CA I . 48.56 40.94 14.11
MN MN J . -9.39 -18.78 6.87
MN MN K . -11.73 -18.69 9.00
CA CA L . -35.83 34.96 -8.44
CA CA M . -22.32 47.13 6.06
CA CA N . -13.64 44.65 -18.94
#